data_4AD2
#
_entry.id   4AD2
#
_cell.length_a   223.296
_cell.length_b   223.296
_cell.length_c   84.765
_cell.angle_alpha   90.00
_cell.angle_beta   90.00
_cell.angle_gamma   120.00
#
_symmetry.space_group_name_H-M   'P 31 2 1'
#
loop_
_entity.id
_entity.type
_entity.pdbx_description
1 polymer 'GLYCOSYL HYDROLASE FAMILY 71'
2 non-polymer alpha-D-glucopyranose
3 non-polymer 5-HYDROXYMETHYL-3,4-DIHYDROXYPIPERIDINE
4 water water
#
_entity_poly.entity_id   1
_entity_poly.type   'polypeptide(L)'
_entity_poly.pdbx_seq_one_letter_code
;MMIFFLSLSLESCSKEDDNNPSNSENNGGNNNLGTELDYDTFCFYYDWYGSEAIDGQYRHWAHAIAPDPNGGSGQNPGTI
PGTQESIASNFYPQLGRYSSSDPNILTKHMDMFVMARTGVLALTWWNEQDETEAKRIGLILDAADKKKIKVCFHLEPYPS
RNVQNLRENIVKLITRYGNHPAFYRKDGKPLFFIYDSYLIEPSEWEKLLSPGGSITIRNTAYDALMIGLWTSSPTVQRPF
ILNAHFDGFYTYFAATGFTYGSTPTNWVSMQKWAKENGKIFIPSVGPGYIDTRIRPWNGSVIRTRTDGQYYDAMYRKAIE
AGVSAISITSFNEWHEGSQIEPAVPYTSSEFTYLDYENREPDYYLTRTAYWVGKFRESKQ
;
_entity_poly.pdbx_strand_id   A,B,C,D
#
loop_
_chem_comp.id
_chem_comp.type
_chem_comp.name
_chem_comp.formula
GLC D-saccharide, alpha linking alpha-D-glucopyranose 'C6 H12 O6'
IFM non-polymer 5-HYDROXYMETHYL-3,4-DIHYDROXYPIPERIDINE 'C6 H13 N O3'
#
# COMPACT_ATOMS: atom_id res chain seq x y z
N THR A 35 11.39 -64.28 19.24
CA THR A 35 10.14 -64.34 20.09
C THR A 35 9.90 -63.06 20.90
N GLU A 36 10.97 -62.34 21.20
CA GLU A 36 10.86 -61.10 21.97
CA GLU A 36 10.84 -61.13 21.98
C GLU A 36 9.91 -60.12 21.25
N LEU A 37 9.01 -59.53 22.02
CA LEU A 37 8.19 -58.42 21.54
C LEU A 37 9.05 -57.17 21.44
N ASP A 38 8.82 -56.34 20.43
CA ASP A 38 9.48 -55.05 20.39
C ASP A 38 8.64 -53.93 20.99
N TYR A 39 9.18 -53.30 22.04
CA TYR A 39 8.50 -52.24 22.79
C TYR A 39 8.71 -50.83 22.22
N ASP A 40 9.33 -50.75 21.04
CA ASP A 40 9.40 -49.47 20.32
C ASP A 40 8.68 -49.59 18.98
N THR A 41 7.79 -50.58 18.89
CA THR A 41 6.99 -50.79 17.71
C THR A 41 5.52 -50.67 18.15
N PHE A 42 4.83 -49.67 17.58
CA PHE A 42 3.48 -49.28 18.02
C PHE A 42 2.49 -49.60 16.91
N CYS A 43 1.49 -50.40 17.20
CA CYS A 43 0.53 -50.80 16.18
C CYS A 43 -0.84 -50.19 16.45
N PHE A 44 -1.36 -49.41 15.49
CA PHE A 44 -2.61 -48.70 15.72
C PHE A 44 -3.81 -49.63 15.76
N TYR A 45 -4.51 -49.60 16.89
CA TYR A 45 -5.55 -50.55 17.19
C TYR A 45 -6.90 -49.84 17.42
N TYR A 46 -7.95 -50.44 16.87
CA TYR A 46 -9.26 -49.86 16.90
C TYR A 46 -10.23 -50.77 17.66
N ASP A 47 -10.89 -50.18 18.67
CA ASP A 47 -11.76 -50.95 19.60
C ASP A 47 -13.24 -50.62 19.39
N TRP A 48 -13.58 -50.16 18.19
CA TRP A 48 -14.90 -49.58 17.93
C TRP A 48 -15.88 -50.53 17.21
N TYR A 49 -15.50 -51.80 17.04
CA TYR A 49 -16.35 -52.77 16.36
C TYR A 49 -17.38 -53.40 17.33
N GLY A 50 -18.60 -53.60 16.85
CA GLY A 50 -19.64 -54.27 17.65
C GLY A 50 -20.26 -55.44 16.92
N SER A 51 -20.90 -56.32 17.68
CA SER A 51 -21.74 -57.37 17.14
C SER A 51 -23.13 -57.30 17.77
N GLU A 52 -24.12 -57.80 17.04
CA GLU A 52 -25.48 -57.90 17.55
C GLU A 52 -25.47 -58.63 18.90
N ALA A 53 -24.79 -59.77 18.95
CA ALA A 53 -24.80 -60.62 20.16
C ALA A 53 -24.30 -59.92 21.42
N ILE A 54 -23.27 -59.08 21.29
CA ILE A 54 -22.65 -58.47 22.47
C ILE A 54 -23.03 -57.01 22.64
N ASP A 55 -23.10 -56.28 21.56
CA ASP A 55 -23.32 -54.85 21.62
C ASP A 55 -24.75 -54.46 21.23
N GLY A 56 -25.52 -55.41 20.69
CA GLY A 56 -26.87 -55.07 20.19
C GLY A 56 -26.90 -54.49 18.77
N GLN A 57 -25.72 -54.30 18.16
CA GLN A 57 -25.64 -53.86 16.76
C GLN A 57 -24.23 -54.07 16.22
N TYR A 58 -24.13 -54.16 14.90
CA TYR A 58 -22.85 -54.37 14.23
C TYR A 58 -22.13 -53.03 14.05
N ARG A 59 -21.78 -52.40 15.18
CA ARG A 59 -21.10 -51.11 15.18
CA ARG A 59 -21.13 -51.10 15.16
C ARG A 59 -19.87 -51.14 14.30
N HIS A 60 -19.71 -50.08 13.52
CA HIS A 60 -18.58 -49.87 12.59
C HIS A 60 -18.52 -50.80 11.38
N TRP A 61 -18.89 -52.07 11.53
CA TRP A 61 -19.15 -52.92 10.33
C TRP A 61 -20.30 -52.29 9.51
N ALA A 62 -21.28 -51.71 10.20
CA ALA A 62 -22.22 -50.74 9.58
C ALA A 62 -21.59 -49.35 9.72
N HIS A 63 -21.64 -48.54 8.67
CA HIS A 63 -20.95 -47.26 8.70
C HIS A 63 -21.58 -46.35 7.67
N ALA A 64 -21.66 -45.06 7.97
CA ALA A 64 -22.10 -44.07 6.99
C ALA A 64 -21.09 -44.02 5.83
N ILE A 65 -21.61 -43.86 4.60
CA ILE A 65 -20.77 -43.58 3.43
C ILE A 65 -20.52 -42.06 3.43
N ALA A 66 -19.27 -41.63 3.20
CA ALA A 66 -18.92 -40.19 3.33
C ALA A 66 -19.23 -39.39 2.08
N PRO A 67 -19.81 -38.17 2.26
CA PRO A 67 -20.07 -37.32 1.08
C PRO A 67 -18.77 -36.91 0.41
N ASP A 68 -18.81 -36.65 -0.88
CA ASP A 68 -17.65 -36.16 -1.62
C ASP A 68 -17.37 -34.70 -1.25
N PRO A 69 -16.21 -34.43 -0.63
CA PRO A 69 -15.81 -33.05 -0.28
C PRO A 69 -15.87 -32.04 -1.45
N ASN A 70 -15.78 -32.52 -2.69
CA ASN A 70 -15.87 -31.66 -3.86
C ASN A 70 -17.17 -31.85 -4.61
N GLY A 71 -18.04 -32.57 -3.97
CA GLY A 71 -19.30 -32.95 -4.52
C GLY A 71 -20.27 -31.84 -4.32
N GLY A 72 -21.49 -32.13 -4.67
CA GLY A 72 -22.52 -31.16 -4.62
C GLY A 72 -22.90 -30.77 -3.22
N SER A 73 -23.80 -29.82 -3.18
CA SER A 73 -24.40 -29.33 -1.97
C SER A 73 -25.28 -30.28 -1.20
N GLY A 74 -26.09 -31.08 -1.88
CA GLY A 74 -27.03 -31.89 -1.15
C GLY A 74 -26.98 -33.36 -1.49
N GLN A 75 -25.86 -33.93 -1.11
CA GLN A 75 -25.58 -35.34 -1.28
C GLN A 75 -26.33 -36.23 -0.30
N ASN A 76 -26.76 -37.37 -0.77
CA ASN A 76 -27.30 -38.38 0.10
C ASN A 76 -26.50 -39.66 -0.16
N PRO A 77 -25.32 -39.75 0.43
CA PRO A 77 -24.43 -40.86 0.10
C PRO A 77 -24.91 -42.23 0.59
N GLY A 78 -25.71 -42.27 1.65
CA GLY A 78 -26.21 -43.55 2.17
C GLY A 78 -25.34 -44.21 3.25
N THR A 79 -25.66 -45.46 3.59
CA THR A 79 -24.92 -46.19 4.59
C THR A 79 -24.65 -47.65 4.15
N ILE A 80 -23.69 -48.27 4.82
CA ILE A 80 -23.35 -49.66 4.66
C ILE A 80 -23.97 -50.33 5.88
N PRO A 81 -24.79 -51.36 5.67
CA PRO A 81 -25.60 -51.86 6.78
C PRO A 81 -24.89 -52.81 7.76
N GLY A 82 -23.67 -53.27 7.44
CA GLY A 82 -22.96 -54.17 8.36
C GLY A 82 -23.60 -55.54 8.44
N THR A 83 -24.25 -55.97 7.37
CA THR A 83 -24.69 -57.38 7.25
C THR A 83 -23.49 -58.26 6.91
N GLN A 84 -23.67 -59.59 6.98
CA GLN A 84 -22.60 -60.46 6.50
C GLN A 84 -22.14 -60.05 5.09
N GLU A 85 -23.11 -59.80 4.21
CA GLU A 85 -22.86 -59.54 2.79
CA GLU A 85 -22.79 -59.55 2.79
C GLU A 85 -22.17 -58.18 2.57
N SER A 86 -22.49 -57.22 3.43
CA SER A 86 -22.04 -55.84 3.19
C SER A 86 -21.53 -55.14 4.46
N ILE A 87 -20.20 -55.05 4.55
CA ILE A 87 -19.54 -54.41 5.67
C ILE A 87 -18.75 -53.25 5.14
N ALA A 88 -18.34 -52.37 6.06
CA ALA A 88 -17.68 -51.13 5.71
C ALA A 88 -16.16 -51.35 5.64
N SER A 89 -15.76 -52.24 4.73
CA SER A 89 -14.34 -52.50 4.46
C SER A 89 -14.28 -53.04 3.04
N ASN A 90 -13.17 -52.79 2.35
CA ASN A 90 -12.90 -53.42 1.07
C ASN A 90 -12.34 -54.82 1.23
N PHE A 91 -11.90 -55.17 2.45
CA PHE A 91 -11.43 -56.52 2.80
C PHE A 91 -12.45 -57.18 3.74
N TYR A 92 -12.22 -58.43 4.13
CA TYR A 92 -13.13 -59.12 5.06
C TYR A 92 -12.35 -59.84 6.16
N PRO A 93 -12.67 -59.55 7.43
CA PRO A 93 -11.91 -60.16 8.54
C PRO A 93 -12.12 -61.66 8.66
N GLN A 94 -11.04 -62.39 8.90
CA GLN A 94 -11.10 -63.81 9.16
C GLN A 94 -11.95 -64.07 10.37
N LEU A 95 -11.93 -63.14 11.33
CA LEU A 95 -12.73 -63.31 12.54
C LEU A 95 -14.19 -62.86 12.37
N GLY A 96 -14.55 -62.39 11.19
CA GLY A 96 -15.94 -62.00 10.94
C GLY A 96 -16.25 -60.66 11.57
N ARG A 97 -17.53 -60.37 11.70
CA ARG A 97 -17.99 -59.07 12.18
C ARG A 97 -17.94 -59.12 13.70
N TYR A 98 -16.74 -59.00 14.23
CA TYR A 98 -16.56 -59.26 15.63
C TYR A 98 -16.88 -58.03 16.51
N SER A 99 -17.07 -58.32 17.79
CA SER A 99 -17.15 -57.29 18.81
C SER A 99 -15.79 -57.06 19.47
N SER A 100 -15.42 -55.79 19.55
CA SER A 100 -14.20 -55.39 20.27
C SER A 100 -14.24 -55.69 21.80
N SER A 101 -15.44 -55.95 22.35
CA SER A 101 -15.57 -56.32 23.77
C SER A 101 -15.62 -57.82 24.02
N ASP A 102 -15.57 -58.62 22.96
CA ASP A 102 -15.62 -60.08 23.06
C ASP A 102 -14.29 -60.64 23.63
N PRO A 103 -14.32 -61.26 24.83
CA PRO A 103 -13.09 -61.81 25.44
C PRO A 103 -12.33 -62.77 24.52
N ASN A 104 -13.05 -63.54 23.72
CA ASN A 104 -12.46 -64.52 22.81
C ASN A 104 -11.71 -63.81 21.70
N ILE A 105 -12.24 -62.68 21.26
CA ILE A 105 -11.62 -61.89 20.21
C ILE A 105 -10.36 -61.23 20.76
N LEU A 106 -10.46 -60.65 21.95
CA LEU A 106 -9.30 -60.03 22.59
C LEU A 106 -8.12 -61.01 22.74
N THR A 107 -8.40 -62.22 23.19
CA THR A 107 -7.37 -63.26 23.32
C THR A 107 -6.69 -63.51 21.96
N LYS A 108 -7.49 -63.65 20.89
CA LYS A 108 -6.95 -63.87 19.54
C LYS A 108 -6.13 -62.68 19.06
N HIS A 109 -6.66 -61.47 19.22
CA HIS A 109 -5.91 -60.28 18.84
C HIS A 109 -4.54 -60.21 19.55
N MET A 110 -4.50 -60.47 20.86
CA MET A 110 -3.23 -60.45 21.56
C MET A 110 -2.28 -61.54 21.06
N ASP A 111 -2.79 -62.75 20.78
CA ASP A 111 -1.95 -63.77 20.13
C ASP A 111 -1.40 -63.30 18.79
N MET A 112 -2.17 -62.51 18.05
CA MET A 112 -1.72 -61.99 16.75
C MET A 112 -0.61 -60.94 16.94
N PHE A 113 -0.74 -60.09 17.95
CA PHE A 113 0.35 -59.16 18.31
C PHE A 113 1.61 -59.96 18.64
N VAL A 114 1.48 -61.07 19.39
CA VAL A 114 2.67 -61.86 19.72
C VAL A 114 3.28 -62.37 18.41
N MET A 115 2.44 -62.87 17.50
CA MET A 115 2.91 -63.36 16.19
C MET A 115 3.62 -62.25 15.38
N ALA A 116 3.09 -61.02 15.45
CA ALA A 116 3.68 -59.89 14.73
C ALA A 116 4.95 -59.31 15.40
N ARG A 117 5.23 -59.75 16.62
CA ARG A 117 6.32 -59.18 17.48
C ARG A 117 6.10 -57.69 17.86
N THR A 118 4.86 -57.22 17.75
CA THR A 118 4.54 -55.83 18.04
C THR A 118 4.22 -55.69 19.51
N GLY A 119 5.08 -54.97 20.23
CA GLY A 119 5.02 -54.91 21.72
C GLY A 119 4.04 -53.89 22.27
N VAL A 120 3.61 -52.93 21.44
CA VAL A 120 2.74 -51.85 21.90
C VAL A 120 1.49 -51.68 21.03
N LEU A 121 0.33 -51.81 21.68
CA LEU A 121 -0.95 -51.54 21.08
C LEU A 121 -1.29 -50.06 21.33
N ALA A 122 -1.45 -49.28 20.25
CA ALA A 122 -1.80 -47.86 20.37
C ALA A 122 -3.29 -47.69 20.18
N LEU A 123 -3.99 -47.54 21.30
CA LEU A 123 -5.46 -47.65 21.32
C LEU A 123 -6.17 -46.36 20.96
N THR A 124 -7.02 -46.42 19.95
CA THR A 124 -7.85 -45.26 19.55
C THR A 124 -8.70 -44.84 20.75
N TRP A 125 -8.80 -43.53 20.97
CA TRP A 125 -9.48 -43.04 22.16
C TRP A 125 -10.31 -41.81 21.84
N TRP A 126 -11.61 -41.98 21.96
CA TRP A 126 -12.64 -41.04 21.57
C TRP A 126 -13.39 -40.25 22.69
N ASN A 127 -12.98 -40.40 23.93
CA ASN A 127 -13.63 -39.70 25.04
C ASN A 127 -15.16 -39.92 25.07
N GLU A 128 -15.55 -41.16 24.97
CA GLU A 128 -16.95 -41.56 24.96
C GLU A 128 -17.64 -41.24 26.25
N GLN A 129 -16.92 -41.39 27.33
CA GLN A 129 -17.31 -40.98 28.64
C GLN A 129 -18.19 -42.01 29.33
N ASP A 130 -18.76 -42.94 28.58
CA ASP A 130 -19.63 -43.90 29.20
C ASP A 130 -18.86 -44.98 29.90
N GLU A 131 -19.49 -45.62 30.85
CA GLU A 131 -18.81 -46.60 31.66
C GLU A 131 -18.41 -47.76 30.82
N THR A 132 -19.06 -47.91 29.68
CA THR A 132 -18.76 -49.05 28.82
C THR A 132 -17.45 -48.88 28.03
N GLU A 133 -17.10 -47.62 27.72
CA GLU A 133 -15.75 -47.31 27.22
C GLU A 133 -14.70 -47.78 28.23
N ALA A 134 -14.87 -47.39 29.50
CA ALA A 134 -13.95 -47.75 30.58
C ALA A 134 -13.80 -49.27 30.72
N LYS A 135 -14.92 -49.98 30.59
CA LYS A 135 -14.95 -51.43 30.77
C LYS A 135 -14.12 -52.09 29.68
N ARG A 136 -14.36 -51.65 28.44
CA ARG A 136 -13.63 -52.12 27.29
C ARG A 136 -12.12 -51.82 27.39
N ILE A 137 -11.75 -50.60 27.77
CA ILE A 137 -10.34 -50.27 27.98
C ILE A 137 -9.73 -51.22 28.99
N GLY A 138 -10.48 -51.52 30.05
CA GLY A 138 -10.02 -52.44 31.09
C GLY A 138 -9.83 -53.85 30.57
N LEU A 139 -10.77 -54.30 29.74
CA LEU A 139 -10.67 -55.61 29.09
C LEU A 139 -9.41 -55.74 28.20
N ILE A 140 -9.12 -54.69 27.43
CA ILE A 140 -7.95 -54.68 26.52
C ILE A 140 -6.64 -54.69 27.31
N LEU A 141 -6.58 -53.88 28.36
CA LEU A 141 -5.40 -53.86 29.21
C LEU A 141 -5.12 -55.24 29.85
N ASP A 142 -6.14 -55.85 30.47
CA ASP A 142 -6.01 -57.18 31.04
C ASP A 142 -5.57 -58.25 30.02
N ALA A 143 -6.17 -58.22 28.83
CA ALA A 143 -5.83 -59.19 27.79
C ALA A 143 -4.39 -58.99 27.33
N ALA A 144 -4.03 -57.72 27.12
CA ALA A 144 -2.67 -57.37 26.68
C ALA A 144 -1.61 -57.87 27.68
N ASP A 145 -1.88 -57.63 28.95
CA ASP A 145 -0.89 -57.98 29.95
C ASP A 145 -0.62 -59.48 30.01
N LYS A 146 -1.61 -60.31 29.66
CA LYS A 146 -1.42 -61.76 29.68
C LYS A 146 -0.34 -62.21 28.68
N LYS A 147 -0.12 -61.43 27.62
CA LYS A 147 0.92 -61.71 26.63
C LYS A 147 2.06 -60.68 26.70
N LYS A 148 2.11 -59.91 27.78
CA LYS A 148 3.12 -58.89 27.97
C LYS A 148 3.12 -57.82 26.88
N ILE A 149 1.96 -57.60 26.28
CA ILE A 149 1.77 -56.47 25.37
C ILE A 149 1.49 -55.24 26.25
N LYS A 150 1.95 -54.08 25.79
CA LYS A 150 1.73 -52.81 26.48
C LYS A 150 0.73 -52.00 25.66
N VAL A 151 0.06 -51.06 26.33
CA VAL A 151 -0.99 -50.24 25.70
C VAL A 151 -0.69 -48.75 25.89
N CYS A 152 -0.75 -48.00 24.81
CA CYS A 152 -0.75 -46.55 24.91
C CYS A 152 -1.95 -45.98 24.20
N PHE A 153 -2.23 -44.70 24.40
CA PHE A 153 -3.44 -44.11 23.87
C PHE A 153 -3.20 -43.20 22.67
N HIS A 154 -4.11 -43.34 21.71
CA HIS A 154 -4.09 -42.58 20.48
C HIS A 154 -5.25 -41.63 20.63
N LEU A 155 -4.93 -40.38 20.95
CA LEU A 155 -5.95 -39.38 21.28
C LEU A 155 -6.53 -38.79 20.01
N GLU A 156 -7.79 -39.09 19.77
CA GLU A 156 -8.44 -38.76 18.52
C GLU A 156 -9.05 -37.36 18.61
N PRO A 157 -9.47 -36.77 17.46
CA PRO A 157 -10.12 -35.46 17.49
C PRO A 157 -11.54 -35.60 18.00
N TYR A 158 -11.67 -35.88 19.27
CA TYR A 158 -12.97 -36.06 19.89
C TYR A 158 -13.74 -34.72 19.92
N PRO A 159 -15.07 -34.77 20.15
CA PRO A 159 -15.83 -33.51 20.06
C PRO A 159 -15.35 -32.44 21.07
N SER A 160 -15.16 -31.21 20.57
CA SER A 160 -14.67 -30.04 21.31
CA SER A 160 -14.70 -30.06 21.36
C SER A 160 -13.32 -30.23 22.01
N ARG A 161 -12.52 -31.19 21.52
CA ARG A 161 -11.14 -31.37 22.01
C ARG A 161 -10.41 -30.03 22.05
N ASN A 162 -9.80 -29.70 23.18
CA ASN A 162 -8.95 -28.49 23.29
C ASN A 162 -7.92 -28.82 24.35
N VAL A 163 -6.96 -27.92 24.60
CA VAL A 163 -5.86 -28.22 25.52
C VAL A 163 -6.33 -28.39 26.99
N GLN A 164 -7.40 -27.69 27.39
CA GLN A 164 -7.91 -27.84 28.74
C GLN A 164 -8.54 -29.22 28.99
N ASN A 165 -9.42 -29.68 28.09
CA ASN A 165 -10.05 -31.00 28.32
C ASN A 165 -9.07 -32.13 27.92
N LEU A 166 -8.15 -31.84 27.01
CA LEU A 166 -7.04 -32.74 26.75
C LEU A 166 -6.22 -32.99 28.03
N ARG A 167 -5.86 -31.91 28.74
CA ARG A 167 -5.19 -32.06 30.03
C ARG A 167 -6.04 -32.85 31.04
N GLU A 168 -7.31 -32.49 31.16
CA GLU A 168 -8.26 -33.21 32.02
C GLU A 168 -8.25 -34.72 31.71
N ASN A 169 -8.25 -35.05 30.43
CA ASN A 169 -8.31 -36.44 30.00
C ASN A 169 -7.01 -37.18 30.19
N ILE A 170 -5.89 -36.51 29.95
CA ILE A 170 -4.58 -37.12 30.17
C ILE A 170 -4.45 -37.46 31.66
N VAL A 171 -4.84 -36.51 32.51
CA VAL A 171 -4.82 -36.75 33.96
C VAL A 171 -5.68 -37.98 34.31
N LYS A 172 -6.89 -38.04 33.75
CA LYS A 172 -7.79 -39.15 34.09
C LYS A 172 -7.24 -40.50 33.63
N LEU A 173 -6.69 -40.53 32.42
CA LEU A 173 -6.10 -41.78 31.89
C LEU A 173 -4.91 -42.26 32.72
N ILE A 174 -3.99 -41.37 33.04
CA ILE A 174 -2.85 -41.70 33.88
C ILE A 174 -3.33 -42.13 35.27
N THR A 175 -4.29 -41.40 35.84
CA THR A 175 -4.81 -41.76 37.17
C THR A 175 -5.49 -43.13 37.15
N ARG A 176 -6.34 -43.35 36.15
CA ARG A 176 -7.13 -44.57 36.10
C ARG A 176 -6.32 -45.80 35.67
N TYR A 177 -5.42 -45.65 34.70
CA TYR A 177 -4.71 -46.81 34.12
C TYR A 177 -3.21 -46.86 34.34
N GLY A 178 -2.63 -45.78 34.88
CA GLY A 178 -1.18 -45.66 35.07
C GLY A 178 -0.51 -46.78 35.85
N ASN A 179 -1.25 -47.42 36.74
CA ASN A 179 -0.72 -48.50 37.58
C ASN A 179 -1.05 -49.89 37.04
N HIS A 180 -1.75 -49.95 35.92
CA HIS A 180 -1.96 -51.23 35.25
C HIS A 180 -0.64 -51.73 34.69
N PRO A 181 -0.30 -52.99 34.97
CA PRO A 181 0.95 -53.53 34.47
C PRO A 181 1.14 -53.45 32.96
N ALA A 182 0.05 -53.36 32.18
CA ALA A 182 0.19 -53.23 30.71
C ALA A 182 0.29 -51.78 30.20
N PHE A 183 0.15 -50.80 31.07
CA PHE A 183 0.22 -49.39 30.67
C PHE A 183 1.61 -49.07 30.17
N TYR A 184 1.73 -48.55 28.96
CA TYR A 184 3.06 -48.33 28.38
C TYR A 184 3.80 -47.16 29.04
N ARG A 185 5.09 -47.36 29.34
CA ARG A 185 6.01 -46.26 29.61
C ARG A 185 7.31 -46.40 28.84
N LYS A 186 7.84 -45.27 28.36
CA LYS A 186 9.18 -45.26 27.80
C LYS A 186 10.05 -44.48 28.80
N ASP A 187 11.07 -45.13 29.35
CA ASP A 187 11.98 -44.49 30.32
C ASP A 187 11.19 -43.81 31.44
N GLY A 188 10.17 -44.49 31.97
CA GLY A 188 9.34 -43.90 33.03
C GLY A 188 8.18 -43.02 32.56
N LYS A 189 8.12 -42.66 31.28
CA LYS A 189 7.09 -41.73 30.81
C LYS A 189 5.98 -42.40 29.99
N PRO A 190 4.70 -42.05 30.29
CA PRO A 190 3.63 -42.42 29.35
C PRO A 190 3.85 -41.77 27.99
N LEU A 191 3.19 -42.32 26.97
CA LEU A 191 3.30 -41.80 25.63
C LEU A 191 1.90 -41.69 25.05
N PHE A 192 1.65 -40.58 24.36
CA PHE A 192 0.38 -40.36 23.68
C PHE A 192 0.65 -39.95 22.25
N PHE A 193 -0.05 -40.60 21.30
CA PHE A 193 -0.08 -40.11 19.92
C PHE A 193 -1.27 -39.16 19.81
N ILE A 194 -1.06 -38.02 19.16
CA ILE A 194 -2.16 -37.06 19.00
C ILE A 194 -2.56 -36.94 17.54
N TYR A 195 -3.70 -37.54 17.19
CA TYR A 195 -4.12 -37.50 15.79
C TYR A 195 -4.66 -36.12 15.38
N ASP A 196 -4.35 -35.71 14.15
CA ASP A 196 -4.74 -34.39 13.64
C ASP A 196 -4.42 -33.25 14.64
N SER A 197 -3.22 -33.32 15.22
CA SER A 197 -2.82 -32.31 16.20
C SER A 197 -2.84 -30.88 15.62
N TYR A 198 -2.70 -30.76 14.30
CA TYR A 198 -2.77 -29.45 13.64
C TYR A 198 -4.10 -28.72 13.82
N LEU A 199 -5.14 -29.41 14.28
CA LEU A 199 -6.43 -28.75 14.55
C LEU A 199 -6.38 -27.84 15.79
N ILE A 200 -5.26 -27.86 16.51
CA ILE A 200 -5.08 -27.02 17.69
C ILE A 200 -3.79 -26.24 17.45
N GLU A 201 -3.84 -24.91 17.51
CA GLU A 201 -2.70 -24.07 17.15
C GLU A 201 -1.57 -24.22 18.17
N PRO A 202 -0.32 -23.97 17.76
CA PRO A 202 0.87 -24.05 18.64
C PRO A 202 0.76 -23.14 19.87
N SER A 203 0.13 -21.97 19.73
CA SER A 203 -0.03 -21.08 20.90
C SER A 203 -0.94 -21.72 21.96
N GLU A 204 -1.89 -22.58 21.52
CA GLU A 204 -2.63 -23.41 22.47
C GLU A 204 -1.79 -24.54 23.06
N TRP A 205 -1.17 -25.36 22.20
CA TRP A 205 -0.28 -26.42 22.64
C TRP A 205 0.74 -25.98 23.67
N GLU A 206 1.35 -24.80 23.47
CA GLU A 206 2.37 -24.35 24.42
C GLU A 206 1.87 -24.20 25.87
N LYS A 207 0.59 -23.86 26.05
CA LYS A 207 0.02 -23.77 27.41
C LYS A 207 0.13 -25.11 28.10
N LEU A 208 0.00 -26.17 27.30
CA LEU A 208 0.01 -27.53 27.81
C LEU A 208 1.41 -28.11 27.88
N LEU A 209 2.21 -27.83 26.85
CA LEU A 209 3.45 -28.59 26.59
C LEU A 209 4.77 -27.82 26.78
N SER A 210 4.70 -26.50 26.80
CA SER A 210 5.91 -25.73 27.22
C SER A 210 6.20 -25.95 28.69
N PRO A 211 7.48 -25.99 29.08
CA PRO A 211 7.76 -26.04 30.53
C PRO A 211 7.21 -24.81 31.28
N GLY A 212 7.12 -23.67 30.61
CA GLY A 212 6.54 -22.47 31.21
C GLY A 212 5.06 -22.26 30.90
N GLY A 213 4.40 -23.28 30.34
CA GLY A 213 3.00 -23.16 29.92
C GLY A 213 2.02 -22.99 31.08
N SER A 214 0.97 -22.18 30.84
CA SER A 214 0.01 -21.83 31.91
C SER A 214 -0.76 -23.00 32.49
N ILE A 215 -0.93 -24.09 31.75
CA ILE A 215 -1.53 -25.31 32.29
C ILE A 215 -0.60 -26.52 32.03
N THR A 216 0.70 -26.32 32.23
CA THR A 216 1.68 -27.28 31.77
C THR A 216 1.55 -28.64 32.47
N ILE A 217 1.86 -29.70 31.72
CA ILE A 217 2.03 -31.03 32.32
C ILE A 217 3.52 -31.32 32.56
N ARG A 218 4.40 -30.48 32.02
CA ARG A 218 5.84 -30.74 32.17
C ARG A 218 6.23 -30.68 33.63
N ASN A 219 7.07 -31.62 34.06
CA ASN A 219 7.53 -31.66 35.46
C ASN A 219 6.40 -31.81 36.46
N THR A 220 5.31 -32.46 36.05
CA THR A 220 4.24 -32.83 36.97
C THR A 220 4.07 -34.35 36.92
N ALA A 221 3.22 -34.89 37.80
CA ALA A 221 2.92 -36.32 37.81
C ALA A 221 2.31 -36.80 36.49
N TYR A 222 1.83 -35.86 35.67
CA TYR A 222 1.11 -36.19 34.46
C TYR A 222 1.91 -35.90 33.20
N ASP A 223 3.23 -35.75 33.33
CA ASP A 223 4.10 -35.48 32.18
C ASP A 223 4.10 -36.74 31.28
N ALA A 224 4.30 -36.56 29.99
CA ALA A 224 4.26 -37.68 29.04
C ALA A 224 4.99 -37.30 27.78
N LEU A 225 5.34 -38.30 26.97
CA LEU A 225 5.85 -38.03 25.64
C LEU A 225 4.62 -37.79 24.77
N MET A 226 4.60 -36.64 24.11
CA MET A 226 3.48 -36.24 23.27
C MET A 226 3.95 -36.23 21.83
N ILE A 227 3.37 -37.11 21.04
CA ILE A 227 3.79 -37.33 19.66
C ILE A 227 2.72 -36.75 18.75
N GLY A 228 3.03 -35.67 18.04
CA GLY A 228 2.04 -35.01 17.20
C GLY A 228 2.14 -35.48 15.75
N LEU A 229 1.12 -35.16 14.96
CA LEU A 229 1.08 -35.61 13.58
C LEU A 229 1.83 -34.67 12.66
N TRP A 230 2.87 -35.13 12.00
CA TRP A 230 3.53 -34.40 10.96
C TRP A 230 2.84 -34.68 9.62
N THR A 231 2.26 -33.66 9.06
CA THR A 231 1.57 -33.79 7.82
C THR A 231 2.35 -33.24 6.61
N SER A 232 2.45 -31.92 6.51
CA SER A 232 2.95 -31.24 5.35
C SER A 232 4.44 -30.94 5.26
N SER A 233 4.82 -29.96 4.49
CA SER A 233 6.22 -29.64 4.30
C SER A 233 6.96 -29.15 5.55
N PRO A 234 8.27 -29.31 5.58
CA PRO A 234 9.07 -28.84 6.71
C PRO A 234 8.91 -27.34 7.02
N THR A 235 8.62 -26.53 6.00
CA THR A 235 8.43 -25.08 6.23
C THR A 235 7.31 -24.83 7.24
N VAL A 236 6.22 -25.59 7.14
CA VAL A 236 5.14 -25.52 8.13
C VAL A 236 5.36 -26.42 9.39
N GLN A 237 5.74 -27.68 9.17
CA GLN A 237 5.80 -28.68 10.26
C GLN A 237 6.91 -28.44 11.27
N ARG A 238 8.08 -27.99 10.80
CA ARG A 238 9.18 -27.76 11.73
C ARG A 238 8.84 -26.76 12.82
N PRO A 239 8.41 -25.53 12.45
CA PRO A 239 8.01 -24.61 13.52
C PRO A 239 6.78 -25.09 14.31
N PHE A 240 5.88 -25.86 13.68
CA PHE A 240 4.71 -26.37 14.40
C PHE A 240 5.14 -27.23 15.58
N ILE A 241 5.98 -28.20 15.28
CA ILE A 241 6.45 -29.15 16.27
C ILE A 241 7.26 -28.41 17.36
N LEU A 242 8.14 -27.51 16.96
CA LEU A 242 8.96 -26.73 17.90
C LEU A 242 8.09 -25.80 18.77
N ASN A 243 7.24 -25.00 18.13
CA ASN A 243 6.38 -24.05 18.86
C ASN A 243 5.31 -24.71 19.68
N ALA A 244 4.88 -25.91 19.29
CA ALA A 244 3.87 -26.61 20.08
C ALA A 244 4.51 -27.39 21.21
N HIS A 245 5.85 -27.55 21.17
CA HIS A 245 6.58 -28.30 22.21
C HIS A 245 6.21 -29.79 22.32
N PHE A 246 5.89 -30.41 21.17
CA PHE A 246 5.77 -31.88 21.10
C PHE A 246 7.12 -32.52 21.37
N ASP A 247 7.09 -33.67 22.03
CA ASP A 247 8.30 -34.46 22.24
C ASP A 247 8.70 -35.21 20.97
N GLY A 248 7.78 -35.35 20.03
CA GLY A 248 8.05 -36.13 18.84
C GLY A 248 6.94 -35.99 17.82
N PHE A 249 7.06 -36.75 16.72
CA PHE A 249 6.06 -36.76 15.68
C PHE A 249 5.96 -38.10 14.98
N TYR A 250 4.79 -38.32 14.38
CA TYR A 250 4.52 -39.52 13.59
C TYR A 250 3.78 -39.04 12.35
N THR A 251 3.59 -39.95 11.40
CA THR A 251 3.05 -39.59 10.09
C THR A 251 1.70 -40.24 9.80
N TYR A 252 1.37 -41.27 10.56
CA TYR A 252 0.12 -42.05 10.41
C TYR A 252 -0.23 -42.71 9.07
N PHE A 253 -0.39 -41.93 8.02
CA PHE A 253 -1.03 -42.42 6.79
C PHE A 253 -0.28 -43.57 6.13
N ALA A 254 -1.03 -44.62 5.82
CA ALA A 254 -0.45 -45.84 5.25
C ALA A 254 -0.16 -45.68 3.75
N ALA A 255 -0.83 -44.72 3.12
CA ALA A 255 -0.70 -44.45 1.68
C ALA A 255 0.49 -43.56 1.37
N THR A 256 1.45 -44.13 0.64
CA THR A 256 2.66 -43.39 0.27
C THR A 256 2.27 -42.18 -0.57
N GLY A 257 2.85 -41.04 -0.21
CA GLY A 257 2.67 -39.82 -0.98
C GLY A 257 1.41 -39.05 -0.66
N PHE A 258 0.55 -39.59 0.20
CA PHE A 258 -0.68 -38.86 0.58
C PHE A 258 -0.32 -37.54 1.25
N THR A 259 0.71 -37.54 2.10
CA THR A 259 1.26 -36.28 2.62
C THR A 259 2.79 -36.28 2.42
N TYR A 260 3.42 -35.13 2.60
CA TYR A 260 4.87 -35.05 2.68
C TYR A 260 5.36 -36.05 3.73
N GLY A 261 4.73 -36.07 4.90
CA GLY A 261 5.17 -36.96 5.98
C GLY A 261 5.02 -38.45 5.66
N SER A 262 4.04 -38.81 4.83
CA SER A 262 3.87 -40.20 4.48
C SER A 262 4.53 -40.56 3.14
N THR A 263 5.53 -39.76 2.75
CA THR A 263 6.36 -40.01 1.56
C THR A 263 7.72 -40.50 2.07
N PRO A 264 7.97 -41.82 2.02
CA PRO A 264 9.12 -42.42 2.70
C PRO A 264 10.49 -41.88 2.25
N THR A 265 10.61 -41.34 1.03
CA THR A 265 11.89 -40.74 0.61
C THR A 265 12.24 -39.51 1.47
N ASN A 266 11.28 -38.99 2.22
CA ASN A 266 11.55 -37.84 3.10
C ASN A 266 12.04 -38.26 4.46
N TRP A 267 11.99 -39.55 4.77
CA TRP A 267 12.19 -39.95 6.15
C TRP A 267 13.62 -39.74 6.68
N VAL A 268 14.64 -39.91 5.83
CA VAL A 268 16.01 -39.67 6.30
CA VAL A 268 16.03 -39.65 6.22
C VAL A 268 16.20 -38.20 6.68
N SER A 269 15.67 -37.26 5.92
CA SER A 269 15.83 -35.84 6.30
C SER A 269 14.97 -35.48 7.51
N MET A 270 13.81 -36.15 7.62
CA MET A 270 12.92 -35.91 8.75
C MET A 270 13.59 -36.37 10.01
N GLN A 271 14.27 -37.52 9.94
CA GLN A 271 14.99 -38.07 11.08
C GLN A 271 16.19 -37.22 11.47
N LYS A 272 16.92 -36.71 10.47
CA LYS A 272 18.05 -35.85 10.77
C LYS A 272 17.60 -34.56 11.51
N TRP A 273 16.48 -33.98 11.07
CA TRP A 273 15.91 -32.82 11.76
C TRP A 273 15.50 -33.17 13.20
N ALA A 274 14.81 -34.29 13.37
CA ALA A 274 14.41 -34.76 14.70
C ALA A 274 15.59 -34.91 15.66
N LYS A 275 16.66 -35.51 15.15
CA LYS A 275 17.84 -35.75 15.96
C LYS A 275 18.48 -34.41 16.33
N GLU A 276 18.61 -33.52 15.36
CA GLU A 276 19.14 -32.18 15.60
C GLU A 276 18.34 -31.42 16.64
N ASN A 277 17.03 -31.66 16.71
CA ASN A 277 16.16 -30.86 17.56
C ASN A 277 15.66 -31.58 18.83
N GLY A 278 16.25 -32.72 19.15
CA GLY A 278 15.86 -33.49 20.33
C GLY A 278 14.45 -34.07 20.30
N LYS A 279 13.95 -34.37 19.08
CA LYS A 279 12.58 -34.90 18.89
C LYS A 279 12.58 -36.37 18.50
N ILE A 280 11.54 -37.10 18.91
CA ILE A 280 11.38 -38.51 18.59
C ILE A 280 10.56 -38.66 17.31
N PHE A 281 11.18 -39.21 16.26
CA PHE A 281 10.49 -39.45 15.01
C PHE A 281 10.00 -40.91 14.95
N ILE A 282 8.69 -41.07 14.78
CA ILE A 282 8.09 -42.42 14.74
C ILE A 282 7.36 -42.60 13.42
N PRO A 283 8.09 -42.90 12.34
CA PRO A 283 7.38 -42.96 11.07
C PRO A 283 6.32 -44.06 11.08
N SER A 284 5.28 -43.88 10.27
CA SER A 284 4.22 -44.89 10.19
C SER A 284 4.31 -45.68 8.88
N VAL A 285 4.24 -47.00 8.99
CA VAL A 285 4.35 -47.89 7.85
C VAL A 285 3.07 -48.72 7.77
N GLY A 286 2.63 -49.03 6.57
CA GLY A 286 1.42 -49.84 6.39
C GLY A 286 1.54 -50.71 5.16
N PRO A 287 0.70 -51.75 5.06
CA PRO A 287 0.80 -52.74 4.00
C PRO A 287 0.02 -52.36 2.75
N GLY A 288 -0.71 -51.27 2.79
CA GLY A 288 -1.56 -50.88 1.68
C GLY A 288 -2.60 -49.89 2.19
N TYR A 289 -3.47 -49.43 1.28
CA TYR A 289 -4.57 -48.51 1.66
C TYR A 289 -5.67 -48.57 0.62
N ILE A 290 -6.91 -48.65 1.09
CA ILE A 290 -8.11 -48.49 0.25
C ILE A 290 -9.34 -48.27 1.11
N ASP A 291 -10.06 -47.19 0.83
CA ASP A 291 -11.23 -46.88 1.66
C ASP A 291 -12.47 -46.55 0.83
N THR A 292 -12.55 -47.09 -0.38
CA THR A 292 -13.60 -46.69 -1.30
C THR A 292 -14.99 -47.28 -0.98
N ARG A 293 -15.08 -48.27 -0.09
CA ARG A 293 -16.41 -48.66 0.41
C ARG A 293 -17.03 -47.47 1.16
N ILE A 294 -16.28 -46.87 2.09
CA ILE A 294 -16.82 -45.73 2.84
C ILE A 294 -16.56 -44.39 2.18
N ARG A 295 -15.61 -44.34 1.25
CA ARG A 295 -15.26 -43.09 0.56
C ARG A 295 -15.10 -43.36 -0.95
N PRO A 296 -16.24 -43.55 -1.66
CA PRO A 296 -16.21 -44.02 -3.06
C PRO A 296 -15.47 -43.07 -3.99
N TRP A 297 -15.41 -41.80 -3.60
CA TRP A 297 -14.73 -40.74 -4.35
C TRP A 297 -13.21 -40.68 -4.10
N ASN A 298 -12.68 -41.57 -3.27
CA ASN A 298 -11.29 -41.44 -2.81
C ASN A 298 -10.33 -42.43 -3.47
N GLY A 299 -10.66 -42.87 -4.68
CA GLY A 299 -9.85 -43.83 -5.44
C GLY A 299 -8.40 -43.45 -5.70
N SER A 300 -8.09 -42.16 -5.73
CA SER A 300 -6.71 -41.74 -5.96
C SER A 300 -5.77 -42.13 -4.81
N VAL A 301 -6.31 -42.39 -3.62
CA VAL A 301 -5.49 -42.75 -2.45
C VAL A 301 -5.20 -44.27 -2.34
N ILE A 302 -5.77 -45.05 -3.27
CA ILE A 302 -5.59 -46.50 -3.23
C ILE A 302 -4.12 -46.85 -3.42
N ARG A 303 -3.60 -47.73 -2.57
CA ARG A 303 -2.28 -48.33 -2.79
C ARG A 303 -2.46 -49.84 -2.71
N THR A 304 -2.17 -50.53 -3.80
CA THR A 304 -2.35 -52.00 -3.82
C THR A 304 -1.23 -52.67 -3.02
N ARG A 305 -1.54 -53.82 -2.43
CA ARG A 305 -0.57 -54.53 -1.61
C ARG A 305 0.51 -55.25 -2.41
N THR A 306 0.17 -55.63 -3.65
CA THR A 306 1.05 -56.37 -4.57
C THR A 306 1.79 -57.50 -3.85
N ASP A 307 1.01 -58.37 -3.20
CA ASP A 307 1.51 -59.56 -2.50
C ASP A 307 2.53 -59.33 -1.40
N GLY A 308 2.49 -58.17 -0.74
CA GLY A 308 3.45 -57.92 0.30
C GLY A 308 4.57 -57.00 -0.14
N GLN A 309 4.67 -56.74 -1.45
CA GLN A 309 5.76 -55.89 -1.96
C GLN A 309 5.66 -54.45 -1.45
N TYR A 310 4.43 -53.94 -1.35
CA TYR A 310 4.25 -52.57 -0.88
C TYR A 310 4.74 -52.43 0.58
N TYR A 311 4.33 -53.38 1.41
CA TYR A 311 4.66 -53.39 2.84
C TYR A 311 6.17 -53.45 3.02
N ASP A 312 6.82 -54.40 2.32
CA ASP A 312 8.28 -54.56 2.36
C ASP A 312 9.01 -53.28 2.00
N ALA A 313 8.60 -52.63 0.91
CA ALA A 313 9.25 -51.38 0.51
C ALA A 313 9.12 -50.32 1.61
N MET A 314 7.94 -50.23 2.23
CA MET A 314 7.70 -49.16 3.21
C MET A 314 8.43 -49.42 4.51
N TYR A 315 8.33 -50.64 5.05
CA TYR A 315 9.01 -50.97 6.29
C TYR A 315 10.54 -50.82 6.12
N ARG A 316 11.07 -51.28 4.99
CA ARG A 316 12.49 -51.14 4.72
C ARG A 316 12.94 -49.66 4.75
N LYS A 317 12.15 -48.77 4.15
CA LYS A 317 12.41 -47.33 4.21
C LYS A 317 12.50 -46.74 5.62
N ALA A 318 11.62 -47.18 6.53
CA ALA A 318 11.67 -46.75 7.92
C ALA A 318 12.94 -47.22 8.63
N ILE A 319 13.27 -48.49 8.47
CA ILE A 319 14.47 -49.06 9.03
C ILE A 319 15.71 -48.31 8.53
N GLU A 320 15.77 -48.05 7.24
CA GLU A 320 16.90 -47.38 6.62
C GLU A 320 17.07 -45.93 7.07
N ALA A 321 15.99 -45.28 7.53
CA ALA A 321 16.09 -43.90 8.00
C ALA A 321 16.73 -43.84 9.37
N GLY A 322 16.95 -45.00 9.99
CA GLY A 322 17.66 -45.09 11.28
C GLY A 322 16.87 -44.49 12.44
N VAL A 323 15.55 -44.66 12.40
CA VAL A 323 14.68 -44.15 13.43
C VAL A 323 14.77 -45.02 14.66
N SER A 324 14.39 -44.50 15.82
CA SER A 324 14.45 -45.30 17.02
C SER A 324 13.11 -45.96 17.37
N ALA A 325 12.07 -45.71 16.56
CA ALA A 325 10.78 -46.35 16.81
C ALA A 325 9.97 -46.33 15.54
N ILE A 326 9.05 -47.29 15.43
CA ILE A 326 8.22 -47.40 14.23
C ILE A 326 6.74 -47.61 14.63
N SER A 327 5.82 -46.99 13.90
CA SER A 327 4.41 -47.23 14.15
C SER A 327 3.84 -47.90 12.93
N ILE A 328 2.83 -48.75 13.15
CA ILE A 328 2.24 -49.54 12.09
C ILE A 328 0.76 -49.19 11.97
N THR A 329 0.41 -48.72 10.78
CA THR A 329 -0.93 -48.37 10.41
C THR A 329 -1.39 -49.44 9.42
N SER A 330 -2.20 -50.42 9.87
CA SER A 330 -2.73 -50.48 11.23
C SER A 330 -2.90 -51.95 11.63
N PHE A 331 -3.22 -52.21 12.90
CA PHE A 331 -3.72 -53.53 13.21
C PHE A 331 -5.05 -53.84 12.52
N ASN A 332 -6.05 -52.97 12.72
CA ASN A 332 -7.44 -53.30 12.33
C ASN A 332 -8.30 -52.09 11.98
N GLU A 333 -7.72 -51.11 11.27
CA GLU A 333 -8.54 -50.06 10.65
C GLU A 333 -9.14 -50.63 9.35
N TRP A 334 -10.17 -51.47 9.49
CA TRP A 334 -10.76 -52.17 8.34
C TRP A 334 -11.36 -51.20 7.30
N HIS A 335 -11.85 -50.04 7.74
CA HIS A 335 -12.49 -49.10 6.81
C HIS A 335 -11.50 -48.57 5.78
N GLU A 336 -10.23 -48.62 6.15
CA GLU A 336 -9.19 -47.98 5.35
C GLU A 336 -8.25 -48.98 4.69
N GLY A 337 -8.51 -50.28 4.90
CA GLY A 337 -7.77 -51.34 4.20
C GLY A 337 -6.27 -51.34 4.46
N SER A 338 -5.87 -50.80 5.63
CA SER A 338 -4.47 -50.74 6.06
C SER A 338 -4.14 -51.83 7.06
N GLN A 339 -5.13 -52.68 7.34
CA GLN A 339 -5.02 -53.66 8.42
C GLN A 339 -3.98 -54.78 8.14
N ILE A 340 -3.28 -55.23 9.18
CA ILE A 340 -2.42 -56.43 9.08
C ILE A 340 -3.16 -57.61 9.70
N GLU A 341 -4.28 -57.34 10.38
CA GLU A 341 -5.14 -58.41 10.90
C GLU A 341 -5.55 -59.35 9.75
N PRO A 342 -5.59 -60.68 9.99
CA PRO A 342 -5.94 -61.63 8.92
C PRO A 342 -7.28 -61.37 8.27
N ALA A 343 -7.27 -61.45 6.94
CA ALA A 343 -8.43 -61.28 6.11
C ALA A 343 -8.63 -62.56 5.28
N VAL A 344 -9.89 -62.86 4.93
CA VAL A 344 -10.22 -64.02 4.06
C VAL A 344 -10.88 -63.65 2.72
N PRO A 345 -10.66 -64.48 1.69
CA PRO A 345 -11.38 -64.24 0.45
C PRO A 345 -12.92 -64.37 0.71
N TYR A 346 -13.72 -63.48 0.13
CA TYR A 346 -15.18 -63.55 0.30
C TYR A 346 -15.85 -62.74 -0.78
N THR A 347 -16.95 -63.27 -1.31
CA THR A 347 -17.74 -62.59 -2.36
C THR A 347 -19.16 -62.64 -1.90
N SER A 348 -19.90 -61.56 -2.07
CA SER A 348 -21.34 -61.60 -1.80
C SER A 348 -22.10 -60.94 -2.95
N SER A 349 -23.42 -61.00 -2.90
CA SER A 349 -24.22 -60.29 -3.91
C SER A 349 -23.95 -58.79 -3.86
N GLU A 350 -23.43 -58.32 -2.72
CA GLU A 350 -23.24 -56.89 -2.48
C GLU A 350 -21.88 -56.41 -2.95
N PHE A 351 -20.88 -57.27 -2.89
CA PHE A 351 -19.51 -56.81 -3.04
C PHE A 351 -18.54 -57.99 -3.19
N THR A 352 -17.56 -57.81 -4.05
CA THR A 352 -16.43 -58.73 -4.16
C THR A 352 -15.31 -58.13 -3.33
N TYR A 353 -15.03 -58.74 -2.19
CA TYR A 353 -14.01 -58.22 -1.29
C TYR A 353 -12.63 -58.52 -1.86
N LEU A 354 -11.69 -57.61 -1.61
CA LEU A 354 -10.28 -57.88 -1.83
C LEU A 354 -9.81 -58.84 -0.75
N ASP A 355 -8.63 -59.40 -0.96
CA ASP A 355 -8.08 -60.34 0.01
C ASP A 355 -6.58 -60.35 -0.20
N TYR A 356 -5.85 -61.22 0.52
CA TYR A 356 -4.40 -61.15 0.50
C TYR A 356 -3.72 -61.88 -0.70
N GLU A 357 -4.51 -62.21 -1.72
CA GLU A 357 -4.00 -62.66 -3.05
C GLU A 357 -3.21 -63.97 -2.90
N ASN A 358 -1.92 -63.96 -3.23
CA ASN A 358 -1.10 -65.18 -3.18
C ASN A 358 -0.40 -65.34 -1.84
N ARG A 359 -1.00 -64.78 -0.79
CA ARG A 359 -0.53 -64.94 0.59
C ARG A 359 -1.66 -65.51 1.46
N GLU A 360 -1.27 -66.18 2.52
CA GLU A 360 -2.21 -66.67 3.53
C GLU A 360 -2.78 -65.52 4.36
N PRO A 361 -3.92 -65.74 5.03
CA PRO A 361 -4.54 -64.69 5.84
C PRO A 361 -3.58 -64.09 6.88
N ASP A 362 -2.69 -64.91 7.46
CA ASP A 362 -1.81 -64.41 8.51
C ASP A 362 -0.46 -63.87 8.01
N TYR A 363 -0.33 -63.67 6.70
CA TYR A 363 0.96 -63.29 6.15
C TYR A 363 1.46 -61.92 6.62
N TYR A 364 0.54 -60.95 6.74
CA TYR A 364 0.98 -59.62 7.18
C TYR A 364 1.46 -59.63 8.64
N LEU A 365 0.90 -60.50 9.47
CA LEU A 365 1.42 -60.68 10.84
C LEU A 365 2.85 -61.22 10.85
N THR A 366 3.09 -62.34 10.16
CA THR A 366 4.43 -62.93 10.16
C THR A 366 5.42 -62.05 9.41
N ARG A 367 4.95 -61.35 8.38
CA ARG A 367 5.87 -60.46 7.66
C ARG A 367 6.23 -59.26 8.53
N THR A 368 5.27 -58.76 9.31
CA THR A 368 5.59 -57.76 10.34
C THR A 368 6.68 -58.30 11.30
N ALA A 369 6.52 -59.51 11.84
CA ALA A 369 7.59 -60.11 12.68
C ALA A 369 8.95 -60.10 11.99
N TYR A 370 8.94 -60.37 10.69
CA TYR A 370 10.17 -60.38 9.92
C TYR A 370 10.84 -59.00 9.95
N TRP A 371 10.05 -57.96 9.70
CA TRP A 371 10.61 -56.60 9.68
C TRP A 371 10.97 -56.07 11.06
N VAL A 372 10.25 -56.52 12.10
CA VAL A 372 10.57 -56.15 13.47
C VAL A 372 11.96 -56.72 13.83
N GLY A 373 12.22 -57.97 13.45
CA GLY A 373 13.53 -58.58 13.67
C GLY A 373 14.65 -57.80 12.98
N LYS A 374 14.42 -57.37 11.74
CA LYS A 374 15.37 -56.53 11.00
C LYS A 374 15.58 -55.17 11.69
N PHE A 375 14.47 -54.56 12.14
CA PHE A 375 14.55 -53.30 12.87
C PHE A 375 15.42 -53.44 14.13
N ARG A 376 15.20 -54.50 14.90
CA ARG A 376 15.95 -54.74 16.14
C ARG A 376 17.45 -54.91 15.90
N GLU A 377 17.81 -55.61 14.84
CA GLU A 377 19.20 -55.84 14.50
C GLU A 377 20.01 -54.56 14.28
N SER A 378 19.39 -53.54 13.72
CA SER A 378 20.16 -52.36 13.37
C SER A 378 19.74 -51.13 14.18
N LYS A 379 18.89 -51.31 15.20
CA LYS A 379 18.31 -50.17 15.91
C LYS A 379 19.37 -49.26 16.54
N THR B 35 25.45 -2.63 4.01
CA THR B 35 25.10 -2.09 2.65
C THR B 35 24.05 -0.96 2.70
N GLU B 36 22.80 -1.23 2.26
CA GLU B 36 21.77 -0.19 2.16
C GLU B 36 20.98 -0.01 3.48
N LEU B 37 20.49 -1.10 4.07
CA LEU B 37 19.68 -1.03 5.30
C LEU B 37 20.52 -0.66 6.53
N ASP B 38 20.02 0.25 7.37
CA ASP B 38 20.74 0.53 8.60
C ASP B 38 20.13 -0.19 9.82
N TYR B 39 20.93 -1.02 10.47
CA TYR B 39 20.44 -1.82 11.58
C TYR B 39 20.61 -1.19 12.95
N ASP B 40 20.94 0.10 12.98
CA ASP B 40 20.84 0.89 14.20
C ASP B 40 19.79 1.99 14.04
N THR B 41 18.88 1.78 13.08
CA THR B 41 17.73 2.64 12.88
C THR B 41 16.46 1.82 13.12
N PHE B 42 15.67 2.24 14.11
CA PHE B 42 14.48 1.51 14.61
C PHE B 42 13.19 2.29 14.31
N CYS B 43 12.27 1.71 13.55
CA CYS B 43 11.10 2.45 13.17
C CYS B 43 9.88 1.82 13.87
N PHE B 44 9.18 2.62 14.68
CA PHE B 44 8.04 2.11 15.46
C PHE B 44 6.85 1.72 14.60
N TYR B 45 6.46 0.45 14.72
CA TYR B 45 5.50 -0.16 13.82
C TYR B 45 4.32 -0.69 14.61
N TYR B 46 3.13 -0.47 14.07
CA TYR B 46 1.87 -0.85 14.73
C TYR B 46 1.13 -1.91 13.90
N ASP B 47 0.81 -3.03 14.56
CA ASP B 47 0.14 -4.17 13.90
C ASP B 47 -1.32 -4.32 14.34
N TRP B 48 -1.97 -3.23 14.75
CA TRP B 48 -3.29 -3.32 15.37
C TRP B 48 -4.46 -2.96 14.46
N TYR B 49 -4.20 -2.76 13.16
CA TYR B 49 -5.23 -2.37 12.20
C TYR B 49 -5.94 -3.61 11.64
N GLY B 50 -7.25 -3.46 11.38
CA GLY B 50 -8.06 -4.53 10.82
C GLY B 50 -8.96 -4.09 9.66
N SER B 51 -9.35 -5.05 8.82
CA SER B 51 -10.33 -4.78 7.79
C SER B 51 -11.57 -5.65 8.00
N GLU B 52 -12.72 -5.24 7.46
CA GLU B 52 -13.89 -6.15 7.52
C GLU B 52 -13.56 -7.50 6.87
N ALA B 53 -12.94 -7.48 5.70
CA ALA B 53 -12.68 -8.71 4.95
C ALA B 53 -11.81 -9.73 5.67
N ILE B 54 -10.81 -9.27 6.44
CA ILE B 54 -9.86 -10.18 7.10
C ILE B 54 -10.16 -10.36 8.60
N ASP B 55 -10.55 -9.27 9.26
CA ASP B 55 -10.67 -9.27 10.71
C ASP B 55 -12.12 -9.26 11.20
N GLY B 56 -13.07 -8.96 10.32
CA GLY B 56 -14.47 -8.87 10.74
C GLY B 56 -14.87 -7.45 11.06
N GLN B 57 -13.89 -6.55 11.19
CA GLN B 57 -14.15 -5.16 11.53
C GLN B 57 -12.93 -4.31 11.22
N TYR B 58 -13.16 -3.01 11.07
CA TYR B 58 -12.09 -2.07 10.78
C TYR B 58 -11.38 -1.64 12.06
N ARG B 59 -10.71 -2.59 12.71
CA ARG B 59 -10.07 -2.36 14.00
C ARG B 59 -9.12 -1.17 13.92
N HIS B 60 -9.15 -0.33 14.96
CA HIS B 60 -8.33 0.89 15.05
C HIS B 60 -8.64 2.03 14.09
N TRP B 61 -8.98 1.74 12.84
CA TRP B 61 -9.53 2.78 11.97
C TRP B 61 -10.82 3.30 12.63
N ALA B 62 -11.57 2.41 13.28
CA ALA B 62 -12.61 2.79 14.23
C ALA B 62 -11.97 2.95 15.62
N HIS B 63 -12.26 4.05 16.32
CA HIS B 63 -11.56 4.34 17.57
C HIS B 63 -12.42 5.30 18.37
N ALA B 64 -12.50 5.02 19.68
CA ALA B 64 -13.21 5.88 20.62
C ALA B 64 -12.46 7.20 20.73
N ILE B 65 -13.22 8.27 20.89
CA ILE B 65 -12.65 9.60 21.06
C ILE B 65 -12.38 9.80 22.55
N ALA B 66 -11.20 10.33 22.88
CA ALA B 66 -10.81 10.49 24.27
C ALA B 66 -11.50 11.70 24.92
N PRO B 67 -11.86 11.56 26.20
CA PRO B 67 -12.44 12.68 26.93
C PRO B 67 -11.38 13.72 27.23
N ASP B 68 -11.80 14.97 27.39
CA ASP B 68 -10.92 16.06 27.79
C ASP B 68 -10.54 15.88 29.25
N PRO B 69 -9.23 15.79 29.55
CA PRO B 69 -8.84 15.58 30.96
C PRO B 69 -9.08 16.80 31.87
N ASN B 70 -9.49 17.92 31.29
CA ASN B 70 -9.92 19.11 32.05
C ASN B 70 -11.40 19.41 31.85
N GLY B 71 -12.19 18.40 31.51
CA GLY B 71 -13.62 18.61 31.23
C GLY B 71 -14.57 17.95 32.21
N GLY B 72 -14.04 17.44 33.32
CA GLY B 72 -14.85 16.81 34.36
C GLY B 72 -15.38 15.42 34.03
N SER B 73 -15.95 14.76 35.03
CA SER B 73 -16.57 13.42 34.90
C SER B 73 -17.80 13.44 33.98
N GLY B 74 -18.20 12.26 33.51
CA GLY B 74 -19.43 12.08 32.74
C GLY B 74 -19.44 12.57 31.30
N GLN B 75 -18.27 12.70 30.67
CA GLN B 75 -18.21 13.14 29.28
C GLN B 75 -18.78 12.12 28.28
N ASN B 76 -19.31 12.63 27.17
CA ASN B 76 -19.85 11.78 26.13
C ASN B 76 -19.11 12.03 24.80
N PRO B 77 -17.81 11.66 24.72
CA PRO B 77 -17.03 12.15 23.58
C PRO B 77 -17.36 11.51 22.23
N GLY B 78 -18.00 10.34 22.23
CA GLY B 78 -18.30 9.65 20.98
C GLY B 78 -17.16 8.78 20.44
N THR B 79 -17.34 8.31 19.21
CA THR B 79 -16.43 7.36 18.58
C THR B 79 -16.27 7.70 17.10
N ILE B 80 -15.12 7.35 16.53
CA ILE B 80 -14.90 7.47 15.10
C ILE B 80 -15.21 6.09 14.53
N PRO B 81 -16.03 6.02 13.46
CA PRO B 81 -16.56 4.71 13.06
C PRO B 81 -15.70 3.85 12.14
N GLY B 82 -14.60 4.38 11.61
CA GLY B 82 -13.75 3.61 10.72
C GLY B 82 -14.43 3.25 9.41
N THR B 83 -15.33 4.11 8.96
CA THR B 83 -15.87 4.02 7.60
C THR B 83 -14.84 4.61 6.66
N GLN B 84 -15.03 4.45 5.35
CA GLN B 84 -14.15 5.07 4.39
C GLN B 84 -14.06 6.58 4.62
N GLU B 85 -15.20 7.19 4.89
CA GLU B 85 -15.26 8.63 5.06
C GLU B 85 -14.66 9.13 6.35
N SER B 86 -14.73 8.34 7.41
CA SER B 86 -14.33 8.81 8.74
C SER B 86 -13.46 7.78 9.45
N ILE B 87 -12.15 7.99 9.43
CA ILE B 87 -11.21 7.09 10.10
C ILE B 87 -10.50 7.82 11.21
N ALA B 88 -9.87 7.06 12.11
CA ALA B 88 -9.30 7.63 13.33
C ALA B 88 -7.88 8.15 13.08
N SER B 89 -7.78 9.11 12.18
CA SER B 89 -6.49 9.70 11.81
C SER B 89 -6.79 11.03 11.18
N ASN B 90 -5.88 12.01 11.32
CA ASN B 90 -6.02 13.28 10.60
C ASN B 90 -5.49 13.18 9.16
N PHE B 91 -4.75 12.10 8.87
CA PHE B 91 -4.24 11.79 7.54
C PHE B 91 -4.98 10.56 7.02
N TYR B 92 -4.72 10.20 5.76
CA TYR B 92 -5.39 9.06 5.13
C TYR B 92 -4.39 8.16 4.44
N PRO B 93 -4.37 6.85 4.79
CA PRO B 93 -3.34 5.96 4.24
C PRO B 93 -3.53 5.67 2.76
N GLN B 94 -2.43 5.71 2.03
CA GLN B 94 -2.46 5.30 0.63
C GLN B 94 -2.99 3.87 0.48
N LEU B 95 -2.67 3.00 1.44
CA LEU B 95 -3.14 1.63 1.40
C LEU B 95 -4.58 1.46 1.94
N GLY B 96 -5.25 2.56 2.28
CA GLY B 96 -6.61 2.51 2.80
C GLY B 96 -6.70 1.89 4.18
N ARG B 97 -7.90 1.45 4.54
CA ARG B 97 -8.17 0.90 5.87
C ARG B 97 -7.70 -0.55 5.89
N TYR B 98 -6.40 -0.74 6.02
CA TYR B 98 -5.84 -2.05 5.78
C TYR B 98 -5.88 -2.96 7.00
N SER B 99 -5.80 -4.27 6.76
CA SER B 99 -5.57 -5.22 7.82
C SER B 99 -4.09 -5.43 8.03
N SER B 100 -3.64 -5.30 9.27
CA SER B 100 -2.25 -5.65 9.64
C SER B 100 -1.85 -7.12 9.36
N SER B 101 -2.83 -8.00 9.16
CA SER B 101 -2.51 -9.40 8.87
C SER B 101 -2.55 -9.74 7.37
N ASP B 102 -3.00 -8.80 6.56
CA ASP B 102 -3.02 -8.98 5.10
C ASP B 102 -1.60 -9.25 4.52
N PRO B 103 -1.39 -10.44 3.92
CA PRO B 103 -0.11 -10.76 3.26
C PRO B 103 0.35 -9.71 2.27
N ASN B 104 -0.59 -9.16 1.50
CA ASN B 104 -0.25 -8.15 0.51
C ASN B 104 0.17 -6.84 1.16
N ILE B 105 -0.36 -6.56 2.34
CA ILE B 105 -0.01 -5.33 3.06
C ILE B 105 1.39 -5.50 3.66
N LEU B 106 1.64 -6.66 4.26
CA LEU B 106 2.95 -6.95 4.83
C LEU B 106 4.09 -6.84 3.80
N THR B 107 3.90 -7.44 2.63
CA THR B 107 4.85 -7.28 1.52
C THR B 107 5.11 -5.80 1.21
N LYS B 108 4.04 -5.02 1.05
CA LYS B 108 4.21 -3.63 0.68
C LYS B 108 4.93 -2.86 1.78
N HIS B 109 4.57 -3.13 3.04
CA HIS B 109 5.24 -2.48 4.17
C HIS B 109 6.73 -2.77 4.20
N MET B 110 7.12 -4.02 3.99
CA MET B 110 8.55 -4.35 3.96
C MET B 110 9.32 -3.64 2.84
N ASP B 111 8.68 -3.48 1.68
CA ASP B 111 9.31 -2.74 0.57
C ASP B 111 9.43 -1.27 0.95
N MET B 112 8.47 -0.79 1.75
CA MET B 112 8.59 0.57 2.27
C MET B 112 9.78 0.73 3.22
N PHE B 113 9.99 -0.26 4.12
CA PHE B 113 11.18 -0.23 4.98
C PHE B 113 12.46 -0.21 4.17
N VAL B 114 12.53 -1.03 3.11
CA VAL B 114 13.70 -1.03 2.21
C VAL B 114 13.92 0.38 1.64
N MET B 115 12.86 0.97 1.09
CA MET B 115 12.92 2.29 0.52
C MET B 115 13.38 3.31 1.56
N ALA B 116 13.01 3.13 2.82
CA ALA B 116 13.37 4.08 3.88
C ALA B 116 14.78 3.81 4.45
N ARG B 117 15.38 2.69 4.04
CA ARG B 117 16.64 2.16 4.58
C ARG B 117 16.63 1.91 6.10
N THR B 118 15.46 1.73 6.68
CA THR B 118 15.36 1.45 8.12
C THR B 118 15.39 -0.04 8.32
N GLY B 119 16.41 -0.56 8.99
CA GLY B 119 16.60 -1.99 9.03
C GLY B 119 15.90 -2.71 10.18
N VAL B 120 15.40 -1.97 11.17
CA VAL B 120 14.74 -2.60 12.29
C VAL B 120 13.32 -2.06 12.44
N LEU B 121 12.37 -2.99 12.41
CA LEU B 121 10.95 -2.73 12.68
C LEU B 121 10.74 -2.97 14.17
N ALA B 122 10.34 -1.93 14.90
CA ALA B 122 10.15 -2.00 16.33
C ALA B 122 8.65 -2.19 16.60
N LEU B 123 8.28 -3.42 16.88
CA LEU B 123 6.88 -3.86 16.77
C LEU B 123 6.16 -3.67 18.07
N THR B 124 5.05 -2.94 18.01
CA THR B 124 4.22 -2.74 19.22
C THR B 124 3.85 -4.13 19.77
N TRP B 125 3.94 -4.34 21.07
CA TRP B 125 3.57 -5.62 21.65
C TRP B 125 2.76 -5.47 22.94
N TRP B 126 1.53 -5.96 22.92
CA TRP B 126 0.54 -5.66 23.96
C TRP B 126 0.15 -6.85 24.84
N ASN B 127 0.80 -7.99 24.65
CA ASN B 127 0.48 -9.18 25.44
C ASN B 127 -1.01 -9.52 25.41
N GLU B 128 -1.55 -9.59 24.20
CA GLU B 128 -2.99 -9.80 23.98
C GLU B 128 -3.59 -11.10 24.55
N GLN B 129 -2.77 -12.15 24.68
CA GLN B 129 -3.24 -13.45 25.17
C GLN B 129 -4.53 -13.85 24.51
N ASP B 130 -4.48 -13.86 23.18
CA ASP B 130 -5.62 -14.20 22.38
C ASP B 130 -5.20 -15.30 21.41
N GLU B 131 -6.01 -15.54 20.40
CA GLU B 131 -5.69 -16.66 19.49
C GLU B 131 -5.15 -16.18 18.14
N THR B 132 -4.82 -14.88 18.02
CA THR B 132 -4.36 -14.34 16.73
C THR B 132 -2.97 -13.68 16.78
N GLU B 133 -2.57 -13.18 17.95
CA GLU B 133 -1.32 -12.39 18.10
C GLU B 133 -0.06 -13.17 17.69
N ALA B 134 0.10 -14.38 18.21
CA ALA B 134 1.32 -15.15 17.93
C ALA B 134 1.51 -15.41 16.42
N LYS B 135 0.44 -15.79 15.72
CA LYS B 135 0.50 -16.04 14.28
C LYS B 135 0.77 -14.75 13.48
N ARG B 136 0.12 -13.64 13.85
CA ARG B 136 0.39 -12.34 13.19
C ARG B 136 1.86 -11.93 13.36
N ILE B 137 2.42 -12.11 14.53
CA ILE B 137 3.83 -11.82 14.73
C ILE B 137 4.71 -12.68 13.80
N GLY B 138 4.41 -13.98 13.74
CA GLY B 138 5.07 -14.88 12.78
C GLY B 138 5.00 -14.43 11.34
N LEU B 139 3.82 -13.97 10.88
CA LEU B 139 3.72 -13.41 9.51
C LEU B 139 4.61 -12.17 9.31
N ILE B 140 4.66 -11.29 10.31
CA ILE B 140 5.49 -10.10 10.22
C ILE B 140 6.97 -10.48 10.14
N LEU B 141 7.42 -11.37 11.03
CA LEU B 141 8.79 -11.84 10.99
C LEU B 141 9.15 -12.45 9.61
N ASP B 142 8.26 -13.30 9.09
CA ASP B 142 8.49 -13.94 7.76
C ASP B 142 8.61 -12.89 6.64
N ALA B 143 7.70 -11.92 6.63
CA ALA B 143 7.72 -10.92 5.59
C ALA B 143 8.99 -10.09 5.69
N ALA B 144 9.39 -9.74 6.91
CA ALA B 144 10.58 -8.93 7.16
C ALA B 144 11.85 -9.62 6.66
N ASP B 145 12.04 -10.86 7.06
CA ASP B 145 13.23 -11.62 6.62
C ASP B 145 13.44 -11.65 5.10
N LYS B 146 12.35 -11.76 4.35
CA LYS B 146 12.39 -11.78 2.89
C LYS B 146 13.09 -10.54 2.34
N LYS B 147 13.08 -9.43 3.09
CA LYS B 147 13.76 -8.23 2.65
C LYS B 147 14.93 -7.88 3.55
N LYS B 148 15.33 -8.82 4.41
CA LYS B 148 16.44 -8.66 5.36
C LYS B 148 16.19 -7.59 6.44
N ILE B 149 14.92 -7.33 6.72
CA ILE B 149 14.57 -6.40 7.80
C ILE B 149 14.54 -7.22 9.10
N LYS B 150 14.95 -6.60 10.20
CA LYS B 150 14.93 -7.23 11.53
C LYS B 150 13.78 -6.69 12.35
N VAL B 151 13.38 -7.46 13.36
CA VAL B 151 12.24 -7.11 14.20
C VAL B 151 12.66 -7.16 15.66
N CYS B 152 12.39 -6.07 16.39
CA CYS B 152 12.53 -6.09 17.84
C CYS B 152 11.18 -5.72 18.44
N PHE B 153 11.01 -5.96 19.74
CA PHE B 153 9.69 -5.70 20.34
C PHE B 153 9.64 -4.40 21.17
N HIS B 154 8.55 -3.67 21.01
CA HIS B 154 8.26 -2.45 21.76
C HIS B 154 7.24 -2.86 22.83
N LEU B 155 7.72 -3.01 24.06
CA LEU B 155 6.91 -3.56 25.16
C LEU B 155 5.99 -2.49 25.72
N GLU B 156 4.71 -2.65 25.42
CA GLU B 156 3.68 -1.67 25.76
C GLU B 156 3.14 -1.81 27.18
N PRO B 157 2.55 -0.73 27.75
CA PRO B 157 1.97 -0.83 29.10
C PRO B 157 0.63 -1.56 29.11
N TYR B 158 0.62 -2.87 28.81
CA TYR B 158 -0.58 -3.70 29.04
C TYR B 158 -1.01 -3.56 30.51
N PRO B 159 -2.33 -3.54 30.77
CA PRO B 159 -2.87 -3.15 32.10
C PRO B 159 -2.22 -3.85 33.31
N SER B 160 -1.97 -5.14 33.21
CA SER B 160 -1.44 -5.92 34.34
C SER B 160 0.09 -5.92 34.41
N ARG B 161 0.74 -5.19 33.51
CA ARG B 161 2.22 -5.24 33.42
C ARG B 161 2.91 -4.97 34.74
N ASN B 162 3.76 -5.92 35.15
CA ASN B 162 4.70 -5.69 36.26
C ASN B 162 6.01 -6.38 35.93
N VAL B 163 7.02 -6.27 36.80
CA VAL B 163 8.32 -6.87 36.44
C VAL B 163 8.28 -8.38 36.38
N GLN B 164 7.39 -9.01 37.17
CA GLN B 164 7.32 -10.48 37.17
C GLN B 164 6.77 -11.02 35.89
N ASN B 165 5.64 -10.48 35.45
CA ASN B 165 5.05 -10.95 34.20
C ASN B 165 5.79 -10.38 32.98
N LEU B 166 6.42 -9.22 33.12
CA LEU B 166 7.29 -8.75 32.02
C LEU B 166 8.45 -9.74 31.77
N ARG B 167 9.02 -10.26 32.85
CA ARG B 167 10.09 -11.26 32.74
C ARG B 167 9.59 -12.50 32.03
N GLU B 168 8.42 -12.97 32.44
CA GLU B 168 7.85 -14.15 31.84
C GLU B 168 7.66 -13.91 30.37
N ASN B 169 7.26 -12.70 30.01
CA ASN B 169 6.97 -12.39 28.63
C ASN B 169 8.22 -12.22 27.79
N ILE B 170 9.28 -11.69 28.38
CA ILE B 170 10.57 -11.65 27.72
C ILE B 170 11.06 -13.08 27.47
N VAL B 171 10.97 -13.95 28.48
CA VAL B 171 11.31 -15.35 28.32
C VAL B 171 10.51 -15.98 27.17
N LYS B 172 9.19 -15.80 27.16
CA LYS B 172 8.35 -16.38 26.11
C LYS B 172 8.68 -15.84 24.71
N LEU B 173 8.93 -14.53 24.60
CA LEU B 173 9.23 -13.94 23.28
C LEU B 173 10.57 -14.44 22.72
N ILE B 174 11.57 -14.51 23.57
CA ILE B 174 12.87 -15.02 23.14
C ILE B 174 12.76 -16.51 22.75
N THR B 175 11.99 -17.27 23.52
CA THR B 175 11.79 -18.69 23.22
C THR B 175 11.06 -18.88 21.92
N ARG B 176 9.95 -18.16 21.71
CA ARG B 176 9.11 -18.35 20.54
CA ARG B 176 9.10 -18.36 20.52
C ARG B 176 9.75 -17.77 19.25
N TYR B 177 10.49 -16.68 19.38
CA TYR B 177 10.96 -15.96 18.19
C TYR B 177 12.49 -15.78 18.07
N GLY B 178 13.21 -16.08 19.14
CA GLY B 178 14.66 -15.88 19.22
C GLY B 178 15.46 -16.53 18.10
N ASN B 179 14.93 -17.62 17.54
CA ASN B 179 15.62 -18.33 16.49
C ASN B 179 15.16 -17.99 15.09
N HIS B 180 14.17 -17.10 14.96
CA HIS B 180 13.76 -16.64 13.64
C HIS B 180 14.88 -15.77 13.02
N PRO B 181 15.17 -15.96 11.73
CA PRO B 181 16.28 -15.21 11.14
C PRO B 181 16.08 -13.68 11.14
N ALA B 182 14.83 -13.20 11.24
CA ALA B 182 14.57 -11.77 11.37
C ALA B 182 14.57 -11.20 12.80
N PHE B 183 14.73 -12.05 13.80
CA PHE B 183 14.74 -11.58 15.20
C PHE B 183 15.97 -10.70 15.44
N TYR B 184 15.76 -9.46 15.87
CA TYR B 184 16.87 -8.52 15.97
C TYR B 184 17.84 -8.86 17.09
N ARG B 185 19.14 -8.84 16.77
CA ARG B 185 20.19 -8.90 17.77
C ARG B 185 21.26 -7.83 17.56
N LYS B 186 21.65 -7.20 18.66
CA LYS B 186 22.79 -6.25 18.66
C LYS B 186 23.93 -6.96 19.38
N ASP B 187 24.95 -7.33 18.62
CA ASP B 187 26.11 -8.04 19.16
C ASP B 187 25.66 -9.22 20.01
N GLY B 188 24.74 -10.01 19.49
CA GLY B 188 24.28 -11.19 20.21
C GLY B 188 23.12 -10.99 21.16
N LYS B 189 22.78 -9.74 21.49
CA LYS B 189 21.71 -9.53 22.47
C LYS B 189 20.41 -9.07 21.81
N PRO B 190 19.26 -9.67 22.22
CA PRO B 190 17.96 -9.08 21.90
C PRO B 190 17.91 -7.64 22.44
N LEU B 191 17.01 -6.82 21.88
CA LEU B 191 16.77 -5.47 22.37
C LEU B 191 15.27 -5.22 22.49
N PHE B 192 14.86 -4.66 23.62
CA PHE B 192 13.48 -4.27 23.85
C PHE B 192 13.40 -2.80 24.18
N PHE B 193 12.42 -2.11 23.60
CA PHE B 193 12.06 -0.76 24.02
C PHE B 193 10.93 -0.93 25.04
N ILE B 194 10.97 -0.19 26.15
CA ILE B 194 9.91 -0.31 27.16
C ILE B 194 9.13 0.99 27.24
N TYR B 195 7.93 1.01 26.65
CA TYR B 195 7.09 2.22 26.71
C TYR B 195 6.50 2.43 28.11
N ASP B 196 6.47 3.69 28.55
CA ASP B 196 5.98 4.09 29.90
C ASP B 196 6.61 3.27 31.03
N SER B 197 7.93 3.14 30.94
CA SER B 197 8.72 2.40 31.95
C SER B 197 8.56 3.01 33.36
N TYR B 198 8.24 4.30 33.39
CA TYR B 198 8.08 5.06 34.63
C TYR B 198 6.95 4.51 35.53
N LEU B 199 6.01 3.77 34.92
CA LEU B 199 4.90 3.13 35.64
C LEU B 199 5.38 2.03 36.55
N ILE B 200 6.62 1.58 36.36
CA ILE B 200 7.19 0.59 37.21
C ILE B 200 8.35 1.24 37.99
N GLU B 201 8.30 1.14 39.32
CA GLU B 201 9.31 1.78 40.18
C GLU B 201 10.73 1.25 39.94
N PRO B 202 11.76 2.13 40.06
CA PRO B 202 13.16 1.68 39.97
C PRO B 202 13.50 0.48 40.85
N SER B 203 12.93 0.42 42.05
CA SER B 203 13.21 -0.69 42.96
C SER B 203 12.63 -2.02 42.47
N GLU B 204 11.59 -1.97 41.65
CA GLU B 204 11.10 -3.16 40.95
C GLU B 204 11.99 -3.49 39.73
N TRP B 205 12.28 -2.50 38.88
CA TRP B 205 13.24 -2.71 37.77
C TRP B 205 14.55 -3.36 38.24
N GLU B 206 15.08 -2.89 39.37
CA GLU B 206 16.34 -3.40 39.92
C GLU B 206 16.32 -4.92 40.06
N LYS B 207 15.20 -5.47 40.50
CA LYS B 207 15.02 -6.92 40.68
C LYS B 207 15.23 -7.70 39.38
N LEU B 208 14.84 -7.07 38.26
CA LEU B 208 14.91 -7.70 36.96
C LEU B 208 16.21 -7.37 36.22
N LEU B 209 16.75 -6.18 36.46
CA LEU B 209 17.79 -5.63 35.58
C LEU B 209 19.17 -5.48 36.21
N SER B 210 19.22 -5.58 37.53
CA SER B 210 20.50 -5.54 38.22
C SER B 210 21.15 -6.92 38.16
N PRO B 211 22.49 -6.98 37.97
CA PRO B 211 23.17 -8.28 37.98
C PRO B 211 22.93 -9.07 39.26
N GLY B 212 22.67 -8.38 40.37
CA GLY B 212 22.29 -9.04 41.61
C GLY B 212 20.80 -9.03 41.97
N GLY B 213 19.92 -8.66 41.04
CA GLY B 213 18.47 -8.59 41.34
C GLY B 213 17.82 -9.96 41.52
N SER B 214 16.82 -10.04 42.39
CA SER B 214 16.21 -11.34 42.74
C SER B 214 15.59 -12.11 41.58
N ILE B 215 15.16 -11.42 40.51
CA ILE B 215 14.64 -12.12 39.33
C ILE B 215 15.43 -11.71 38.08
N THR B 216 16.71 -11.40 38.26
CA THR B 216 17.51 -10.82 37.19
C THR B 216 17.49 -11.64 35.90
N ILE B 217 17.59 -10.97 34.76
CA ILE B 217 17.87 -11.66 33.51
C ILE B 217 19.34 -11.53 33.12
N ARG B 218 20.07 -10.71 33.86
CA ARG B 218 21.48 -10.49 33.54
C ARG B 218 22.23 -11.80 33.64
N ASN B 219 23.07 -12.06 32.65
CA ASN B 219 23.86 -13.30 32.59
C ASN B 219 23.04 -14.60 32.47
N THR B 220 21.80 -14.49 31.99
CA THR B 220 20.98 -15.67 31.66
C THR B 220 20.78 -15.75 30.16
N ALA B 221 20.20 -16.86 29.71
CA ALA B 221 19.84 -17.02 28.30
C ALA B 221 18.83 -15.97 27.82
N TYR B 222 18.25 -15.24 28.77
CA TYR B 222 17.16 -14.29 28.51
C TYR B 222 17.60 -12.81 28.65
N ASP B 223 18.91 -12.60 28.69
CA ASP B 223 19.44 -11.25 28.82
C ASP B 223 19.16 -10.45 27.55
N ALA B 224 19.06 -9.14 27.70
CA ALA B 224 18.75 -8.27 26.57
C ALA B 224 19.10 -6.83 26.88
N LEU B 225 19.23 -6.02 25.84
CA LEU B 225 19.37 -4.60 25.99
C LEU B 225 17.98 -4.05 26.25
N MET B 226 17.83 -3.39 27.38
CA MET B 226 16.54 -2.91 27.82
C MET B 226 16.62 -1.42 27.76
N ILE B 227 15.82 -0.86 26.85
CA ILE B 227 15.84 0.56 26.56
C ILE B 227 14.56 1.21 27.15
N GLY B 228 14.73 1.92 28.26
CA GLY B 228 13.63 2.59 28.96
C GLY B 228 13.24 3.94 28.36
N LEU B 229 12.04 4.40 28.70
CA LEU B 229 11.56 5.65 28.16
C LEU B 229 12.00 6.79 29.06
N TRP B 230 12.88 7.64 28.53
CA TRP B 230 13.27 8.88 29.17
C TRP B 230 12.23 9.94 28.85
N THR B 231 11.54 10.42 29.89
CA THR B 231 10.50 11.43 29.71
C THR B 231 10.90 12.84 30.21
N SER B 232 11.00 13.02 31.53
CA SER B 232 11.05 14.37 32.10
C SER B 232 12.50 14.85 32.38
N SER B 233 12.63 15.80 33.30
CA SER B 233 13.92 16.41 33.64
C SER B 233 14.99 15.40 33.98
N PRO B 234 16.25 15.71 33.63
CA PRO B 234 17.39 14.88 34.08
C PRO B 234 17.43 14.67 35.60
N THR B 235 16.98 15.65 36.38
CA THR B 235 16.95 15.48 37.86
C THR B 235 16.10 14.28 38.25
N VAL B 236 15.10 13.95 37.43
CA VAL B 236 14.29 12.73 37.63
C VAL B 236 14.85 11.52 36.86
N GLN B 237 15.14 11.70 35.57
CA GLN B 237 15.46 10.56 34.70
C GLN B 237 16.82 9.93 34.93
N ARG B 238 17.83 10.73 35.28
CA ARG B 238 19.17 10.17 35.55
C ARG B 238 19.14 9.15 36.66
N PRO B 239 18.63 9.51 37.86
CA PRO B 239 18.61 8.47 38.88
C PRO B 239 17.65 7.34 38.52
N PHE B 240 16.54 7.66 37.87
CA PHE B 240 15.65 6.59 37.40
C PHE B 240 16.39 5.54 36.57
N ILE B 241 17.05 5.98 35.49
CA ILE B 241 17.74 5.07 34.57
C ILE B 241 18.86 4.31 35.31
N LEU B 242 19.67 5.02 36.10
CA LEU B 242 20.71 4.36 36.89
C LEU B 242 20.17 3.30 37.85
N ASN B 243 19.19 3.67 38.68
CA ASN B 243 18.64 2.76 39.70
C ASN B 243 17.86 1.59 39.10
N ALA B 244 17.25 1.80 37.94
CA ALA B 244 16.50 0.73 37.28
C ALA B 244 17.39 -0.23 36.51
N HIS B 245 18.64 0.19 36.24
CA HIS B 245 19.60 -0.61 35.47
C HIS B 245 19.19 -0.90 34.00
N PHE B 246 18.51 0.04 33.35
CA PHE B 246 18.33 -0.03 31.90
C PHE B 246 19.69 0.10 31.22
N ASP B 247 19.83 -0.53 30.06
CA ASP B 247 21.06 -0.43 29.26
C ASP B 247 21.03 0.84 28.45
N GLY B 248 19.87 1.48 28.39
CA GLY B 248 19.72 2.68 27.58
C GLY B 248 18.36 3.30 27.67
N PHE B 249 18.13 4.30 26.83
CA PHE B 249 16.87 5.02 26.82
C PHE B 249 16.56 5.62 25.46
N TYR B 250 15.28 5.82 25.23
CA TYR B 250 14.77 6.46 24.04
C TYR B 250 13.74 7.50 24.49
N THR B 251 13.24 8.29 23.56
CA THR B 251 12.39 9.43 23.94
C THR B 251 10.96 9.36 23.39
N TYR B 252 10.77 8.52 22.36
CA TYR B 252 9.49 8.29 21.65
C TYR B 252 8.77 9.50 21.00
N PHE B 253 8.35 10.48 21.82
CA PHE B 253 7.42 11.50 21.35
C PHE B 253 7.92 12.24 20.12
N ALA B 254 7.07 12.28 19.10
CA ALA B 254 7.42 12.92 17.86
C ALA B 254 7.28 14.44 17.92
N ALA B 255 6.54 14.95 18.92
CA ALA B 255 6.26 16.40 19.04
C ALA B 255 7.32 17.07 19.90
N THR B 256 8.09 17.95 19.27
CA THR B 256 9.12 18.71 19.95
C THR B 256 8.56 19.50 21.14
N GLY B 257 9.23 19.38 22.27
CA GLY B 257 8.87 20.13 23.46
C GLY B 257 7.79 19.50 24.30
N PHE B 258 7.18 18.40 23.84
CA PHE B 258 6.19 17.73 24.65
C PHE B 258 6.79 17.25 25.99
N THR B 259 8.00 16.69 25.95
CA THR B 259 8.70 16.37 27.19
C THR B 259 10.10 16.94 27.07
N TYR B 260 10.83 16.90 28.18
CA TYR B 260 12.22 17.25 28.16
C TYR B 260 12.94 16.35 27.13
N GLY B 261 12.68 15.05 27.18
CA GLY B 261 13.34 14.10 26.31
C GLY B 261 13.07 14.32 24.83
N SER B 262 11.90 14.87 24.50
CA SER B 262 11.57 15.14 23.10
C SER B 262 11.81 16.60 22.71
N THR B 263 12.68 17.27 23.47
CA THR B 263 13.09 18.62 23.11
C THR B 263 14.52 18.42 22.57
N PRO B 264 14.69 18.46 21.24
CA PRO B 264 15.96 18.06 20.60
C PRO B 264 17.18 18.88 21.01
N THR B 265 16.98 20.11 21.48
CA THR B 265 18.11 20.92 21.99
C THR B 265 18.75 20.31 23.24
N ASN B 266 18.09 19.32 23.82
CA ASN B 266 18.63 18.65 24.99
C ASN B 266 19.43 17.42 24.62
N TRP B 267 19.40 17.04 23.36
CA TRP B 267 20.02 15.77 22.97
C TRP B 267 21.53 15.71 23.12
N VAL B 268 22.26 16.79 22.80
CA VAL B 268 23.71 16.68 23.03
C VAL B 268 24.05 16.41 24.49
N SER B 269 23.41 17.11 25.45
CA SER B 269 23.73 16.82 26.85
C SER B 269 23.22 15.45 27.31
N MET B 270 22.12 14.95 26.73
CA MET B 270 21.65 13.61 27.07
CA MET B 270 21.64 13.62 27.07
C MET B 270 22.62 12.56 26.55
N GLN B 271 23.16 12.77 25.35
CA GLN B 271 24.22 11.88 24.83
C GLN B 271 25.48 11.89 25.73
N LYS B 272 25.90 13.08 26.14
CA LYS B 272 27.06 13.22 27.03
C LYS B 272 26.88 12.39 28.30
N TRP B 273 25.73 12.54 28.94
CA TRP B 273 25.45 11.78 30.16
C TRP B 273 25.40 10.29 29.83
N ALA B 274 24.74 9.91 28.73
CA ALA B 274 24.68 8.52 28.30
C ALA B 274 26.11 7.93 28.16
N LYS B 275 26.97 8.64 27.44
CA LYS B 275 28.34 8.17 27.27
C LYS B 275 29.06 8.05 28.61
N GLU B 276 28.94 9.07 29.45
CA GLU B 276 29.58 9.02 30.77
C GLU B 276 29.13 7.84 31.61
N ASN B 277 27.92 7.36 31.37
CA ASN B 277 27.36 6.36 32.28
C ASN B 277 27.20 4.99 31.65
N GLY B 278 27.75 4.82 30.46
CA GLY B 278 27.69 3.51 29.79
C GLY B 278 26.29 3.13 29.34
N LYS B 279 25.47 4.14 29.00
CA LYS B 279 24.08 3.90 28.56
C LYS B 279 23.97 4.17 27.07
N ILE B 280 23.03 3.49 26.39
CA ILE B 280 22.80 3.66 24.96
C ILE B 280 21.64 4.63 24.76
N PHE B 281 21.90 5.75 24.10
CA PHE B 281 20.87 6.77 23.86
C PHE B 281 20.36 6.59 22.42
N ILE B 282 19.04 6.45 22.31
CA ILE B 282 18.36 6.24 21.04
C ILE B 282 17.27 7.28 20.92
N PRO B 283 17.65 8.52 20.50
CA PRO B 283 16.61 9.54 20.44
C PRO B 283 15.57 9.22 19.36
N SER B 284 14.33 9.64 19.59
CA SER B 284 13.27 9.44 18.60
C SER B 284 12.98 10.71 17.79
N VAL B 285 12.93 10.51 16.48
CA VAL B 285 12.69 11.59 15.52
CA VAL B 285 12.66 11.59 15.54
C VAL B 285 11.37 11.29 14.80
N GLY B 286 10.62 12.33 14.48
CA GLY B 286 9.38 12.10 13.71
C GLY B 286 9.08 13.24 12.75
N PRO B 287 8.21 12.97 11.78
CA PRO B 287 7.92 13.99 10.74
C PRO B 287 6.92 15.08 11.14
N GLY B 288 6.23 14.88 12.25
CA GLY B 288 5.21 15.80 12.72
C GLY B 288 4.35 15.11 13.77
N TYR B 289 3.28 15.78 14.20
CA TYR B 289 2.38 15.21 15.20
C TYR B 289 1.01 15.87 15.08
N ILE B 290 -0.04 15.05 15.09
CA ILE B 290 -1.41 15.55 15.26
C ILE B 290 -2.37 14.40 15.58
N ASP B 291 -3.03 14.51 16.73
CA ASP B 291 -3.95 13.45 17.17
C ASP B 291 -5.37 13.95 17.43
N THR B 292 -5.74 15.07 16.81
CA THR B 292 -6.98 15.76 17.17
C THR B 292 -8.26 15.05 16.75
N ARG B 293 -8.16 14.09 15.86
CA ARG B 293 -9.35 13.34 15.57
C ARG B 293 -9.77 12.47 16.77
N ILE B 294 -8.82 11.83 17.43
CA ILE B 294 -9.14 11.01 18.59
C ILE B 294 -9.04 11.83 19.89
N ARG B 295 -8.35 12.97 19.85
CA ARG B 295 -8.15 13.82 21.04
C ARG B 295 -8.38 15.30 20.66
N PRO B 296 -9.63 15.68 20.42
CA PRO B 296 -9.97 16.98 19.83
C PRO B 296 -9.47 18.16 20.69
N TRP B 297 -9.27 17.91 21.98
CA TRP B 297 -8.79 18.92 22.92
C TRP B 297 -7.24 19.09 22.93
N ASN B 298 -6.54 18.33 22.10
CA ASN B 298 -5.07 18.26 22.21
C ASN B 298 -4.34 19.07 21.13
N GLY B 299 -4.97 20.14 20.65
CA GLY B 299 -4.40 21.00 19.62
C GLY B 299 -3.05 21.59 19.95
N SER B 300 -2.74 21.77 21.22
CA SER B 300 -1.48 22.40 21.56
C SER B 300 -0.25 21.52 21.27
N VAL B 301 -0.44 20.21 21.07
CA VAL B 301 0.74 19.40 20.71
CA VAL B 301 0.67 19.30 20.73
C VAL B 301 0.87 19.15 19.21
N ILE B 302 -0.01 19.78 18.41
CA ILE B 302 0.12 19.73 16.95
C ILE B 302 1.49 20.31 16.52
N ARG B 303 2.20 19.61 15.63
CA ARG B 303 3.41 20.13 14.97
C ARG B 303 3.23 19.83 13.50
N THR B 304 3.08 20.89 12.70
CA THR B 304 2.85 20.78 11.28
C THR B 304 4.10 20.27 10.57
N ARG B 305 3.93 19.56 9.48
CA ARG B 305 5.06 18.93 8.78
C ARG B 305 5.89 19.94 7.99
N THR B 306 5.23 21.04 7.58
CA THR B 306 5.80 22.11 6.73
C THR B 306 6.64 21.58 5.57
N ASP B 307 6.03 20.73 4.75
CA ASP B 307 6.65 20.13 3.56
C ASP B 307 7.93 19.35 3.81
N GLY B 308 8.14 18.91 5.04
CA GLY B 308 9.30 18.07 5.35
C GLY B 308 10.27 18.81 6.25
N GLN B 309 10.10 20.11 6.32
CA GLN B 309 11.03 20.95 7.08
C GLN B 309 11.12 20.53 8.57
N TYR B 310 9.98 20.18 9.19
CA TYR B 310 10.00 19.73 10.60
C TYR B 310 10.86 18.46 10.78
N TYR B 311 10.65 17.47 9.90
CA TYR B 311 11.37 16.20 9.96
C TYR B 311 12.86 16.44 9.78
N ASP B 312 13.20 17.27 8.79
CA ASP B 312 14.62 17.59 8.50
C ASP B 312 15.29 18.20 9.72
N ALA B 313 14.62 19.13 10.38
CA ALA B 313 15.20 19.76 11.59
C ALA B 313 15.45 18.75 12.71
N MET B 314 14.48 17.87 12.94
CA MET B 314 14.58 16.94 14.07
C MET B 314 15.65 15.87 13.80
N TYR B 315 15.64 15.32 12.57
CA TYR B 315 16.61 14.28 12.19
C TYR B 315 18.04 14.80 12.28
N ARG B 316 18.24 16.01 11.75
CA ARG B 316 19.52 16.69 11.83
C ARG B 316 20.00 16.81 13.29
N LYS B 317 19.12 17.22 14.20
CA LYS B 317 19.48 17.29 15.62
C LYS B 317 19.92 15.94 16.21
N ALA B 318 19.25 14.85 15.82
CA ALA B 318 19.67 13.54 16.30
C ALA B 318 21.08 13.20 15.78
N ILE B 319 21.31 13.44 14.50
CA ILE B 319 22.62 13.19 13.91
C ILE B 319 23.70 14.04 14.60
N GLU B 320 23.45 15.33 14.76
CA GLU B 320 24.41 16.24 15.41
C GLU B 320 24.71 15.86 16.86
N ALA B 321 23.76 15.22 17.55
CA ALA B 321 23.98 14.83 18.94
C ALA B 321 25.03 13.72 19.07
N GLY B 322 25.43 13.12 17.94
CA GLY B 322 26.49 12.11 17.92
C GLY B 322 26.06 10.80 18.55
N VAL B 323 24.80 10.42 18.34
CA VAL B 323 24.27 9.18 18.88
C VAL B 323 24.66 7.99 18.02
N SER B 324 24.64 6.81 18.60
CA SER B 324 25.00 5.60 17.85
C SER B 324 23.76 4.86 17.28
N ALA B 325 22.57 5.34 17.61
CA ALA B 325 21.35 4.72 17.12
C ALA B 325 20.23 5.74 17.11
N ILE B 326 19.29 5.57 16.20
CA ILE B 326 18.16 6.48 16.07
C ILE B 326 16.85 5.69 16.00
N SER B 327 15.80 6.19 16.64
CA SER B 327 14.48 5.61 16.42
C SER B 327 13.55 6.61 15.73
N ILE B 328 12.61 6.07 14.97
CA ILE B 328 11.69 6.87 14.18
C ILE B 328 10.24 6.68 14.62
N THR B 329 9.63 7.76 15.09
CA THR B 329 8.22 7.76 15.46
C THR B 329 7.43 8.48 14.39
N SER B 330 6.79 7.76 13.46
CA SER B 330 6.62 6.30 13.54
C SER B 330 6.51 5.82 12.12
N PHE B 331 6.46 4.50 11.91
CA PHE B 331 6.04 4.03 10.60
C PHE B 331 4.55 4.32 10.36
N ASN B 332 3.69 3.91 11.29
CA ASN B 332 2.25 3.88 11.03
C ASN B 332 1.41 4.06 12.30
N GLU B 333 1.78 4.99 13.17
CA GLU B 333 0.85 5.41 14.23
C GLU B 333 -0.05 6.47 13.61
N TRP B 334 -1.04 6.03 12.83
CA TRP B 334 -1.95 6.93 12.12
C TRP B 334 -2.77 7.83 13.08
N HIS B 335 -3.04 7.36 14.30
CA HIS B 335 -3.88 8.11 15.23
C HIS B 335 -3.17 9.40 15.67
N GLU B 336 -1.85 9.36 15.63
CA GLU B 336 -1.04 10.43 16.17
C GLU B 336 -0.31 11.26 15.10
N GLY B 337 -0.55 10.97 13.81
CA GLY B 337 -0.10 11.83 12.73
C GLY B 337 1.42 11.90 12.63
N SER B 338 2.10 10.89 13.19
CA SER B 338 3.56 10.79 13.15
C SER B 338 4.07 9.84 12.04
N GLN B 339 3.17 9.28 11.23
CA GLN B 339 3.52 8.18 10.32
C GLN B 339 4.40 8.67 9.17
N ILE B 340 5.38 7.85 8.79
CA ILE B 340 6.08 8.09 7.51
C ILE B 340 5.51 7.26 6.36
N GLU B 341 4.69 6.25 6.67
CA GLU B 341 3.95 5.49 5.67
C GLU B 341 3.18 6.44 4.74
N PRO B 342 3.13 6.14 3.42
CA PRO B 342 2.47 7.01 2.45
C PRO B 342 1.01 7.31 2.74
N ALA B 343 0.66 8.58 2.57
CA ALA B 343 -0.69 9.09 2.80
C ALA B 343 -1.12 9.80 1.53
N VAL B 344 -2.42 9.83 1.27
CA VAL B 344 -2.97 10.44 0.05
C VAL B 344 -3.95 11.58 0.36
N PRO B 345 -4.06 12.58 -0.56
CA PRO B 345 -5.10 13.58 -0.39
C PRO B 345 -6.49 12.94 -0.37
N TYR B 346 -7.36 13.41 0.53
CA TYR B 346 -8.72 12.89 0.60
C TYR B 346 -9.61 13.82 1.41
N THR B 347 -10.81 14.03 0.88
CA THR B 347 -11.84 14.85 1.49
C THR B 347 -13.12 14.05 1.38
N SER B 348 -13.79 13.83 2.50
CA SER B 348 -15.09 13.16 2.50
C SER B 348 -16.10 14.14 3.08
N SER B 349 -17.37 13.77 3.01
CA SER B 349 -18.44 14.55 3.64
C SER B 349 -18.20 14.74 5.15
N GLU B 350 -17.36 13.89 5.75
CA GLU B 350 -17.12 13.93 7.21
C GLU B 350 -15.89 14.76 7.60
N PHE B 351 -14.89 14.83 6.73
CA PHE B 351 -13.58 15.36 7.13
C PHE B 351 -12.70 15.71 5.92
N THR B 352 -11.96 16.81 6.04
CA THR B 352 -10.88 17.12 5.10
C THR B 352 -9.58 16.64 5.73
N TYR B 353 -9.03 15.56 5.17
CA TYR B 353 -7.82 14.97 5.75
C TYR B 353 -6.62 15.82 5.37
N LEU B 354 -5.65 15.86 6.27
CA LEU B 354 -4.34 16.43 5.95
C LEU B 354 -3.68 15.50 4.98
N ASP B 355 -2.68 16.02 4.26
CA ASP B 355 -1.90 15.18 3.38
C ASP B 355 -0.46 15.69 3.31
N TYR B 356 0.34 15.15 2.39
CA TYR B 356 1.75 15.52 2.34
C TYR B 356 2.07 16.79 1.52
N GLU B 357 1.04 17.58 1.23
CA GLU B 357 1.19 18.95 0.71
C GLU B 357 1.92 18.93 -0.62
N ASN B 358 3.08 19.56 -0.69
CA ASN B 358 3.83 19.68 -1.95
C ASN B 358 4.83 18.55 -2.16
N ARG B 359 4.47 17.36 -1.67
CA ARG B 359 5.31 16.16 -1.72
C ARG B 359 4.47 14.98 -2.13
N GLU B 360 5.13 13.99 -2.73
CA GLU B 360 4.51 12.73 -3.08
C GLU B 360 4.15 11.92 -1.83
N PRO B 361 3.15 11.02 -1.93
CA PRO B 361 2.82 10.09 -0.84
C PRO B 361 4.04 9.38 -0.23
N ASP B 362 5.03 9.03 -1.05
CA ASP B 362 6.18 8.28 -0.53
C ASP B 362 7.37 9.17 -0.11
N TYR B 363 7.13 10.48 0.02
CA TYR B 363 8.24 11.38 0.30
C TYR B 363 8.91 11.13 1.64
N TYR B 364 8.12 10.80 2.67
CA TYR B 364 8.69 10.60 4.02
C TYR B 364 9.56 9.33 4.08
N LEU B 365 9.26 8.37 3.21
CA LEU B 365 10.11 7.18 3.05
C LEU B 365 11.45 7.54 2.38
N THR B 366 11.39 8.22 1.24
CA THR B 366 12.64 8.58 0.54
C THR B 366 13.46 9.60 1.36
N ARG B 367 12.79 10.47 2.10
CA ARG B 367 13.48 11.47 2.93
C ARG B 367 14.15 10.80 4.14
N THR B 368 13.48 9.76 4.69
CA THR B 368 14.09 8.92 5.71
C THR B 368 15.39 8.32 5.19
N ALA B 369 15.35 7.77 3.98
CA ALA B 369 16.55 7.16 3.38
C ALA B 369 17.69 8.17 3.28
N TYR B 370 17.36 9.41 2.90
CA TYR B 370 18.34 10.51 2.82
C TYR B 370 19.02 10.72 4.19
N TRP B 371 18.21 10.80 5.25
CA TRP B 371 18.75 11.01 6.58
C TRP B 371 19.49 9.79 7.15
N VAL B 372 19.05 8.59 6.81
CA VAL B 372 19.79 7.40 7.22
C VAL B 372 21.18 7.45 6.59
N GLY B 373 21.26 7.79 5.30
CA GLY B 373 22.56 8.03 4.62
C GLY B 373 23.46 9.00 5.37
N LYS B 374 22.90 10.15 5.74
CA LYS B 374 23.64 11.15 6.52
C LYS B 374 24.12 10.63 7.87
N PHE B 375 23.24 9.88 8.54
CA PHE B 375 23.56 9.34 9.86
C PHE B 375 24.72 8.36 9.73
N ARG B 376 24.71 7.55 8.67
CA ARG B 376 25.71 6.50 8.49
C ARG B 376 27.09 7.13 8.20
N GLU B 377 27.10 8.29 7.55
CA GLU B 377 28.34 8.95 7.21
C GLU B 377 29.12 9.37 8.44
N SER B 378 28.41 9.66 9.54
CA SER B 378 29.10 10.10 10.75
C SER B 378 28.89 9.23 11.97
N LYS B 379 28.21 8.09 11.81
CA LYS B 379 27.90 7.17 12.91
C LYS B 379 29.21 6.77 13.63
N GLN B 380 29.26 6.90 14.94
CA GLN B 380 30.44 6.42 15.69
C GLN B 380 30.08 5.21 16.56
N GLU C 36 7.84 11.90 -19.53
CA GLU C 36 7.52 12.55 -20.84
C GLU C 36 7.78 14.06 -20.78
N LEU C 37 8.43 14.55 -21.83
CA LEU C 37 8.81 15.95 -21.93
C LEU C 37 7.58 16.84 -22.09
N ASP C 38 7.62 18.03 -21.48
CA ASP C 38 6.61 19.03 -21.76
C ASP C 38 7.14 20.09 -22.74
N TYR C 39 6.47 20.23 -23.87
CA TYR C 39 6.95 21.11 -24.93
C TYR C 39 6.40 22.54 -24.81
N ASP C 40 5.76 22.86 -23.69
CA ASP C 40 5.43 24.24 -23.36
C ASP C 40 6.29 24.72 -22.19
N THR C 41 7.37 23.98 -21.91
CA THR C 41 8.30 24.36 -20.87
C THR C 41 9.67 24.61 -21.54
N PHE C 42 10.16 25.83 -21.38
CA PHE C 42 11.36 26.32 -22.06
C PHE C 42 12.38 26.57 -20.97
N CYS C 43 13.57 26.02 -21.09
CA CYS C 43 14.61 26.18 -20.08
C CYS C 43 15.84 26.89 -20.71
N PHE C 44 16.21 28.05 -20.17
CA PHE C 44 17.27 28.88 -20.80
C PHE C 44 18.64 28.26 -20.58
N TYR C 45 19.35 28.07 -21.70
CA TYR C 45 20.56 27.29 -21.74
C TYR C 45 21.70 28.12 -22.33
N TYR C 46 22.88 27.97 -21.74
CA TYR C 46 24.03 28.79 -22.12
C TYR C 46 25.12 27.87 -22.61
N ASP C 47 25.64 28.16 -23.81
CA ASP C 47 26.65 27.32 -24.49
C ASP C 47 27.98 28.03 -24.52
N TRP C 48 28.22 28.90 -23.55
CA TRP C 48 29.39 29.78 -23.63
C TRP C 48 30.56 29.36 -22.74
N TYR C 49 30.48 28.16 -22.16
CA TYR C 49 31.55 27.67 -21.29
C TYR C 49 32.68 26.98 -22.08
N GLY C 50 33.91 27.17 -21.65
CA GLY C 50 35.04 26.50 -22.31
C GLY C 50 35.95 25.85 -21.28
N SER C 51 36.72 24.86 -21.71
CA SER C 51 37.77 24.25 -20.85
C SER C 51 39.12 24.41 -21.54
N GLU C 52 40.20 24.41 -20.78
CA GLU C 52 41.54 24.35 -21.39
C GLU C 52 41.75 23.08 -22.21
N ALA C 53 41.11 21.99 -21.81
CA ALA C 53 41.29 20.68 -22.46
C ALA C 53 40.77 20.64 -23.88
N ILE C 54 39.73 21.43 -24.16
CA ILE C 54 39.05 21.43 -25.46
C ILE C 54 39.19 22.78 -26.16
N ASP C 55 38.78 23.84 -25.49
CA ASP C 55 38.80 25.18 -26.08
C ASP C 55 40.15 25.87 -26.02
N GLY C 56 40.95 25.55 -25.01
CA GLY C 56 42.21 26.22 -24.84
C GLY C 56 42.15 27.26 -23.74
N GLN C 57 40.96 27.54 -23.23
CA GLN C 57 40.82 28.49 -22.13
C GLN C 57 39.53 28.18 -21.34
N TYR C 58 39.52 28.54 -20.07
CA TYR C 58 38.35 28.32 -19.24
C TYR C 58 37.32 29.44 -19.44
N ARG C 59 36.78 29.49 -20.65
CA ARG C 59 35.89 30.57 -21.05
C ARG C 59 34.65 30.61 -20.12
N HIS C 60 34.34 31.82 -19.68
CA HIS C 60 33.22 32.09 -18.78
C HIS C 60 33.42 31.62 -17.34
N TRP C 61 34.05 30.46 -17.11
CA TRP C 61 34.44 30.12 -15.73
C TRP C 61 35.41 31.17 -15.19
N ALA C 62 36.27 31.69 -16.09
CA ALA C 62 37.02 32.93 -15.89
C ALA C 62 36.13 34.09 -16.36
N HIS C 63 36.02 35.16 -15.57
CA HIS C 63 35.07 36.26 -15.88
C HIS C 63 35.51 37.53 -15.17
N ALA C 64 35.41 38.65 -15.88
CA ALA C 64 35.71 39.92 -15.28
C ALA C 64 34.67 40.23 -14.22
N ILE C 65 35.11 40.92 -13.18
CA ILE C 65 34.24 41.39 -12.10
C ILE C 65 33.71 42.76 -12.53
N ALA C 66 32.41 42.97 -12.39
CA ALA C 66 31.78 44.21 -12.86
C ALA C 66 32.03 45.37 -11.91
N PRO C 67 32.29 46.57 -12.45
CA PRO C 67 32.39 47.73 -11.56
C PRO C 67 31.03 48.02 -10.94
N ASP C 68 31.04 48.71 -9.81
CA ASP C 68 29.84 49.17 -9.11
C ASP C 68 29.26 50.36 -9.87
N PRO C 69 27.99 50.28 -10.30
CA PRO C 69 27.42 51.41 -11.08
C PRO C 69 27.27 52.71 -10.27
N ASN C 70 27.31 52.61 -8.94
CA ASN C 70 27.28 53.78 -8.07
C ASN C 70 28.66 54.18 -7.60
N GLY C 71 29.69 53.47 -8.04
CA GLY C 71 31.06 53.80 -7.66
C GLY C 71 31.61 54.88 -8.58
N GLY C 72 32.90 55.16 -8.49
CA GLY C 72 33.43 56.19 -9.39
C GLY C 72 33.55 55.75 -10.85
N SER C 73 33.97 56.71 -11.67
CA SER C 73 34.73 56.39 -12.88
C SER C 73 36.07 55.77 -12.39
N GLY C 74 36.75 55.04 -13.26
CA GLY C 74 38.12 54.58 -12.96
C GLY C 74 38.30 53.42 -11.97
N GLN C 75 37.24 52.63 -11.71
CA GLN C 75 37.37 51.50 -10.77
C GLN C 75 38.23 50.39 -11.38
N ASN C 76 38.91 49.62 -10.56
CA ASN C 76 39.55 48.43 -11.12
C ASN C 76 39.16 47.13 -10.40
N PRO C 77 38.01 46.57 -10.79
CA PRO C 77 37.41 45.48 -10.04
C PRO C 77 38.15 44.14 -10.14
N GLY C 78 38.98 43.95 -11.15
CA GLY C 78 39.70 42.68 -11.29
C GLY C 78 38.88 41.62 -12.01
N THR C 79 39.36 40.38 -11.93
CA THR C 79 38.78 39.28 -12.70
C THR C 79 38.81 37.98 -11.89
N ILE C 80 37.90 37.08 -12.19
CA ILE C 80 37.93 35.76 -11.61
C ILE C 80 38.69 34.87 -12.62
N PRO C 81 39.73 34.13 -12.14
CA PRO C 81 40.63 33.50 -13.13
C PRO C 81 40.12 32.19 -13.71
N GLY C 82 39.07 31.61 -13.13
CA GLY C 82 38.54 30.36 -13.68
C GLY C 82 39.45 29.15 -13.41
N THR C 83 40.23 29.22 -12.33
CA THR C 83 40.97 28.04 -11.83
C THR C 83 39.96 27.08 -11.15
N GLN C 84 40.39 25.87 -10.82
CA GLN C 84 39.51 24.98 -10.06
C GLN C 84 39.03 25.68 -8.79
N GLU C 85 39.92 26.40 -8.12
CA GLU C 85 39.60 27.08 -6.87
C GLU C 85 38.66 28.29 -6.97
N SER C 86 38.75 29.02 -8.08
CA SER C 86 38.07 30.31 -8.22
C SER C 86 37.38 30.43 -9.57
N ILE C 87 36.09 30.14 -9.57
CA ILE C 87 35.28 30.19 -10.78
C ILE C 87 34.23 31.31 -10.65
N ALA C 88 33.67 31.74 -11.78
CA ALA C 88 32.76 32.87 -11.81
C ALA C 88 31.32 32.47 -11.49
N SER C 89 31.13 31.95 -10.29
CA SER C 89 29.82 31.48 -9.83
C SER C 89 29.91 31.37 -8.32
N ASN C 90 28.78 31.61 -7.65
CA ASN C 90 28.68 31.36 -6.22
C ASN C 90 28.42 29.87 -5.92
N PHE C 91 28.07 29.09 -6.94
CA PHE C 91 27.89 27.62 -6.81
C PHE C 91 28.99 26.91 -7.63
N TYR C 92 29.00 25.58 -7.60
CA TYR C 92 30.03 24.84 -8.31
C TYR C 92 29.40 23.67 -9.04
N PRO C 93 29.64 23.55 -10.35
CA PRO C 93 29.01 22.48 -11.15
C PRO C 93 29.52 21.11 -10.81
N GLN C 94 28.60 20.17 -10.70
CA GLN C 94 28.98 18.78 -10.52
C GLN C 94 29.86 18.31 -11.68
N LEU C 95 29.62 18.87 -12.86
CA LEU C 95 30.43 18.54 -14.02
C LEU C 95 31.75 19.31 -14.11
N GLY C 96 32.05 20.15 -13.12
CA GLY C 96 33.29 20.90 -13.14
C GLY C 96 33.27 22.03 -14.17
N ARG C 97 34.46 22.51 -14.51
CA ARG C 97 34.61 23.62 -15.46
C ARG C 97 34.56 23.04 -16.87
N TYR C 98 33.35 22.72 -17.29
CA TYR C 98 33.17 21.98 -18.52
C TYR C 98 33.24 22.85 -19.76
N SER C 99 33.41 22.19 -20.90
CA SER C 99 33.29 22.84 -22.18
C SER C 99 31.93 22.56 -22.78
N SER C 100 31.28 23.62 -23.26
CA SER C 100 29.98 23.52 -23.92
C SER C 100 30.04 22.80 -25.27
N SER C 101 31.25 22.62 -25.80
CA SER C 101 31.40 21.88 -27.06
C SER C 101 31.77 20.43 -26.84
N ASP C 102 31.91 20.01 -25.59
CA ASP C 102 32.28 18.63 -25.25
C ASP C 102 31.10 17.67 -25.52
N PRO C 103 31.26 16.72 -26.48
CA PRO C 103 30.16 15.78 -26.75
C PRO C 103 29.67 15.02 -25.52
N ASN C 104 30.57 14.69 -24.59
CA ASN C 104 30.19 14.01 -23.36
C ASN C 104 29.35 14.88 -22.43
N ILE C 105 29.64 16.18 -22.42
CA ILE C 105 28.81 17.13 -21.64
C ILE C 105 27.43 17.28 -22.27
N LEU C 106 27.40 17.33 -23.60
CA LEU C 106 26.12 17.51 -24.29
C LEU C 106 25.18 16.36 -23.99
N THR C 107 25.68 15.12 -24.02
CA THR C 107 24.81 13.97 -23.72
C THR C 107 24.31 13.99 -22.27
N LYS C 108 25.21 14.35 -21.33
CA LYS C 108 24.82 14.51 -19.93
C LYS C 108 23.75 15.59 -19.75
N HIS C 109 23.93 16.73 -20.40
CA HIS C 109 22.95 17.80 -20.31
C HIS C 109 21.58 17.38 -20.84
N MET C 110 21.55 16.69 -21.98
CA MET C 110 20.26 16.21 -22.53
C MET C 110 19.57 15.23 -21.61
N ASP C 111 20.32 14.31 -20.99
CA ASP C 111 19.71 13.44 -19.97
C ASP C 111 19.18 14.27 -18.79
N MET C 112 19.87 15.35 -18.45
CA MET C 112 19.34 16.24 -17.39
C MET C 112 17.99 16.89 -17.76
N PHE C 113 17.86 17.31 -19.02
CA PHE C 113 16.60 17.88 -19.51
C PHE C 113 15.49 16.83 -19.46
N VAL C 114 15.82 15.59 -19.82
CA VAL C 114 14.85 14.47 -19.69
C VAL C 114 14.43 14.30 -18.24
N MET C 115 15.39 14.26 -17.32
CA MET C 115 15.07 14.16 -15.90
C MET C 115 14.14 15.33 -15.45
N ALA C 116 14.38 16.54 -15.94
CA ALA C 116 13.59 17.72 -15.55
C ALA C 116 12.20 17.80 -16.22
N ARG C 117 11.95 16.95 -17.22
CA ARG C 117 10.77 16.96 -18.09
C ARG C 117 10.61 18.23 -18.95
N THR C 118 11.73 18.92 -19.18
CA THR C 118 11.74 20.18 -19.92
C THR C 118 12.02 19.92 -21.40
N GLY C 119 11.00 20.13 -22.22
CA GLY C 119 11.04 19.69 -23.60
C GLY C 119 11.71 20.66 -24.54
N VAL C 120 11.92 21.91 -24.10
CA VAL C 120 12.50 22.93 -24.96
C VAL C 120 13.72 23.61 -24.33
N LEU C 121 14.81 23.55 -25.07
CA LEU C 121 16.06 24.19 -24.69
C LEU C 121 16.10 25.53 -25.41
N ALA C 122 16.08 26.61 -24.64
CA ALA C 122 16.11 27.94 -25.22
C ALA C 122 17.57 28.40 -25.24
N LEU C 123 18.18 28.27 -26.40
CA LEU C 123 19.64 28.42 -26.54
C LEU C 123 20.11 29.87 -26.69
N THR C 124 20.92 30.35 -25.75
CA THR C 124 21.54 31.70 -25.86
C THR C 124 22.19 31.83 -27.25
N TRP C 125 21.92 32.93 -27.94
CA TRP C 125 22.48 33.09 -29.28
C TRP C 125 23.03 34.52 -29.46
N TRP C 126 24.35 34.61 -29.63
CA TRP C 126 25.07 35.88 -29.58
C TRP C 126 25.61 36.41 -30.90
N ASN C 127 25.34 35.71 -32.00
CA ASN C 127 25.80 36.17 -33.33
C ASN C 127 27.31 36.40 -33.35
N GLU C 128 28.03 35.39 -32.88
CA GLU C 128 29.45 35.40 -32.70
C GLU C 128 30.25 35.66 -34.00
N GLN C 129 29.72 35.25 -35.13
CA GLN C 129 30.45 35.37 -36.42
C GLN C 129 31.91 34.89 -36.30
N ASP C 130 32.05 33.61 -35.97
CA ASP C 130 33.38 33.05 -35.78
C ASP C 130 33.43 31.70 -36.49
N GLU C 131 34.41 30.89 -36.13
CA GLU C 131 34.63 29.62 -36.77
C GLU C 131 34.04 28.42 -36.03
N THR C 132 33.48 28.62 -34.82
CA THR C 132 33.03 27.50 -33.99
C THR C 132 31.54 27.49 -33.64
N GLU C 133 30.89 28.66 -33.64
CA GLU C 133 29.51 28.81 -33.19
C GLU C 133 28.56 27.89 -33.97
N ALA C 134 28.66 27.90 -35.29
CA ALA C 134 27.78 27.10 -36.15
C ALA C 134 27.90 25.61 -35.83
N LYS C 135 29.13 25.14 -35.67
CA LYS C 135 29.35 23.72 -35.38
C LYS C 135 28.83 23.35 -33.97
N ARG C 136 29.05 24.21 -32.98
CA ARG C 136 28.49 23.99 -31.65
C ARG C 136 26.95 23.92 -31.65
N ILE C 137 26.30 24.84 -32.37
CA ILE C 137 24.86 24.82 -32.47
C ILE C 137 24.40 23.50 -33.11
N GLY C 138 25.07 23.11 -34.19
CA GLY C 138 24.82 21.78 -34.82
C GLY C 138 24.93 20.61 -33.85
N LEU C 139 25.95 20.63 -33.00
CA LEU C 139 26.14 19.56 -32.02
C LEU C 139 25.02 19.54 -30.97
N ILE C 140 24.62 20.73 -30.54
CA ILE C 140 23.51 20.88 -29.61
C ILE C 140 22.22 20.32 -30.18
N LEU C 141 21.87 20.70 -31.40
CA LEU C 141 20.65 20.18 -32.03
C LEU C 141 20.69 18.66 -32.13
N ASP C 142 21.83 18.11 -32.56
CA ASP C 142 21.98 16.65 -32.71
C ASP C 142 21.76 15.93 -31.39
N ALA C 143 22.41 16.41 -30.33
CA ALA C 143 22.29 15.75 -29.02
C ALA C 143 20.87 15.91 -28.48
N ALA C 144 20.24 17.05 -28.75
CA ALA C 144 18.89 17.29 -28.25
C ALA C 144 17.93 16.30 -28.91
N ASP C 145 18.07 16.11 -30.21
CA ASP C 145 17.17 15.22 -30.95
C ASP C 145 17.23 13.77 -30.50
N LYS C 146 18.41 13.32 -30.07
CA LYS C 146 18.53 11.95 -29.56
C LYS C 146 17.59 11.68 -28.37
N LYS C 147 17.23 12.73 -27.61
CA LYS C 147 16.32 12.58 -26.47
C LYS C 147 14.97 13.26 -26.69
N LYS C 148 14.67 13.61 -27.95
CA LYS C 148 13.41 14.27 -28.34
C LYS C 148 13.23 15.68 -27.75
N ILE C 149 14.34 16.32 -27.38
CA ILE C 149 14.32 17.71 -26.90
C ILE C 149 14.28 18.64 -28.11
N LYS C 150 13.52 19.73 -27.99
CA LYS C 150 13.50 20.76 -29.03
C LYS C 150 14.38 21.93 -28.65
N VAL C 151 14.82 22.68 -29.66
CA VAL C 151 15.70 23.84 -29.47
C VAL C 151 15.09 25.08 -30.13
N CYS C 152 14.93 26.16 -29.36
CA CYS C 152 14.67 27.50 -29.94
C CYS C 152 15.79 28.44 -29.53
N PHE C 153 15.85 29.60 -30.20
CA PHE C 153 16.93 30.54 -29.95
C PHE C 153 16.50 31.70 -29.05
N HIS C 154 17.40 32.05 -28.12
CA HIS C 154 17.25 33.18 -27.22
C HIS C 154 18.17 34.27 -27.78
N LEU C 155 17.57 35.25 -28.45
CA LEU C 155 18.31 36.23 -29.23
C LEU C 155 18.82 37.31 -28.32
N GLU C 156 20.13 37.30 -28.11
CA GLU C 156 20.81 38.16 -27.15
C GLU C 156 21.20 39.51 -27.74
N PRO C 157 21.47 40.50 -26.88
CA PRO C 157 21.78 41.82 -27.38
C PRO C 157 23.25 41.93 -27.79
N TYR C 158 23.62 41.29 -28.91
CA TYR C 158 24.95 41.49 -29.46
C TYR C 158 25.14 42.99 -29.84
N PRO C 159 26.37 43.50 -29.74
CA PRO C 159 26.56 44.96 -29.71
C PRO C 159 25.96 45.71 -30.89
N SER C 160 26.03 45.12 -32.08
CA SER C 160 25.57 45.78 -33.29
C SER C 160 24.10 45.51 -33.60
N ARG C 161 23.40 44.80 -32.72
CA ARG C 161 21.99 44.47 -32.98
C ARG C 161 21.10 45.68 -33.31
N ASN C 162 20.34 45.56 -34.39
CA ASN C 162 19.20 46.46 -34.73
C ASN C 162 18.20 45.61 -35.51
N VAL C 163 17.07 46.16 -35.96
CA VAL C 163 16.04 45.28 -36.59
C VAL C 163 16.45 44.73 -37.93
N GLN C 164 17.26 45.49 -38.67
CA GLN C 164 17.72 45.06 -40.00
C GLN C 164 18.64 43.86 -39.90
N ASN C 165 19.67 43.92 -39.04
CA ASN C 165 20.51 42.72 -38.92
C ASN C 165 19.84 41.60 -38.10
N LEU C 166 18.87 41.94 -37.26
CA LEU C 166 18.13 40.88 -36.58
C LEU C 166 17.35 40.07 -37.61
N ARG C 167 16.70 40.78 -38.54
CA ARG C 167 16.01 40.13 -39.64
C ARG C 167 16.93 39.19 -40.41
N GLU C 168 18.11 39.69 -40.76
CA GLU C 168 19.11 38.88 -41.47
C GLU C 168 19.45 37.62 -40.70
N ASN C 169 19.62 37.76 -39.39
CA ASN C 169 19.92 36.62 -38.54
C ASN C 169 18.77 35.63 -38.36
N ILE C 170 17.55 36.12 -38.25
CA ILE C 170 16.38 35.22 -38.20
C ILE C 170 16.29 34.40 -39.49
N VAL C 171 16.34 35.07 -40.63
CA VAL C 171 16.38 34.38 -41.92
C VAL C 171 17.50 33.33 -41.92
N LYS C 172 18.71 33.71 -41.50
CA LYS C 172 19.83 32.76 -41.49
C LYS C 172 19.59 31.55 -40.62
N LEU C 173 19.08 31.77 -39.41
CA LEU C 173 18.83 30.69 -38.46
C LEU C 173 17.75 29.73 -38.94
N ILE C 174 16.64 30.28 -39.43
CA ILE C 174 15.57 29.46 -40.02
C ILE C 174 16.10 28.71 -41.26
N THR C 175 16.91 29.37 -42.08
CA THR C 175 17.42 28.74 -43.29
C THR C 175 18.34 27.58 -42.91
N ARG C 176 19.23 27.81 -41.96
CA ARG C 176 20.22 26.83 -41.62
C ARG C 176 19.69 25.68 -40.74
N TYR C 177 18.82 25.99 -39.77
CA TYR C 177 18.41 24.97 -38.81
C TYR C 177 16.94 24.56 -38.88
N GLY C 178 16.17 25.28 -39.69
CA GLY C 178 14.72 25.08 -39.78
C GLY C 178 14.28 23.67 -40.13
N ASN C 179 15.11 22.92 -40.84
CA ASN C 179 14.78 21.54 -41.17
C ASN C 179 15.39 20.53 -40.23
N HIS C 180 16.09 20.99 -39.19
CA HIS C 180 16.59 20.04 -38.20
C HIS C 180 15.42 19.49 -37.41
N PRO C 181 15.37 18.15 -37.18
CA PRO C 181 14.26 17.58 -36.43
C PRO C 181 14.12 18.08 -34.98
N ALA C 182 15.18 18.65 -34.38
CA ALA C 182 15.06 19.23 -33.02
C ALA C 182 14.60 20.69 -33.02
N PHE C 183 14.58 21.32 -34.19
CA PHE C 183 14.16 22.72 -34.34
C PHE C 183 12.73 22.90 -33.83
N TYR C 184 12.57 23.76 -32.84
CA TYR C 184 11.28 23.96 -32.20
C TYR C 184 10.27 24.63 -33.11
N ARG C 185 9.04 24.14 -33.08
CA ARG C 185 7.92 24.81 -33.77
C ARG C 185 6.66 24.73 -32.93
N LYS C 186 5.90 25.83 -32.90
CA LYS C 186 4.57 25.84 -32.28
C LYS C 186 3.57 26.05 -33.41
N ASP C 187 2.70 25.06 -33.63
CA ASP C 187 1.73 25.06 -34.72
C ASP C 187 2.39 25.51 -36.02
N GLY C 188 3.53 24.91 -36.33
CA GLY C 188 4.25 25.22 -37.57
C GLY C 188 5.18 26.42 -37.53
N LYS C 189 5.12 27.22 -36.46
CA LYS C 189 5.95 28.44 -36.38
C LYS C 189 7.19 28.32 -35.51
N PRO C 190 8.35 28.81 -35.99
CA PRO C 190 9.49 28.98 -35.09
C PRO C 190 9.11 29.94 -33.95
N LEU C 191 9.89 29.93 -32.88
CA LEU C 191 9.68 30.85 -31.78
C LEU C 191 11.03 31.36 -31.32
N PHE C 192 11.13 32.67 -31.10
CA PHE C 192 12.34 33.28 -30.58
C PHE C 192 12.04 34.08 -29.30
N PHE C 193 12.91 33.98 -28.30
CA PHE C 193 12.88 34.91 -27.17
C PHE C 193 13.81 36.06 -27.50
N ILE C 194 13.39 37.28 -27.20
CA ILE C 194 14.26 38.42 -27.47
C ILE C 194 14.68 39.10 -26.18
N TYR C 195 15.93 38.86 -25.79
CA TYR C 195 16.41 39.47 -24.57
C TYR C 195 16.72 40.97 -24.76
N ASP C 196 16.43 41.75 -23.71
CA ASP C 196 16.55 43.23 -23.74
C ASP C 196 15.97 43.89 -25.00
N SER C 197 14.77 43.47 -25.35
CA SER C 197 14.12 43.96 -26.57
C SER C 197 13.82 45.47 -26.46
N TYR C 198 13.82 46.00 -25.23
CA TYR C 198 13.62 47.46 -25.05
C TYR C 198 14.73 48.32 -25.70
N LEU C 199 15.89 47.73 -26.02
CA LEU C 199 16.98 48.47 -26.67
C LEU C 199 16.60 48.91 -28.10
N ILE C 200 15.61 48.24 -28.65
CA ILE C 200 15.09 48.60 -29.97
C ILE C 200 13.70 49.20 -29.78
N GLU C 201 13.53 50.43 -30.25
CA GLU C 201 12.28 51.17 -30.01
C GLU C 201 11.10 50.56 -30.78
N PRO C 202 9.86 50.71 -30.24
CA PRO C 202 8.68 50.08 -30.90
C PRO C 202 8.50 50.43 -32.37
N SER C 203 8.87 51.65 -32.77
CA SER C 203 8.73 52.03 -34.18
C SER C 203 9.71 51.27 -35.08
N GLU C 204 10.81 50.80 -34.51
CA GLU C 204 11.72 49.93 -35.27
C GLU C 204 11.14 48.51 -35.36
N TRP C 205 10.71 47.96 -34.22
CA TRP C 205 10.05 46.64 -34.19
C TRP C 205 8.91 46.54 -35.18
N GLU C 206 8.12 47.61 -35.27
CA GLU C 206 6.93 47.53 -36.12
C GLU C 206 7.27 47.30 -37.59
N LYS C 207 8.43 47.81 -38.04
CA LYS C 207 8.95 47.55 -39.40
C LYS C 207 9.13 46.05 -39.67
N LEU C 208 9.61 45.35 -38.64
CA LEU C 208 9.90 43.94 -38.72
C LEU C 208 8.66 43.08 -38.44
N LEU C 209 7.82 43.52 -37.49
CA LEU C 209 6.79 42.65 -36.93
C LEU C 209 5.33 43.01 -37.22
N SER C 210 5.04 44.21 -37.73
CA SER C 210 3.65 44.43 -38.15
C SER C 210 3.48 43.83 -39.54
N PRO C 211 2.24 43.37 -39.86
CA PRO C 211 2.00 42.79 -41.21
C PRO C 211 2.23 43.83 -42.30
N GLY C 212 2.11 45.09 -41.95
CA GLY C 212 2.36 46.19 -42.88
C GLY C 212 3.80 46.68 -42.91
N GLY C 213 4.64 46.16 -42.02
CA GLY C 213 6.00 46.71 -41.83
C GLY C 213 6.92 46.67 -43.04
N SER C 214 7.73 47.72 -43.19
CA SER C 214 8.59 47.86 -44.36
C SER C 214 9.62 46.73 -44.54
N ILE C 215 10.01 46.05 -43.46
CA ILE C 215 10.85 44.86 -43.60
C ILE C 215 10.19 43.65 -42.93
N THR C 216 8.87 43.60 -43.02
CA THR C 216 8.12 42.61 -42.27
C THR C 216 8.57 41.16 -42.50
N ILE C 217 8.52 40.35 -41.45
CA ILE C 217 8.63 38.90 -41.63
C ILE C 217 7.24 38.30 -41.69
N ARG C 218 6.19 39.07 -41.37
CA ARG C 218 4.85 38.48 -41.30
C ARG C 218 4.44 37.96 -42.68
N ASN C 219 3.79 36.80 -42.69
CA ASN C 219 3.32 36.13 -43.92
C ASN C 219 4.41 35.88 -44.94
N THR C 220 5.59 35.55 -44.43
CA THR C 220 6.77 35.32 -45.23
C THR C 220 7.25 33.93 -44.80
N ALA C 221 8.20 33.34 -45.53
CA ALA C 221 8.81 32.06 -45.12
C ALA C 221 9.56 32.15 -43.78
N TYR C 222 9.77 33.37 -43.29
CA TYR C 222 10.60 33.60 -42.11
C TYR C 222 9.79 34.11 -40.93
N ASP C 223 8.47 34.00 -41.02
CA ASP C 223 7.59 34.35 -39.91
C ASP C 223 7.87 33.48 -38.66
N ALA C 224 7.64 34.03 -37.47
CA ALA C 224 7.99 33.37 -36.22
C ALA C 224 7.18 34.00 -35.11
N LEU C 225 6.99 33.27 -34.03
CA LEU C 225 6.46 33.83 -32.82
C LEU C 225 7.62 34.56 -32.16
N MET C 226 7.43 35.86 -31.94
CA MET C 226 8.44 36.71 -31.30
C MET C 226 7.97 37.09 -29.91
N ILE C 227 8.72 36.60 -28.92
CA ILE C 227 8.41 36.79 -27.50
C ILE C 227 9.38 37.83 -26.93
N GLY C 228 8.90 39.05 -26.68
CA GLY C 228 9.75 40.10 -26.13
C GLY C 228 9.84 40.05 -24.62
N LEU C 229 10.83 40.78 -24.07
CA LEU C 229 11.05 40.82 -22.64
C LEU C 229 10.16 41.90 -22.02
N TRP C 230 9.22 41.48 -21.18
CA TRP C 230 8.42 42.42 -20.40
C TRP C 230 9.22 42.74 -19.16
N THR C 231 9.60 43.99 -19.02
CA THR C 231 10.32 44.43 -17.88
C THR C 231 9.50 45.21 -16.84
N SER C 232 9.13 46.41 -17.21
CA SER C 232 8.62 47.42 -16.32
C SER C 232 7.10 47.46 -16.15
N SER C 233 6.58 48.56 -15.68
CA SER C 233 5.18 48.71 -15.37
C SER C 233 4.36 48.54 -16.63
N PRO C 234 3.14 48.08 -16.47
CA PRO C 234 2.21 47.92 -17.57
C PRO C 234 2.00 49.23 -18.35
N THR C 235 2.15 50.40 -17.71
CA THR C 235 1.87 51.65 -18.40
C THR C 235 2.92 51.82 -19.52
N VAL C 236 4.07 51.16 -19.33
CA VAL C 236 5.11 51.14 -20.36
C VAL C 236 5.01 49.89 -21.24
N GLN C 237 4.90 48.71 -20.62
CA GLN C 237 5.01 47.47 -21.40
C GLN C 237 3.80 47.15 -22.27
N ARG C 238 2.61 47.56 -21.86
CA ARG C 238 1.44 47.30 -22.72
C ARG C 238 1.53 47.95 -24.10
N PRO C 239 1.75 49.29 -24.14
CA PRO C 239 1.88 49.91 -25.47
C PRO C 239 3.14 49.44 -26.18
N PHE C 240 4.20 49.16 -25.42
CA PHE C 240 5.40 48.59 -26.04
C PHE C 240 5.09 47.29 -26.78
N ILE C 241 4.46 46.34 -26.11
CA ILE C 241 4.20 45.02 -26.72
C ILE C 241 3.28 45.18 -27.92
N LEU C 242 2.19 45.93 -27.74
CA LEU C 242 1.25 46.22 -28.83
C LEU C 242 1.86 46.92 -30.03
N ASN C 243 2.54 48.03 -29.81
CA ASN C 243 3.10 48.83 -30.89
C ASN C 243 4.27 48.14 -31.56
N ALA C 244 4.99 47.29 -30.82
CA ALA C 244 6.10 46.54 -31.42
C ALA C 244 5.63 45.28 -32.17
N HIS C 245 4.36 44.90 -31.98
CA HIS C 245 3.77 43.70 -32.58
C HIS C 245 4.47 42.37 -32.19
N PHE C 246 4.98 42.26 -30.96
CA PHE C 246 5.44 40.95 -30.48
C PHE C 246 4.23 40.00 -30.39
N ASP C 247 4.49 38.70 -30.51
CA ASP C 247 3.42 37.71 -30.36
C ASP C 247 3.18 37.35 -28.91
N GLY C 248 4.12 37.70 -28.05
CA GLY C 248 4.05 37.31 -26.65
C GLY C 248 5.17 37.97 -25.86
N PHE C 249 5.31 37.61 -24.60
CA PHE C 249 6.33 38.19 -23.76
C PHE C 249 6.76 37.22 -22.66
N TYR C 250 7.98 37.37 -22.19
CA TYR C 250 8.47 36.59 -21.06
C TYR C 250 9.05 37.58 -20.07
N THR C 251 9.47 37.08 -18.91
CA THR C 251 9.96 38.02 -17.87
C THR C 251 11.43 37.82 -17.47
N TYR C 252 11.97 36.65 -17.84
CA TYR C 252 13.36 36.25 -17.58
C TYR C 252 13.82 36.17 -16.11
N PHE C 253 13.83 37.29 -15.42
CA PHE C 253 14.59 37.39 -14.17
C PHE C 253 14.15 36.41 -13.09
N ALA C 254 15.13 35.68 -12.56
CA ALA C 254 14.89 34.68 -11.53
C ALA C 254 14.64 35.28 -10.15
N ALA C 255 15.08 36.53 -9.93
CA ALA C 255 14.93 37.20 -8.63
C ALA C 255 13.58 37.93 -8.54
N THR C 256 12.73 37.47 -7.62
CA THR C 256 11.42 38.08 -7.42
C THR C 256 11.56 39.54 -7.02
N GLY C 257 10.75 40.39 -7.63
CA GLY C 257 10.75 41.82 -7.31
C GLY C 257 11.78 42.63 -8.06
N PHE C 258 12.66 41.97 -8.82
CA PHE C 258 13.70 42.72 -9.54
C PHE C 258 13.10 43.72 -10.51
N THR C 259 12.06 43.31 -11.23
CA THR C 259 11.29 44.18 -12.09
C THR C 259 9.82 43.92 -11.77
N TYR C 260 8.95 44.76 -12.32
CA TYR C 260 7.52 44.49 -12.29
C TYR C 260 7.17 43.11 -12.90
N GLY C 261 7.74 42.78 -14.07
CA GLY C 261 7.44 41.52 -14.74
C GLY C 261 7.88 40.30 -13.91
N SER C 262 8.93 40.46 -13.11
CA SER C 262 9.43 39.33 -12.31
C SER C 262 8.94 39.34 -10.83
N THR C 263 7.83 40.04 -10.59
CA THR C 263 7.10 40.05 -9.31
C THR C 263 5.88 39.16 -9.57
N PRO C 264 5.92 37.92 -9.09
CA PRO C 264 4.94 36.88 -9.51
C PRO C 264 3.50 37.19 -9.11
N THR C 265 3.38 38.09 -8.16
CA THR C 265 2.12 38.60 -7.70
C THR C 265 1.36 39.36 -8.83
N ASN C 266 2.10 39.86 -9.82
CA ASN C 266 1.50 40.50 -11.00
C ASN C 266 1.09 39.56 -12.11
N TRP C 267 1.44 38.28 -11.99
CA TRP C 267 1.25 37.37 -13.14
C TRP C 267 -0.19 37.11 -13.57
N VAL C 268 -1.11 37.03 -12.60
CA VAL C 268 -2.54 36.86 -12.96
C VAL C 268 -3.00 38.03 -13.85
N SER C 269 -2.68 39.26 -13.47
CA SER C 269 -3.17 40.38 -14.30
C SER C 269 -2.44 40.51 -15.62
N MET C 270 -1.15 40.14 -15.65
CA MET C 270 -0.43 40.08 -16.94
C MET C 270 -1.02 39.00 -17.85
N GLN C 271 -1.42 37.87 -17.28
CA GLN C 271 -2.07 36.82 -18.09
C GLN C 271 -3.41 37.30 -18.65
N LYS C 272 -4.19 37.98 -17.81
CA LYS C 272 -5.49 38.52 -18.22
C LYS C 272 -5.29 39.51 -19.38
N TRP C 273 -4.29 40.38 -19.26
CA TRP C 273 -4.00 41.31 -20.36
C TRP C 273 -3.61 40.55 -21.63
N ALA C 274 -2.71 39.57 -21.50
CA ALA C 274 -2.26 38.76 -22.63
C ALA C 274 -3.45 38.11 -23.34
N LYS C 275 -4.33 37.51 -22.57
CA LYS C 275 -5.52 36.86 -23.10
C LYS C 275 -6.40 37.83 -23.88
N GLU C 276 -6.65 38.99 -23.29
CA GLU C 276 -7.49 40.01 -23.92
C GLU C 276 -6.86 40.52 -25.21
N ASN C 277 -5.54 40.42 -25.33
CA ASN C 277 -4.86 41.03 -26.48
C ASN C 277 -4.26 40.01 -27.44
N GLY C 278 -4.64 38.75 -27.32
CA GLY C 278 -4.10 37.70 -28.20
C GLY C 278 -2.59 37.57 -28.14
N LYS C 279 -2.01 37.82 -26.96
CA LYS C 279 -0.57 37.61 -26.79
C LYS C 279 -0.29 36.36 -25.96
N ILE C 280 0.87 35.74 -26.18
CA ILE C 280 1.31 34.57 -25.42
C ILE C 280 2.20 35.01 -24.23
N PHE C 281 1.77 34.71 -23.01
CA PHE C 281 2.53 35.04 -21.81
C PHE C 281 3.31 33.80 -21.34
N ILE C 282 4.62 33.94 -21.19
CA ILE C 282 5.49 32.84 -20.77
C ILE C 282 6.32 33.32 -19.57
N PRO C 283 5.74 33.34 -18.36
CA PRO C 283 6.50 33.84 -17.23
C PRO C 283 7.75 32.97 -16.95
N SER C 284 8.79 33.58 -16.39
CA SER C 284 10.00 32.85 -16.10
C SER C 284 10.10 32.62 -14.62
N VAL C 285 10.37 31.37 -14.25
CA VAL C 285 10.50 31.01 -12.86
C VAL C 285 11.91 30.51 -12.65
N GLY C 286 12.43 30.67 -11.44
CA GLY C 286 13.82 30.29 -11.12
C GLY C 286 13.93 29.81 -9.69
N PRO C 287 14.98 29.03 -9.39
CA PRO C 287 15.15 28.42 -8.07
C PRO C 287 15.83 29.36 -7.09
N GLY C 288 16.34 30.48 -7.57
CA GLY C 288 16.99 31.47 -6.74
C GLY C 288 17.86 32.40 -7.56
N TYR C 289 18.60 33.27 -6.88
CA TYR C 289 19.47 34.20 -7.55
C TYR C 289 20.58 34.68 -6.66
N ILE C 290 21.79 34.64 -7.22
CA ILE C 290 22.95 35.30 -6.62
C ILE C 290 24.05 35.48 -7.66
N ASP C 291 24.54 36.71 -7.80
CA ASP C 291 25.60 36.98 -8.79
C ASP C 291 26.78 37.73 -8.20
N THR C 292 26.95 37.60 -6.89
CA THR C 292 27.92 38.45 -6.19
C THR C 292 29.42 38.09 -6.39
N ARG C 293 29.75 36.93 -6.94
CA ARG C 293 31.14 36.69 -7.36
C ARG C 293 31.53 37.64 -8.50
N ILE C 294 30.64 37.80 -9.49
CA ILE C 294 30.93 38.75 -10.58
C ILE C 294 30.38 40.16 -10.34
N ARG C 295 29.44 40.32 -9.41
CA ARG C 295 28.83 41.62 -9.13
C ARG C 295 28.73 41.80 -7.62
N PRO C 296 29.87 42.10 -6.98
CA PRO C 296 29.97 42.00 -5.54
C PRO C 296 29.11 43.03 -4.83
N TRP C 297 28.78 44.11 -5.53
CA TRP C 297 27.91 45.18 -5.06
C TRP C 297 26.43 44.86 -5.18
N ASN C 298 26.07 43.67 -5.69
CA ASN C 298 24.69 43.40 -6.09
C ASN C 298 23.95 42.52 -5.06
N GLY C 299 24.36 42.63 -3.79
CA GLY C 299 23.80 41.79 -2.73
C GLY C 299 22.29 41.91 -2.54
N SER C 300 21.68 43.03 -2.90
CA SER C 300 20.25 43.23 -2.61
C SER C 300 19.33 42.38 -3.51
N VAL C 301 19.91 41.87 -4.60
CA VAL C 301 19.15 41.04 -5.56
C VAL C 301 19.24 39.56 -5.20
N ILE C 302 20.06 39.22 -4.22
CA ILE C 302 20.18 37.83 -3.76
C ILE C 302 18.82 37.28 -3.35
N ARG C 303 18.49 36.08 -3.85
CA ARG C 303 17.34 35.35 -3.34
C ARG C 303 17.82 33.94 -2.99
N THR C 304 17.67 33.58 -1.72
CA THR C 304 18.19 32.31 -1.23
C THR C 304 17.24 31.16 -1.61
N ARG C 305 17.81 30.00 -1.89
CA ARG C 305 17.04 28.85 -2.32
C ARG C 305 16.17 28.26 -1.22
N THR C 306 16.62 28.42 0.01
CA THR C 306 15.98 27.84 1.22
C THR C 306 15.50 26.41 1.01
N ASP C 307 16.42 25.54 0.61
CA ASP C 307 16.16 24.10 0.40
C ASP C 307 15.08 23.80 -0.64
N GLY C 308 14.83 24.73 -1.56
CA GLY C 308 13.80 24.51 -2.57
C GLY C 308 12.51 25.29 -2.38
N GLN C 309 12.29 25.84 -1.19
CA GLN C 309 11.10 26.62 -0.89
C GLN C 309 10.88 27.78 -1.87
N TYR C 310 11.95 28.51 -2.18
CA TYR C 310 11.83 29.63 -3.13
C TYR C 310 11.33 29.18 -4.50
N TYR C 311 11.90 28.08 -5.00
CA TYR C 311 11.51 27.53 -6.30
C TYR C 311 10.04 27.11 -6.29
N ASP C 312 9.66 26.38 -5.25
CA ASP C 312 8.26 25.92 -5.11
C ASP C 312 7.29 27.08 -5.15
N ALA C 313 7.60 28.15 -4.43
CA ALA C 313 6.67 29.27 -4.34
C ALA C 313 6.52 29.92 -5.71
N MET C 314 7.66 30.11 -6.42
CA MET C 314 7.66 30.80 -7.71
C MET C 314 6.97 29.97 -8.81
N TYR C 315 7.28 28.69 -8.88
CA TYR C 315 6.67 27.79 -9.85
C TYR C 315 5.13 27.67 -9.62
N ARG C 316 4.71 27.55 -8.36
CA ARG C 316 3.28 27.54 -8.01
CA ARG C 316 3.27 27.50 -8.06
C ARG C 316 2.55 28.78 -8.53
N LYS C 317 3.15 29.96 -8.32
CA LYS C 317 2.58 31.23 -8.81
C LYS C 317 2.35 31.22 -10.30
N ALA C 318 3.29 30.64 -11.06
CA ALA C 318 3.17 30.63 -12.51
C ALA C 318 2.00 29.74 -12.90
N ILE C 319 1.90 28.59 -12.25
CA ILE C 319 0.83 27.64 -12.53
C ILE C 319 -0.52 28.29 -12.18
N GLU C 320 -0.59 28.93 -11.01
CA GLU C 320 -1.83 29.58 -10.56
C GLU C 320 -2.28 30.72 -11.45
N ALA C 321 -1.33 31.32 -12.17
CA ALA C 321 -1.65 32.37 -13.13
C ALA C 321 -2.44 31.82 -14.34
N GLY C 322 -2.44 30.50 -14.54
CA GLY C 322 -3.16 29.88 -15.67
C GLY C 322 -2.54 30.17 -17.03
N VAL C 323 -1.21 30.23 -17.10
CA VAL C 323 -0.52 30.51 -18.35
C VAL C 323 -0.47 29.25 -19.18
N SER C 324 -0.16 29.38 -20.46
CA SER C 324 -0.13 28.21 -21.32
C SER C 324 1.29 27.69 -21.52
N ALA C 325 2.29 28.43 -21.02
CA ALA C 325 3.69 28.02 -21.15
C ALA C 325 4.52 28.70 -20.08
N ILE C 326 5.61 28.05 -19.70
CA ILE C 326 6.42 28.50 -18.56
C ILE C 326 7.88 28.44 -19.00
N SER C 327 8.67 29.46 -18.63
CA SER C 327 10.08 29.43 -18.96
C SER C 327 10.87 29.32 -17.65
N ILE C 328 12.02 28.63 -17.72
CA ILE C 328 12.83 28.38 -16.55
C ILE C 328 14.18 29.05 -16.66
N THR C 329 14.43 29.97 -15.74
CA THR C 329 15.69 30.70 -15.66
C THR C 329 16.41 30.12 -14.44
N SER C 330 17.40 29.24 -14.63
CA SER C 330 17.91 28.81 -15.95
C SER C 330 18.39 27.38 -15.83
N PHE C 331 18.80 26.77 -16.93
CA PHE C 331 19.51 25.49 -16.84
C PHE C 331 20.87 25.72 -16.22
N ASN C 332 21.62 26.69 -16.76
CA ASN C 332 23.04 26.81 -16.43
C ASN C 332 23.61 28.22 -16.60
N GLU C 333 22.87 29.23 -16.14
CA GLU C 333 23.46 30.53 -16.03
C GLU C 333 24.16 30.57 -14.66
N TRP C 334 25.35 29.95 -14.56
CA TRP C 334 26.09 29.77 -13.28
C TRP C 334 26.52 31.10 -12.66
N HIS C 335 26.73 32.13 -13.51
CA HIS C 335 27.18 33.43 -13.00
C HIS C 335 26.14 34.08 -12.11
N GLU C 336 24.86 33.78 -12.38
CA GLU C 336 23.75 34.44 -11.69
C GLU C 336 23.02 33.51 -10.69
N GLY C 337 23.53 32.30 -10.51
CA GLY C 337 23.08 31.42 -9.42
C GLY C 337 21.64 30.97 -9.57
N SER C 338 21.16 30.97 -10.82
CA SER C 338 19.77 30.62 -11.10
C SER C 338 19.68 29.21 -11.68
N GLN C 339 20.81 28.54 -11.79
CA GLN C 339 20.89 27.24 -12.48
C GLN C 339 20.13 26.11 -11.78
N ILE C 340 19.46 25.25 -12.55
CA ILE C 340 18.95 24.00 -12.01
C ILE C 340 19.93 22.82 -12.23
N GLU C 341 20.93 23.02 -13.09
CA GLU C 341 21.97 22.01 -13.33
C GLU C 341 22.57 21.60 -11.97
N PRO C 342 22.90 20.31 -11.79
CA PRO C 342 23.53 19.86 -10.52
C PRO C 342 24.80 20.59 -10.12
N ALA C 343 24.86 20.91 -8.84
CA ALA C 343 25.96 21.59 -8.18
C ALA C 343 26.42 20.73 -7.01
N VAL C 344 27.70 20.79 -6.67
CA VAL C 344 28.26 20.02 -5.56
C VAL C 344 28.84 20.94 -4.48
N PRO C 345 28.86 20.46 -3.22
CA PRO C 345 29.56 21.22 -2.22
C PRO C 345 31.05 21.28 -2.55
N TYR C 346 31.64 22.45 -2.32
CA TYR C 346 33.05 22.67 -2.61
C TYR C 346 33.57 23.89 -1.88
N THR C 347 34.73 23.72 -1.27
CA THR C 347 35.40 24.79 -0.60
C THR C 347 36.84 24.86 -1.12
N SER C 348 37.38 26.07 -1.33
CA SER C 348 38.79 26.22 -1.68
C SER C 348 39.40 27.31 -0.82
N SER C 349 40.71 27.53 -0.95
CA SER C 349 41.37 28.66 -0.31
C SER C 349 40.82 30.02 -0.77
N GLU C 350 40.21 30.05 -1.96
CA GLU C 350 39.69 31.29 -2.57
C GLU C 350 38.24 31.56 -2.19
N PHE C 351 37.45 30.52 -1.92
CA PHE C 351 36.02 30.73 -1.76
C PHE C 351 35.36 29.48 -1.18
N THR C 352 34.37 29.70 -0.33
CA THR C 352 33.44 28.65 0.04
C THR C 352 32.20 28.79 -0.83
N TYR C 353 31.95 27.81 -1.69
CA TYR C 353 30.84 27.91 -2.61
C TYR C 353 29.54 27.59 -1.90
N LEU C 354 28.45 28.23 -2.33
CA LEU C 354 27.11 27.77 -1.95
C LEU C 354 26.84 26.42 -2.56
N ASP C 355 25.86 25.69 -2.02
CA ASP C 355 25.50 24.41 -2.59
C ASP C 355 24.00 24.15 -2.38
N TYR C 356 23.53 22.96 -2.69
CA TYR C 356 22.10 22.63 -2.65
C TYR C 356 21.57 22.26 -1.25
N GLU C 357 22.43 22.45 -0.25
CA GLU C 357 22.06 22.34 1.14
C GLU C 357 21.62 20.94 1.55
N ASN C 358 20.41 20.79 2.02
CA ASN C 358 19.93 19.49 2.47
C ASN C 358 19.30 18.69 1.32
N ARG C 359 19.77 18.91 0.11
CA ARG C 359 19.27 18.27 -1.12
C ARG C 359 20.43 17.68 -1.90
N GLU C 360 20.17 16.65 -2.68
CA GLU C 360 21.16 16.05 -3.56
C GLU C 360 21.44 16.99 -4.75
N PRO C 361 22.61 16.82 -5.39
CA PRO C 361 22.94 17.68 -6.51
C PRO C 361 21.84 17.75 -7.56
N ASP C 362 21.12 16.65 -7.80
CA ASP C 362 20.11 16.61 -8.87
C ASP C 362 18.70 17.05 -8.44
N TYR C 363 18.58 17.64 -7.25
CA TYR C 363 17.25 17.93 -6.70
C TYR C 363 16.45 18.94 -7.53
N TYR C 364 17.11 19.98 -8.03
CA TYR C 364 16.42 20.98 -8.85
C TYR C 364 15.92 20.41 -10.18
N LEU C 365 16.59 19.38 -10.68
CA LEU C 365 16.08 18.65 -11.87
C LEU C 365 14.81 17.86 -11.55
N THR C 366 14.86 17.00 -10.55
CA THR C 366 13.67 16.25 -10.13
C THR C 366 12.56 17.14 -9.60
N ARG C 367 12.88 18.25 -8.94
CA ARG C 367 11.84 19.15 -8.45
C ARG C 367 11.23 19.88 -9.64
N THR C 368 12.04 20.20 -10.65
CA THR C 368 11.45 20.75 -11.87
C THR C 368 10.43 19.76 -12.46
N ALA C 369 10.78 18.47 -12.49
CA ALA C 369 9.90 17.45 -13.06
C ALA C 369 8.59 17.42 -12.31
N TYR C 370 8.66 17.54 -10.99
CA TYR C 370 7.48 17.57 -10.15
C TYR C 370 6.56 18.74 -10.58
N TRP C 371 7.14 19.93 -10.77
CA TRP C 371 6.31 21.11 -11.10
C TRP C 371 5.77 21.04 -12.50
N VAL C 372 6.55 20.48 -13.42
CA VAL C 372 6.06 20.24 -14.77
C VAL C 372 4.79 19.37 -14.72
N GLY C 373 4.84 18.29 -13.92
CA GLY C 373 3.65 17.43 -13.72
C GLY C 373 2.46 18.24 -13.23
N LYS C 374 2.69 19.07 -12.21
CA LYS C 374 1.65 19.92 -11.68
C LYS C 374 1.14 20.92 -12.72
N PHE C 375 2.04 21.48 -13.53
CA PHE C 375 1.65 22.36 -14.63
C PHE C 375 0.75 21.64 -15.64
N ARG C 376 1.15 20.43 -16.03
CA ARG C 376 0.36 19.64 -16.96
C ARG C 376 -1.06 19.33 -16.45
N GLU C 377 -1.17 19.00 -15.17
CA GLU C 377 -2.47 18.61 -14.62
C GLU C 377 -3.55 19.65 -14.85
N SER C 378 -3.21 20.92 -14.59
CA SER C 378 -4.18 21.99 -14.69
C SER C 378 -4.09 22.79 -15.97
N LYS C 379 -3.26 22.35 -16.92
CA LYS C 379 -2.88 23.19 -18.06
C LYS C 379 -4.09 23.59 -18.90
N LEU D 37 -36.75 6.43 -23.38
CA LEU D 37 -35.47 6.97 -22.87
C LEU D 37 -34.31 6.62 -23.82
N ASP D 38 -33.56 7.63 -24.26
CA ASP D 38 -32.36 7.43 -25.10
C ASP D 38 -31.16 6.86 -24.34
N TYR D 39 -30.61 5.76 -24.88
CA TYR D 39 -29.55 5.00 -24.22
C TYR D 39 -28.13 5.38 -24.69
N ASP D 40 -28.02 6.56 -25.30
CA ASP D 40 -26.73 7.19 -25.56
C ASP D 40 -26.64 8.46 -24.73
N THR D 41 -27.50 8.53 -23.71
CA THR D 41 -27.47 9.59 -22.71
C THR D 41 -27.28 9.04 -21.29
N PHE D 42 -26.19 9.47 -20.65
CA PHE D 42 -25.83 9.10 -19.30
C PHE D 42 -26.05 10.30 -18.39
N CYS D 43 -26.72 10.06 -17.26
CA CYS D 43 -26.91 11.09 -16.24
C CYS D 43 -26.26 10.65 -14.91
N PHE D 44 -25.23 11.36 -14.49
CA PHE D 44 -24.50 10.99 -13.28
C PHE D 44 -25.42 11.11 -12.06
N TYR D 45 -25.62 9.98 -11.38
CA TYR D 45 -26.54 9.83 -10.24
C TYR D 45 -25.71 9.56 -8.97
N TYR D 46 -26.33 9.80 -7.80
CA TYR D 46 -25.64 9.88 -6.50
C TYR D 46 -26.53 9.28 -5.38
N ASP D 47 -26.03 8.27 -4.64
CA ASP D 47 -26.83 7.50 -3.65
C ASP D 47 -26.31 7.61 -2.20
N TRP D 48 -25.62 8.69 -1.92
CA TRP D 48 -24.96 8.85 -0.64
C TRP D 48 -25.84 9.49 0.45
N TYR D 49 -27.10 9.79 0.12
CA TYR D 49 -28.00 10.49 1.07
C TYR D 49 -28.55 9.61 2.16
N GLY D 50 -28.64 10.16 3.37
CA GLY D 50 -29.11 9.42 4.53
C GLY D 50 -30.22 10.14 5.26
N SER D 51 -30.91 9.42 6.11
CA SER D 51 -31.95 9.97 6.91
C SER D 51 -31.85 9.17 8.12
N GLU D 52 -32.20 9.73 9.25
CA GLU D 52 -32.18 9.02 10.50
C GLU D 52 -33.23 7.91 10.52
N ALA D 53 -34.25 8.08 9.68
CA ALA D 53 -35.28 7.07 9.52
C ALA D 53 -34.72 5.76 8.98
N ILE D 54 -33.90 5.78 7.94
CA ILE D 54 -33.35 4.50 7.53
C ILE D 54 -31.98 4.33 8.16
N ASP D 55 -31.07 5.19 7.75
CA ASP D 55 -29.74 5.27 8.31
C ASP D 55 -29.83 6.01 9.62
N GLY D 56 -28.92 5.74 10.53
CA GLY D 56 -29.04 6.26 11.88
C GLY D 56 -28.52 7.67 11.98
N GLN D 57 -28.59 8.35 10.86
CA GLN D 57 -28.09 9.73 10.70
C GLN D 57 -28.47 10.27 9.32
N TYR D 58 -28.46 11.60 9.18
CA TYR D 58 -28.78 12.26 7.91
C TYR D 58 -27.55 12.47 7.02
N ARG D 59 -26.97 11.36 6.57
CA ARG D 59 -25.71 11.38 5.82
C ARG D 59 -25.80 12.25 4.59
N HIS D 60 -24.78 13.08 4.41
CA HIS D 60 -24.61 13.99 3.27
C HIS D 60 -25.43 15.29 3.29
N TRP D 61 -26.60 15.25 3.91
CA TRP D 61 -27.33 16.48 4.23
C TRP D 61 -26.43 17.27 5.18
N ALA D 62 -25.97 16.58 6.22
CA ALA D 62 -24.87 17.04 7.06
C ALA D 62 -23.58 16.83 6.28
N HIS D 63 -22.78 17.89 6.18
CA HIS D 63 -21.56 17.86 5.38
C HIS D 63 -20.57 18.85 5.94
N ALA D 64 -19.29 18.50 5.89
CA ALA D 64 -18.21 19.42 6.25
C ALA D 64 -18.00 20.48 5.17
N ILE D 65 -17.69 21.70 5.60
CA ILE D 65 -17.33 22.79 4.69
C ILE D 65 -15.82 22.71 4.38
N ALA D 66 -15.43 22.90 3.12
CA ALA D 66 -14.01 22.74 2.72
C ALA D 66 -13.14 23.99 2.96
N PRO D 67 -11.86 23.78 3.34
CA PRO D 67 -10.93 24.90 3.58
C PRO D 67 -10.32 25.47 2.29
N ASP D 68 -9.90 26.74 2.34
CA ASP D 68 -9.29 27.42 1.19
C ASP D 68 -7.95 26.78 0.78
N PRO D 69 -7.83 26.37 -0.51
CA PRO D 69 -6.60 25.74 -1.01
C PRO D 69 -5.46 26.76 -1.09
N ASN D 70 -5.79 28.00 -1.46
CA ASN D 70 -4.86 29.11 -1.37
C ASN D 70 -5.19 29.94 -0.11
N GLY D 71 -5.15 29.26 1.04
CA GLY D 71 -5.48 29.88 2.33
C GLY D 71 -4.63 29.39 3.49
N GLY D 72 -5.01 29.78 4.69
CA GLY D 72 -4.29 29.42 5.90
C GLY D 72 -4.21 27.92 6.11
N SER D 73 -2.99 27.43 6.33
CA SER D 73 -2.78 26.01 6.62
C SER D 73 -3.12 25.72 8.09
N GLY D 74 -4.40 25.53 8.36
CA GLY D 74 -4.89 25.23 9.72
C GLY D 74 -6.13 26.01 10.12
N GLN D 75 -7.07 26.14 9.18
CA GLN D 75 -8.35 26.83 9.45
C GLN D 75 -9.42 25.85 9.98
N ASN D 76 -10.52 26.40 10.49
CA ASN D 76 -11.62 25.60 11.03
C ASN D 76 -12.97 25.94 10.39
N PRO D 77 -13.23 25.41 9.17
CA PRO D 77 -14.39 25.83 8.39
C PRO D 77 -15.75 25.39 8.96
N GLY D 78 -15.77 24.32 9.75
CA GLY D 78 -17.01 23.85 10.35
C GLY D 78 -17.83 22.93 9.44
N THR D 79 -19.06 22.65 9.86
CA THR D 79 -19.93 21.68 9.19
C THR D 79 -21.38 22.11 9.22
N ILE D 80 -22.10 21.83 8.14
CA ILE D 80 -23.55 21.93 8.09
C ILE D 80 -24.16 20.71 8.79
N PRO D 81 -24.99 20.93 9.83
CA PRO D 81 -25.55 19.84 10.66
C PRO D 81 -26.60 18.97 9.97
N GLY D 82 -26.97 19.33 8.74
CA GLY D 82 -27.98 18.59 7.98
C GLY D 82 -29.34 18.56 8.65
N THR D 83 -29.77 19.71 9.18
CA THR D 83 -31.14 19.87 9.68
C THR D 83 -32.01 20.39 8.55
N GLN D 84 -33.34 20.38 8.75
CA GLN D 84 -34.29 20.87 7.74
C GLN D 84 -33.92 22.30 7.31
N GLU D 85 -33.61 23.14 8.30
CA GLU D 85 -33.16 24.50 8.06
C GLU D 85 -31.87 24.52 7.25
N SER D 86 -30.81 23.91 7.79
CA SER D 86 -29.49 23.92 7.17
C SER D 86 -29.10 22.55 6.63
N ILE D 87 -28.96 22.48 5.30
CA ILE D 87 -28.62 21.24 4.61
C ILE D 87 -27.55 21.58 3.59
N ALA D 88 -26.80 20.60 3.11
CA ALA D 88 -25.53 20.86 2.42
C ALA D 88 -25.57 21.23 0.93
N SER D 89 -26.51 22.09 0.54
CA SER D 89 -26.58 22.60 -0.83
C SER D 89 -27.04 24.04 -0.87
N ASN D 90 -26.47 24.81 -1.80
CA ASN D 90 -26.97 26.13 -2.13
C ASN D 90 -28.47 26.11 -2.47
N PHE D 91 -28.93 25.03 -3.10
CA PHE D 91 -30.36 24.77 -3.42
C PHE D 91 -31.08 23.98 -2.33
N TYR D 92 -32.31 23.56 -2.63
CA TYR D 92 -33.07 22.65 -1.77
C TYR D 92 -33.85 21.68 -2.68
N PRO D 93 -33.80 20.37 -2.38
CA PRO D 93 -34.57 19.40 -3.18
C PRO D 93 -36.08 19.34 -2.82
N GLN D 94 -36.89 19.30 -3.88
CA GLN D 94 -38.32 19.06 -3.80
C GLN D 94 -38.62 17.89 -2.87
N LEU D 95 -37.89 16.78 -3.06
CA LEU D 95 -38.03 15.59 -2.20
C LEU D 95 -37.62 15.82 -0.72
N GLY D 96 -36.83 16.86 -0.46
CA GLY D 96 -36.40 17.19 0.90
C GLY D 96 -35.17 16.42 1.36
N ARG D 97 -35.19 15.94 2.62
CA ARG D 97 -34.05 15.21 3.24
C ARG D 97 -34.18 13.69 3.13
N TYR D 98 -34.13 13.20 1.89
CA TYR D 98 -34.40 11.79 1.61
C TYR D 98 -33.22 10.85 1.86
N SER D 99 -33.53 9.71 2.47
CA SER D 99 -32.64 8.55 2.53
C SER D 99 -32.47 7.99 1.12
N SER D 100 -31.30 7.44 0.82
CA SER D 100 -31.02 6.92 -0.52
C SER D 100 -31.44 5.47 -0.71
N SER D 101 -31.66 4.77 0.41
CA SER D 101 -32.23 3.43 0.39
C SER D 101 -33.71 3.48 0.80
N ASP D 102 -34.43 4.40 0.15
CA ASP D 102 -35.86 4.64 0.35
C ASP D 102 -36.67 4.06 -0.82
N PRO D 103 -37.42 2.97 -0.56
CA PRO D 103 -38.38 2.44 -1.52
C PRO D 103 -39.06 3.52 -2.38
N ASN D 104 -39.63 4.52 -1.70
CA ASN D 104 -40.42 5.57 -2.35
C ASN D 104 -39.61 6.59 -3.19
N ILE D 105 -38.34 6.83 -2.82
CA ILE D 105 -37.50 7.86 -3.46
C ILE D 105 -36.86 7.40 -4.78
N LEU D 106 -36.64 6.09 -4.90
CA LEU D 106 -36.17 5.49 -6.16
C LEU D 106 -37.33 5.51 -7.15
N THR D 107 -38.51 5.18 -6.64
CA THR D 107 -39.77 5.26 -7.37
C THR D 107 -39.88 6.60 -8.12
N LYS D 108 -39.76 7.71 -7.37
CA LYS D 108 -39.85 9.05 -7.94
C LYS D 108 -38.71 9.36 -8.92
N HIS D 109 -37.52 8.83 -8.63
CA HIS D 109 -36.29 9.15 -9.38
C HIS D 109 -36.24 8.54 -10.77
N MET D 110 -36.66 7.28 -10.90
CA MET D 110 -36.81 6.67 -12.21
C MET D 110 -37.92 7.38 -12.99
N ASP D 111 -38.93 7.87 -12.28
CA ASP D 111 -40.03 8.62 -12.91
C ASP D 111 -39.48 9.87 -13.60
N MET D 112 -38.58 10.55 -12.89
CA MET D 112 -37.92 11.74 -13.41
C MET D 112 -36.98 11.43 -14.60
N PHE D 113 -36.23 10.31 -14.52
CA PHE D 113 -35.33 9.85 -15.59
C PHE D 113 -36.06 9.44 -16.86
N VAL D 114 -37.33 9.04 -16.72
CA VAL D 114 -38.21 8.76 -17.85
C VAL D 114 -38.72 10.07 -18.40
N MET D 115 -39.05 11.01 -17.49
CA MET D 115 -39.47 12.36 -17.84
C MET D 115 -38.40 13.10 -18.64
N ALA D 116 -37.14 12.68 -18.45
CA ALA D 116 -35.97 13.34 -19.02
C ALA D 116 -35.39 12.67 -20.29
N ARG D 117 -35.87 11.46 -20.58
CA ARG D 117 -35.41 10.64 -21.74
C ARG D 117 -33.92 10.21 -21.69
N THR D 118 -33.30 10.32 -20.51
CA THR D 118 -31.93 9.83 -20.30
C THR D 118 -31.98 8.37 -19.84
N GLY D 119 -31.50 7.46 -20.69
CA GLY D 119 -31.68 6.03 -20.44
C GLY D 119 -30.65 5.35 -19.55
N VAL D 120 -29.56 6.04 -19.31
CA VAL D 120 -28.48 5.49 -18.51
C VAL D 120 -28.23 6.42 -17.33
N LEU D 121 -28.38 5.88 -16.12
CA LEU D 121 -27.93 6.54 -14.92
C LEU D 121 -26.55 6.00 -14.51
N ALA D 122 -25.60 6.91 -14.35
CA ALA D 122 -24.26 6.50 -13.99
C ALA D 122 -24.13 6.61 -12.47
N LEU D 123 -24.57 5.53 -11.79
CA LEU D 123 -24.60 5.46 -10.32
C LEU D 123 -23.21 5.66 -9.74
N THR D 124 -23.11 6.61 -8.80
CA THR D 124 -21.88 6.85 -8.07
C THR D 124 -21.47 5.61 -7.28
N TRP D 125 -20.24 5.19 -7.47
CA TRP D 125 -19.74 4.03 -6.79
C TRP D 125 -18.40 4.32 -6.11
N TRP D 126 -18.39 4.20 -4.78
CA TRP D 126 -17.24 4.63 -3.96
C TRP D 126 -16.41 3.50 -3.33
N ASN D 127 -16.76 2.25 -3.65
CA ASN D 127 -16.08 1.09 -3.04
C ASN D 127 -16.04 1.15 -1.50
N GLU D 128 -17.22 1.36 -0.90
CA GLU D 128 -17.36 1.54 0.54
C GLU D 128 -16.86 0.36 1.38
N GLN D 129 -16.95 -0.85 0.83
CA GLN D 129 -16.53 -2.07 1.51
C GLN D 129 -17.15 -2.16 2.91
N ASP D 130 -18.46 -2.00 2.96
CA ASP D 130 -19.19 -2.02 4.20
C ASP D 130 -20.30 -3.09 4.11
N GLU D 131 -21.19 -3.11 5.09
CA GLU D 131 -22.23 -4.12 5.16
C GLU D 131 -23.55 -3.65 4.50
N THR D 132 -23.55 -2.44 3.97
CA THR D 132 -24.78 -1.79 3.47
C THR D 132 -24.76 -1.44 1.97
N GLU D 133 -23.57 -1.16 1.42
CA GLU D 133 -23.44 -0.74 0.03
C GLU D 133 -24.06 -1.75 -0.95
N ALA D 134 -23.69 -3.03 -0.79
CA ALA D 134 -24.18 -4.11 -1.67
C ALA D 134 -25.71 -4.17 -1.72
N LYS D 135 -26.35 -4.19 -0.55
CA LYS D 135 -27.81 -4.21 -0.46
C LYS D 135 -28.46 -3.01 -1.13
N ARG D 136 -27.79 -1.86 -1.07
CA ARG D 136 -28.35 -0.62 -1.61
C ARG D 136 -28.22 -0.55 -3.13
N ILE D 137 -27.15 -1.09 -3.67
CA ILE D 137 -27.01 -1.17 -5.12
C ILE D 137 -28.11 -2.10 -5.69
N GLY D 138 -28.43 -3.17 -4.96
CA GLY D 138 -29.50 -4.07 -5.38
C GLY D 138 -30.78 -3.31 -5.65
N LEU D 139 -31.23 -2.56 -4.66
CA LEU D 139 -32.41 -1.74 -4.74
C LEU D 139 -32.44 -0.81 -5.96
N ILE D 140 -31.41 0.01 -6.12
CA ILE D 140 -31.34 0.88 -7.30
C ILE D 140 -31.49 0.07 -8.60
N LEU D 141 -30.87 -1.12 -8.65
CA LEU D 141 -30.94 -1.97 -9.85
C LEU D 141 -32.38 -2.40 -10.16
N ASP D 142 -33.04 -3.03 -9.18
CA ASP D 142 -34.43 -3.45 -9.33
C ASP D 142 -35.31 -2.35 -9.92
N ALA D 143 -35.29 -1.18 -9.26
CA ALA D 143 -36.11 -0.05 -9.64
C ALA D 143 -35.81 0.47 -11.05
N ALA D 144 -34.56 0.39 -11.48
CA ALA D 144 -34.23 0.79 -12.83
C ALA D 144 -34.82 -0.03 -14.03
N ASP D 145 -34.84 -1.35 -13.94
CA ASP D 145 -35.45 -2.18 -14.98
C ASP D 145 -36.94 -1.92 -15.08
N LYS D 146 -37.58 -1.70 -13.95
CA LYS D 146 -39.03 -1.55 -13.90
C LYS D 146 -39.40 -0.37 -14.71
N LYS D 147 -38.42 0.39 -15.13
CA LYS D 147 -38.70 1.52 -16.00
C LYS D 147 -37.90 1.47 -17.29
N LYS D 148 -37.24 0.35 -17.54
CA LYS D 148 -36.38 0.14 -18.71
C LYS D 148 -35.15 1.06 -18.76
N ILE D 149 -34.80 1.61 -17.60
CA ILE D 149 -33.57 2.39 -17.41
C ILE D 149 -32.41 1.43 -17.09
N LYS D 150 -31.29 1.63 -17.79
CA LYS D 150 -30.07 0.86 -17.61
C LYS D 150 -29.09 1.54 -16.60
N VAL D 151 -28.52 0.75 -15.69
CA VAL D 151 -27.58 1.26 -14.68
C VAL D 151 -26.14 0.93 -15.05
N CYS D 152 -25.32 1.96 -15.18
CA CYS D 152 -23.87 1.75 -15.21
C CYS D 152 -23.23 2.36 -13.95
N PHE D 153 -21.92 2.22 -13.84
CA PHE D 153 -21.23 2.67 -12.65
C PHE D 153 -20.22 3.77 -12.91
N HIS D 154 -20.19 4.74 -11.99
CA HIS D 154 -19.28 5.87 -12.05
C HIS D 154 -18.17 5.60 -11.05
N LEU D 155 -17.01 5.18 -11.54
CA LEU D 155 -15.93 4.70 -10.70
C LEU D 155 -15.07 5.83 -10.08
N GLU D 156 -15.41 6.19 -8.85
CA GLU D 156 -14.83 7.36 -8.23
C GLU D 156 -13.45 7.13 -7.59
N PRO D 157 -12.72 8.22 -7.26
CA PRO D 157 -11.36 8.07 -6.75
C PRO D 157 -11.29 7.66 -5.26
N TYR D 158 -11.82 6.49 -4.95
CA TYR D 158 -11.65 5.96 -3.63
C TYR D 158 -10.15 5.91 -3.25
N PRO D 159 -9.81 6.35 -2.04
CA PRO D 159 -8.43 6.58 -1.61
C PRO D 159 -7.40 5.53 -2.05
N SER D 160 -7.61 4.25 -1.72
CA SER D 160 -6.61 3.22 -2.02
C SER D 160 -6.57 2.77 -3.48
N ARG D 161 -7.37 3.43 -4.33
CA ARG D 161 -7.49 3.05 -5.73
C ARG D 161 -6.15 2.93 -6.44
N ASN D 162 -5.92 1.79 -7.09
CA ASN D 162 -4.84 1.59 -8.06
C ASN D 162 -5.33 0.61 -9.15
N VAL D 163 -4.58 0.40 -10.22
CA VAL D 163 -5.07 -0.52 -11.29
C VAL D 163 -5.35 -1.92 -10.73
N GLN D 164 -4.43 -2.45 -9.92
CA GLN D 164 -4.58 -3.79 -9.31
C GLN D 164 -5.95 -4.01 -8.63
N ASN D 165 -6.33 -3.14 -7.70
CA ASN D 165 -7.65 -3.24 -7.06
C ASN D 165 -8.84 -2.67 -7.89
N LEU D 166 -8.57 -1.75 -8.82
CA LEU D 166 -9.64 -1.28 -9.72
C LEU D 166 -10.02 -2.35 -10.77
N ARG D 167 -9.09 -3.26 -11.06
CA ARG D 167 -9.41 -4.43 -11.87
C ARG D 167 -10.33 -5.33 -11.06
N GLU D 168 -9.90 -5.67 -9.84
CA GLU D 168 -10.69 -6.56 -9.01
C GLU D 168 -12.11 -6.01 -8.78
N ASN D 169 -12.26 -4.68 -8.81
CA ASN D 169 -13.55 -4.03 -8.60
C ASN D 169 -14.45 -4.10 -9.83
N ILE D 170 -13.86 -3.87 -10.99
CA ILE D 170 -14.58 -4.04 -12.24
C ILE D 170 -15.04 -5.50 -12.35
N VAL D 171 -14.14 -6.43 -12.04
CA VAL D 171 -14.50 -7.84 -12.03
C VAL D 171 -15.66 -8.14 -11.05
N LYS D 172 -15.59 -7.56 -9.84
CA LYS D 172 -16.58 -7.88 -8.81
C LYS D 172 -17.95 -7.30 -9.20
N LEU D 173 -17.96 -6.12 -9.81
CA LEU D 173 -19.20 -5.47 -10.23
C LEU D 173 -19.90 -6.24 -11.37
N ILE D 174 -19.14 -6.56 -12.42
CA ILE D 174 -19.67 -7.35 -13.52
C ILE D 174 -20.21 -8.69 -13.00
N THR D 175 -19.37 -9.43 -12.28
CA THR D 175 -19.73 -10.72 -11.68
C THR D 175 -21.00 -10.64 -10.87
N ARG D 176 -21.08 -9.64 -10.01
CA ARG D 176 -22.19 -9.54 -9.07
C ARG D 176 -23.48 -9.05 -9.72
N TYR D 177 -23.36 -8.08 -10.63
CA TYR D 177 -24.55 -7.41 -11.17
C TYR D 177 -24.74 -7.57 -12.68
N GLY D 178 -23.79 -8.23 -13.33
CA GLY D 178 -23.83 -8.35 -14.78
C GLY D 178 -25.01 -9.14 -15.35
N ASN D 179 -25.70 -9.88 -14.50
CA ASN D 179 -26.86 -10.69 -14.92
C ASN D 179 -28.18 -10.06 -14.54
N HIS D 180 -28.12 -8.87 -13.95
CA HIS D 180 -29.34 -8.19 -13.53
C HIS D 180 -30.00 -7.60 -14.76
N PRO D 181 -31.35 -7.67 -14.82
CA PRO D 181 -32.11 -7.03 -15.89
C PRO D 181 -31.67 -5.58 -16.17
N ALA D 182 -31.54 -4.77 -15.10
CA ALA D 182 -31.20 -3.35 -15.20
C ALA D 182 -29.75 -3.01 -15.63
N PHE D 183 -28.87 -4.00 -15.60
CA PHE D 183 -27.47 -3.77 -15.92
C PHE D 183 -27.31 -3.28 -17.35
N TYR D 184 -26.53 -2.21 -17.54
CA TYR D 184 -26.37 -1.55 -18.84
C TYR D 184 -25.27 -2.15 -19.71
N ARG D 185 -25.55 -2.28 -21.00
CA ARG D 185 -24.54 -2.66 -22.02
C ARG D 185 -24.66 -1.86 -23.33
N LYS D 186 -23.53 -1.66 -23.99
CA LYS D 186 -23.45 -0.98 -25.29
C LYS D 186 -22.92 -1.99 -26.30
N ASP D 187 -23.73 -2.29 -27.32
CA ASP D 187 -23.59 -3.52 -28.11
C ASP D 187 -23.65 -4.67 -27.09
N GLY D 188 -22.55 -5.41 -26.94
CA GLY D 188 -22.48 -6.41 -25.88
C GLY D 188 -21.84 -5.90 -24.59
N LYS D 189 -20.94 -4.92 -24.74
CA LYS D 189 -20.04 -4.47 -23.67
C LYS D 189 -20.72 -3.62 -22.59
N PRO D 190 -20.28 -3.77 -21.31
CA PRO D 190 -20.68 -2.81 -20.28
C PRO D 190 -19.83 -1.53 -20.36
N LEU D 191 -20.30 -0.45 -19.73
CA LEU D 191 -19.59 0.85 -19.77
C LEU D 191 -19.34 1.50 -18.40
N PHE D 192 -18.08 1.86 -18.15
CA PHE D 192 -17.68 2.55 -16.93
C PHE D 192 -16.99 3.89 -17.20
N PHE D 193 -17.30 4.87 -16.36
CA PHE D 193 -16.58 6.14 -16.31
C PHE D 193 -15.53 6.11 -15.20
N ILE D 194 -14.33 6.59 -15.51
CA ILE D 194 -13.27 6.64 -14.49
C ILE D 194 -12.96 8.07 -14.10
N TYR D 195 -13.46 8.49 -12.94
CA TYR D 195 -13.18 9.84 -12.45
C TYR D 195 -11.76 9.98 -11.87
N ASP D 196 -11.13 11.14 -12.16
CA ASP D 196 -9.77 11.44 -11.70
C ASP D 196 -8.79 10.35 -12.14
N SER D 197 -8.93 9.95 -13.40
CA SER D 197 -8.11 8.91 -14.01
C SER D 197 -6.61 9.24 -13.97
N TYR D 198 -6.32 10.54 -14.05
CA TYR D 198 -4.97 11.08 -14.12
C TYR D 198 -4.18 10.80 -12.83
N LEU D 199 -4.90 10.48 -11.75
CA LEU D 199 -4.28 10.02 -10.49
C LEU D 199 -3.49 8.73 -10.66
N ILE D 200 -3.84 7.94 -11.67
CA ILE D 200 -3.09 6.74 -12.05
C ILE D 200 -2.35 7.06 -13.36
N GLU D 201 -1.05 6.75 -13.39
CA GLU D 201 -0.19 7.02 -14.54
C GLU D 201 -0.51 6.07 -15.71
N PRO D 202 -0.37 6.57 -16.98
CA PRO D 202 -0.66 5.79 -18.20
C PRO D 202 0.07 4.46 -18.25
N SER D 203 1.31 4.43 -17.73
CA SER D 203 2.09 3.18 -17.67
C SER D 203 1.46 2.16 -16.70
N GLU D 204 0.75 2.65 -15.68
CA GLU D 204 -0.08 1.77 -14.87
C GLU D 204 -1.29 1.28 -15.70
N TRP D 205 -2.03 2.24 -16.28
CA TRP D 205 -3.20 1.96 -17.14
C TRP D 205 -2.92 0.94 -18.27
N GLU D 206 -1.67 0.89 -18.72
CA GLU D 206 -1.27 -0.01 -19.78
C GLU D 206 -1.32 -1.48 -19.38
N LYS D 207 -1.06 -1.77 -18.10
CA LYS D 207 -1.05 -3.15 -17.58
C LYS D 207 -2.47 -3.75 -17.59
N LEU D 208 -3.43 -2.86 -17.35
CA LEU D 208 -4.84 -3.20 -17.30
C LEU D 208 -5.51 -3.14 -18.68
N LEU D 209 -5.38 -1.98 -19.36
CA LEU D 209 -6.21 -1.69 -20.54
C LEU D 209 -5.53 -1.90 -21.93
N SER D 210 -4.23 -2.23 -21.96
CA SER D 210 -3.55 -2.56 -23.23
C SER D 210 -3.60 -4.05 -23.47
N PRO D 211 -3.87 -4.48 -24.73
CA PRO D 211 -3.98 -5.90 -25.09
C PRO D 211 -2.86 -6.78 -24.53
N GLY D 212 -1.65 -6.23 -24.44
CA GLY D 212 -0.51 -6.98 -23.91
C GLY D 212 -0.17 -6.74 -22.44
N GLY D 213 -1.01 -5.97 -21.74
CA GLY D 213 -0.78 -5.61 -20.34
C GLY D 213 -0.70 -6.83 -19.44
N SER D 214 0.17 -6.76 -18.42
CA SER D 214 0.43 -7.92 -17.55
C SER D 214 -0.77 -8.34 -16.68
N ILE D 215 -1.79 -7.48 -16.59
CA ILE D 215 -3.04 -7.83 -15.91
C ILE D 215 -4.27 -7.39 -16.74
N THR D 216 -4.15 -7.48 -18.06
CA THR D 216 -5.15 -6.91 -18.98
C THR D 216 -6.57 -7.51 -18.87
N ILE D 217 -7.56 -6.67 -19.12
CA ILE D 217 -8.94 -7.09 -19.19
C ILE D 217 -9.36 -7.31 -20.65
N ARG D 218 -8.51 -6.84 -21.56
CA ARG D 218 -8.79 -6.88 -23.00
C ARG D 218 -9.01 -8.32 -23.49
N ASN D 219 -10.18 -8.53 -24.09
CA ASN D 219 -10.67 -9.86 -24.46
C ASN D 219 -10.57 -10.90 -23.35
N THR D 220 -11.04 -10.49 -22.17
CA THR D 220 -11.41 -11.38 -21.08
C THR D 220 -12.92 -11.24 -20.94
N ALA D 221 -13.52 -12.02 -20.04
CA ALA D 221 -14.95 -11.95 -19.74
C ALA D 221 -15.33 -10.60 -19.14
N TYR D 222 -14.33 -9.86 -18.68
CA TYR D 222 -14.55 -8.62 -17.93
C TYR D 222 -14.19 -7.37 -18.72
N ASP D 223 -13.73 -7.57 -19.96
CA ASP D 223 -13.51 -6.47 -20.90
C ASP D 223 -14.74 -5.57 -20.90
N ALA D 224 -14.54 -4.26 -21.04
CA ALA D 224 -15.65 -3.28 -21.04
C ALA D 224 -15.21 -1.99 -21.70
N LEU D 225 -16.12 -1.03 -21.82
CA LEU D 225 -15.81 0.29 -22.37
C LEU D 225 -15.34 1.30 -21.31
N MET D 226 -14.02 1.37 -21.14
CA MET D 226 -13.34 2.26 -20.18
C MET D 226 -13.22 3.73 -20.65
N ILE D 227 -14.01 4.59 -20.01
CA ILE D 227 -14.12 6.00 -20.38
C ILE D 227 -13.28 6.85 -19.43
N GLY D 228 -12.04 7.18 -19.84
CA GLY D 228 -11.12 7.99 -19.03
C GLY D 228 -11.55 9.45 -19.00
N LEU D 229 -11.22 10.18 -17.93
CA LEU D 229 -11.59 11.60 -17.84
C LEU D 229 -10.59 12.57 -18.54
N TRP D 230 -11.00 13.20 -19.65
CA TRP D 230 -10.17 14.25 -20.29
C TRP D 230 -10.22 15.55 -19.46
N THR D 231 -9.06 15.98 -19.00
CA THR D 231 -8.99 17.19 -18.16
C THR D 231 -8.44 18.42 -18.92
N SER D 232 -7.12 18.45 -19.09
CA SER D 232 -6.41 19.65 -19.57
C SER D 232 -6.10 19.65 -21.09
N SER D 233 -5.11 20.45 -21.49
CA SER D 233 -4.75 20.65 -22.90
C SER D 233 -4.57 19.36 -23.68
N PRO D 234 -4.88 19.38 -25.01
CA PRO D 234 -4.65 18.25 -25.91
C PRO D 234 -3.22 17.69 -25.88
N THR D 235 -2.23 18.54 -25.61
CA THR D 235 -0.81 18.11 -25.54
C THR D 235 -0.52 17.14 -24.38
N VAL D 236 -1.35 17.21 -23.34
CA VAL D 236 -1.30 16.27 -22.21
C VAL D 236 -2.28 15.11 -22.43
N GLN D 237 -3.51 15.45 -22.76
CA GLN D 237 -4.63 14.50 -22.80
C GLN D 237 -4.63 13.44 -23.92
N ARG D 238 -4.15 13.82 -25.10
CA ARG D 238 -4.06 12.87 -26.21
C ARG D 238 -3.08 11.70 -25.92
N PRO D 239 -1.81 12.01 -25.54
CA PRO D 239 -0.92 10.89 -25.23
C PRO D 239 -1.28 10.13 -23.94
N PHE D 240 -1.93 10.80 -22.97
CA PHE D 240 -2.45 10.09 -21.77
C PHE D 240 -3.46 9.01 -22.19
N ILE D 241 -4.41 9.39 -23.04
CA ILE D 241 -5.51 8.51 -23.49
C ILE D 241 -4.95 7.38 -24.35
N LEU D 242 -4.07 7.74 -25.28
CA LEU D 242 -3.39 6.75 -26.12
C LEU D 242 -2.58 5.72 -25.32
N ASN D 243 -1.72 6.18 -24.39
CA ASN D 243 -0.85 5.28 -23.61
C ASN D 243 -1.55 4.44 -22.53
N ALA D 244 -2.60 5.00 -21.94
CA ALA D 244 -3.38 4.33 -20.88
C ALA D 244 -4.36 3.30 -21.46
N HIS D 245 -4.48 3.33 -22.79
CA HIS D 245 -5.45 2.56 -23.59
C HIS D 245 -6.93 2.71 -23.22
N PHE D 246 -7.32 3.93 -22.82
CA PHE D 246 -8.72 4.26 -22.59
C PHE D 246 -9.52 4.11 -23.89
N ASP D 247 -10.67 3.44 -23.81
CA ASP D 247 -11.58 3.23 -24.96
C ASP D 247 -12.29 4.53 -25.35
N GLY D 248 -12.50 5.41 -24.39
CA GLY D 248 -13.05 6.71 -24.68
C GLY D 248 -12.79 7.69 -23.55
N PHE D 249 -13.48 8.83 -23.63
CA PHE D 249 -13.29 9.90 -22.65
C PHE D 249 -14.49 10.83 -22.44
N TYR D 250 -14.53 11.35 -21.22
CA TYR D 250 -15.47 12.31 -20.73
C TYR D 250 -14.81 13.52 -20.03
N THR D 251 -15.53 14.61 -19.95
CA THR D 251 -14.98 15.80 -19.37
C THR D 251 -15.58 16.11 -18.01
N TYR D 252 -16.69 15.46 -17.72
CA TYR D 252 -17.45 15.60 -16.50
C TYR D 252 -17.96 17.02 -16.17
N PHE D 253 -17.06 17.91 -15.78
CA PHE D 253 -17.37 19.11 -15.02
C PHE D 253 -18.43 19.99 -15.63
N ALA D 254 -19.38 20.41 -14.82
CA ALA D 254 -20.47 21.24 -15.30
C ALA D 254 -20.11 22.72 -15.61
N ALA D 255 -19.04 23.20 -15.00
CA ALA D 255 -18.61 24.61 -15.00
C ALA D 255 -17.80 24.97 -16.25
N THR D 256 -18.47 25.66 -17.16
CA THR D 256 -17.86 26.00 -18.44
C THR D 256 -16.56 26.79 -18.23
N GLY D 257 -15.49 26.37 -18.90
CA GLY D 257 -14.19 27.02 -18.80
C GLY D 257 -13.24 26.50 -17.72
N PHE D 258 -13.77 25.74 -16.75
CA PHE D 258 -12.96 25.27 -15.59
C PHE D 258 -11.72 24.47 -16.00
N THR D 259 -11.90 23.55 -16.96
CA THR D 259 -10.79 22.83 -17.58
C THR D 259 -10.88 23.07 -19.09
N TYR D 260 -9.91 22.56 -19.84
CA TYR D 260 -9.98 22.58 -21.31
C TYR D 260 -11.08 21.61 -21.74
N GLY D 261 -11.21 20.54 -20.96
CA GLY D 261 -12.27 19.56 -21.17
C GLY D 261 -13.65 20.17 -21.20
N SER D 262 -13.95 21.03 -20.22
CA SER D 262 -15.31 21.59 -20.03
C SER D 262 -15.50 22.98 -20.68
N THR D 263 -14.77 23.21 -21.75
CA THR D 263 -14.93 24.39 -22.56
C THR D 263 -15.58 23.93 -23.86
N PRO D 264 -16.91 24.16 -24.00
CA PRO D 264 -17.75 23.64 -25.08
C PRO D 264 -17.27 23.97 -26.50
N THR D 265 -16.43 25.01 -26.63
CA THR D 265 -15.87 25.38 -27.93
C THR D 265 -14.74 24.46 -28.39
N ASN D 266 -14.27 23.59 -27.50
CA ASN D 266 -13.28 22.56 -27.87
C ASN D 266 -13.88 21.25 -28.39
N TRP D 267 -15.18 21.05 -28.13
CA TRP D 267 -15.84 19.75 -28.39
C TRP D 267 -15.84 19.29 -29.84
N VAL D 268 -15.65 20.22 -30.78
CA VAL D 268 -15.54 19.90 -32.19
C VAL D 268 -14.19 19.25 -32.54
N SER D 269 -13.09 19.85 -32.10
CA SER D 269 -11.73 19.29 -32.32
C SER D 269 -11.49 18.03 -31.48
N MET D 270 -12.11 17.99 -30.30
CA MET D 270 -12.09 16.79 -29.46
C MET D 270 -12.75 15.59 -30.14
N GLN D 271 -13.93 15.82 -30.74
CA GLN D 271 -14.65 14.77 -31.48
C GLN D 271 -13.87 14.34 -32.71
N LYS D 272 -13.26 15.32 -33.39
CA LYS D 272 -12.37 15.04 -34.53
C LYS D 272 -11.19 14.14 -34.14
N TRP D 273 -10.48 14.48 -33.05
CA TRP D 273 -9.41 13.61 -32.57
C TRP D 273 -9.93 12.19 -32.31
N ALA D 274 -11.00 12.10 -31.52
CA ALA D 274 -11.65 10.84 -31.16
C ALA D 274 -12.08 10.03 -32.39
N LYS D 275 -12.65 10.73 -33.38
CA LYS D 275 -13.06 10.11 -34.65
C LYS D 275 -11.90 9.36 -35.28
N GLU D 276 -10.76 10.06 -35.43
CA GLU D 276 -9.59 9.52 -36.14
C GLU D 276 -8.81 8.46 -35.36
N ASN D 277 -8.98 8.43 -34.04
CA ASN D 277 -8.24 7.52 -33.18
C ASN D 277 -9.08 6.39 -32.59
N GLY D 278 -10.34 6.32 -33.01
CA GLY D 278 -11.26 5.25 -32.61
C GLY D 278 -11.62 5.26 -31.14
N LYS D 279 -11.97 6.44 -30.61
CA LYS D 279 -12.32 6.61 -29.20
C LYS D 279 -13.73 7.18 -29.03
N ILE D 280 -14.48 6.59 -28.10
CA ILE D 280 -15.83 7.05 -27.77
C ILE D 280 -15.78 8.35 -26.96
N PHE D 281 -15.97 9.48 -27.63
CA PHE D 281 -16.07 10.76 -26.92
C PHE D 281 -17.47 11.02 -26.34
N ILE D 282 -17.53 11.16 -25.01
CA ILE D 282 -18.79 11.43 -24.31
C ILE D 282 -18.71 12.75 -23.54
N PRO D 283 -19.00 13.90 -24.23
CA PRO D 283 -18.98 15.24 -23.62
C PRO D 283 -19.99 15.38 -22.47
N SER D 284 -19.64 16.17 -21.46
CA SER D 284 -20.47 16.29 -20.28
C SER D 284 -21.11 17.66 -20.21
N VAL D 285 -22.43 17.66 -20.18
CA VAL D 285 -23.23 18.89 -20.28
C VAL D 285 -24.02 19.12 -19.01
N GLY D 286 -23.95 20.35 -18.49
CA GLY D 286 -24.67 20.76 -17.29
C GLY D 286 -25.63 21.94 -17.44
N PRO D 287 -26.56 22.08 -16.47
CA PRO D 287 -27.41 23.28 -16.41
C PRO D 287 -26.71 24.45 -15.70
N GLY D 288 -25.62 24.16 -15.00
CA GLY D 288 -24.86 25.19 -14.28
C GLY D 288 -23.91 24.61 -13.25
N TYR D 289 -23.47 25.46 -12.31
CA TYR D 289 -22.58 25.09 -11.21
C TYR D 289 -22.58 26.10 -10.06
N ILE D 290 -22.66 25.59 -8.82
CA ILE D 290 -22.42 26.37 -7.58
C ILE D 290 -22.23 25.46 -6.34
N ASP D 291 -21.08 25.58 -5.69
CA ASP D 291 -20.68 24.67 -4.62
C ASP D 291 -20.15 25.41 -3.38
N THR D 292 -20.55 26.69 -3.25
CA THR D 292 -19.96 27.63 -2.29
C THR D 292 -20.41 27.43 -0.83
N ARG D 293 -21.54 26.75 -0.63
CA ARG D 293 -21.93 26.29 0.71
C ARG D 293 -20.84 25.39 1.26
N ILE D 294 -20.52 24.35 0.51
CA ILE D 294 -19.50 23.40 0.87
C ILE D 294 -18.08 23.95 0.65
N ARG D 295 -17.89 24.84 -0.34
CA ARG D 295 -16.55 25.39 -0.68
C ARG D 295 -16.50 26.93 -0.75
N PRO D 296 -16.71 27.57 0.39
CA PRO D 296 -16.99 29.02 0.50
C PRO D 296 -16.15 29.91 -0.41
N TRP D 297 -14.89 29.51 -0.60
CA TRP D 297 -13.85 30.28 -1.29
C TRP D 297 -13.83 30.09 -2.81
N ASN D 298 -14.71 29.22 -3.34
CA ASN D 298 -14.69 28.80 -4.75
C ASN D 298 -15.73 29.49 -5.67
N GLY D 299 -15.79 30.83 -5.61
CA GLY D 299 -16.81 31.62 -6.32
C GLY D 299 -16.60 31.87 -7.81
N SER D 300 -15.35 31.83 -8.27
CA SER D 300 -15.04 32.05 -9.68
C SER D 300 -15.42 30.84 -10.55
N VAL D 301 -15.99 29.82 -9.91
CA VAL D 301 -16.46 28.62 -10.57
C VAL D 301 -18.00 28.58 -10.71
N ILE D 302 -18.69 29.53 -10.06
CA ILE D 302 -20.14 29.67 -10.22
C ILE D 302 -20.50 30.07 -11.66
N ARG D 303 -21.54 29.43 -12.20
CA ARG D 303 -22.12 29.77 -13.51
C ARG D 303 -23.64 29.80 -13.35
N THR D 304 -24.22 30.99 -13.52
CA THR D 304 -25.66 31.19 -13.40
C THR D 304 -26.46 30.23 -14.29
N ARG D 305 -27.65 29.84 -13.83
CA ARG D 305 -28.59 29.05 -14.65
C ARG D 305 -29.20 29.86 -15.80
N THR D 306 -29.54 31.13 -15.52
CA THR D 306 -30.16 32.07 -16.49
C THR D 306 -31.53 31.59 -17.04
N ASP D 307 -32.44 31.23 -16.13
CA ASP D 307 -33.79 30.71 -16.46
C ASP D 307 -33.81 29.49 -17.41
N GLY D 308 -32.63 28.91 -17.66
CA GLY D 308 -32.48 27.73 -18.51
C GLY D 308 -31.44 27.89 -19.61
N GLN D 309 -30.98 29.13 -19.83
CA GLN D 309 -30.15 29.50 -21.00
C GLN D 309 -28.75 28.83 -21.07
N TYR D 310 -28.11 28.71 -19.91
CA TYR D 310 -26.81 28.03 -19.78
C TYR D 310 -26.89 26.55 -20.19
N TYR D 311 -27.94 25.85 -19.72
CA TYR D 311 -28.17 24.44 -20.05
C TYR D 311 -28.36 24.24 -21.54
N ASP D 312 -29.19 25.10 -22.15
CA ASP D 312 -29.44 25.10 -23.59
C ASP D 312 -28.18 25.36 -24.41
N ALA D 313 -27.32 26.26 -23.93
CA ALA D 313 -26.07 26.65 -24.59
C ALA D 313 -24.92 25.62 -24.52
N MET D 314 -24.92 24.76 -23.51
CA MET D 314 -23.94 23.67 -23.40
C MET D 314 -24.45 22.37 -24.09
N TYR D 315 -25.77 22.21 -24.15
CA TYR D 315 -26.39 21.07 -24.84
C TYR D 315 -26.45 21.25 -26.37
N ARG D 316 -26.58 22.49 -26.84
CA ARG D 316 -26.48 22.80 -28.26
C ARG D 316 -25.06 22.51 -28.80
N LYS D 317 -24.05 22.86 -28.01
CA LYS D 317 -22.62 22.70 -28.37
C LYS D 317 -22.17 21.25 -28.50
N ALA D 318 -22.70 20.40 -27.62
CA ALA D 318 -22.46 18.96 -27.70
C ALA D 318 -23.18 18.34 -28.90
N ILE D 319 -24.42 18.78 -29.15
CA ILE D 319 -25.18 18.33 -30.33
C ILE D 319 -24.48 18.78 -31.62
N GLU D 320 -24.00 20.03 -31.62
CA GLU D 320 -23.22 20.59 -32.74
C GLU D 320 -21.77 20.05 -32.87
N ALA D 321 -21.30 19.33 -31.85
CA ALA D 321 -20.00 18.62 -31.89
C ALA D 321 -20.10 17.28 -32.63
N GLY D 322 -21.33 16.77 -32.79
CA GLY D 322 -21.59 15.53 -33.51
C GLY D 322 -21.02 14.33 -32.81
N VAL D 323 -21.34 14.20 -31.52
CA VAL D 323 -20.77 13.13 -30.70
C VAL D 323 -21.73 11.93 -30.63
N SER D 324 -21.17 10.74 -30.51
CA SER D 324 -21.96 9.51 -30.46
C SER D 324 -22.77 9.40 -29.15
N ALA D 325 -22.36 10.17 -28.15
CA ALA D 325 -22.96 10.15 -26.80
C ALA D 325 -22.61 11.39 -25.99
N ILE D 326 -23.56 11.83 -25.16
CA ILE D 326 -23.31 12.90 -24.20
C ILE D 326 -23.58 12.36 -22.80
N SER D 327 -22.92 12.96 -21.82
CA SER D 327 -23.29 12.72 -20.42
C SER D 327 -23.94 13.96 -19.81
N ILE D 328 -24.63 13.75 -18.68
CA ILE D 328 -25.30 14.84 -17.96
C ILE D 328 -24.78 14.98 -16.53
N THR D 329 -24.18 16.14 -16.27
CA THR D 329 -23.72 16.51 -14.92
C THR D 329 -24.64 17.60 -14.40
N SER D 330 -25.66 17.25 -13.61
CA SER D 330 -25.90 15.92 -13.09
C SER D 330 -27.39 15.76 -12.76
N PHE D 331 -27.76 14.53 -12.38
CA PHE D 331 -29.07 14.25 -11.79
C PHE D 331 -29.26 14.98 -10.48
N ASN D 332 -28.38 14.70 -9.51
CA ASN D 332 -28.56 15.12 -8.10
C ASN D 332 -27.29 15.38 -7.25
N GLU D 333 -26.25 15.96 -7.85
CA GLU D 333 -25.10 16.42 -7.07
C GLU D 333 -25.44 17.82 -6.50
N TRP D 334 -26.30 17.84 -5.47
CA TRP D 334 -26.75 19.07 -4.82
C TRP D 334 -25.59 19.91 -4.27
N HIS D 335 -24.61 19.22 -3.72
CA HIS D 335 -23.42 19.88 -3.19
C HIS D 335 -22.73 20.78 -4.24
N GLU D 336 -22.79 20.37 -5.50
CA GLU D 336 -22.06 21.09 -6.55
C GLU D 336 -22.98 21.92 -7.46
N GLY D 337 -24.27 21.87 -7.14
CA GLY D 337 -25.32 22.72 -7.73
C GLY D 337 -25.48 22.53 -9.22
N SER D 338 -25.33 21.29 -9.66
CA SER D 338 -25.48 20.91 -11.06
C SER D 338 -26.66 19.95 -11.26
N GLN D 339 -27.50 19.82 -10.23
CA GLN D 339 -28.64 18.90 -10.23
C GLN D 339 -29.72 19.18 -11.29
N ILE D 340 -30.13 18.14 -12.02
CA ILE D 340 -31.28 18.20 -12.94
C ILE D 340 -32.55 17.89 -12.15
N GLU D 341 -32.35 17.30 -10.97
CA GLU D 341 -33.43 16.93 -10.07
C GLU D 341 -34.19 18.16 -9.62
N PRO D 342 -35.52 18.03 -9.50
CA PRO D 342 -36.48 19.02 -9.01
C PRO D 342 -36.07 19.78 -7.76
N ALA D 343 -36.09 21.10 -7.85
CA ALA D 343 -35.69 21.98 -6.75
C ALA D 343 -36.75 23.05 -6.48
N VAL D 344 -37.03 23.27 -5.19
CA VAL D 344 -38.01 24.27 -4.71
C VAL D 344 -37.34 25.47 -4.00
N PRO D 345 -37.86 26.69 -4.21
CA PRO D 345 -37.39 27.89 -3.49
C PRO D 345 -37.50 27.75 -1.97
N TYR D 346 -36.58 28.38 -1.24
CA TYR D 346 -36.57 28.33 0.24
C TYR D 346 -35.60 29.31 0.91
N THR D 347 -36.10 30.05 1.90
CA THR D 347 -35.22 30.73 2.87
C THR D 347 -35.62 30.25 4.27
N SER D 348 -34.62 29.92 5.10
CA SER D 348 -34.86 29.18 6.34
C SER D 348 -35.05 30.06 7.58
N GLU D 350 -32.55 31.04 8.50
CA GLU D 350 -31.34 30.24 8.64
C GLU D 350 -30.46 30.25 7.38
N PHE D 351 -31.04 29.92 6.21
CA PHE D 351 -30.38 30.17 4.92
C PHE D 351 -31.36 30.56 3.81
N THR D 352 -30.87 31.39 2.88
CA THR D 352 -31.63 31.80 1.70
C THR D 352 -31.21 30.97 0.48
N TYR D 353 -32.00 29.95 0.16
CA TYR D 353 -31.65 28.99 -0.90
C TYR D 353 -31.99 29.47 -2.29
N LEU D 354 -31.04 29.28 -3.21
CA LEU D 354 -31.28 29.49 -4.64
C LEU D 354 -32.37 28.52 -5.13
N ASP D 355 -32.93 28.86 -6.28
CA ASP D 355 -34.03 28.15 -6.89
C ASP D 355 -33.97 28.30 -8.42
N TYR D 356 -34.87 27.61 -9.10
CA TYR D 356 -34.93 27.62 -10.55
C TYR D 356 -35.41 28.96 -11.08
N GLU D 357 -35.91 29.81 -10.20
CA GLU D 357 -36.21 31.13 -10.62
C GLU D 357 -37.45 31.20 -11.50
N ASN D 358 -37.28 31.66 -12.71
CA ASN D 358 -38.41 31.76 -13.62
C ASN D 358 -39.01 30.40 -13.95
N ARG D 359 -38.15 29.42 -14.17
CA ARG D 359 -38.59 28.08 -14.52
C ARG D 359 -39.23 27.30 -13.38
N GLU D 360 -40.06 26.32 -13.72
CA GLU D 360 -40.70 25.41 -12.77
C GLU D 360 -39.68 24.40 -12.19
N PRO D 361 -40.04 23.69 -11.14
CA PRO D 361 -39.10 22.78 -10.44
C PRO D 361 -38.69 21.62 -11.33
N ASP D 362 -39.66 20.78 -11.70
CA ASP D 362 -39.47 19.71 -12.68
C ASP D 362 -39.47 20.29 -14.09
N TYR D 363 -38.43 21.06 -14.40
CA TYR D 363 -38.28 21.76 -15.69
C TYR D 363 -37.02 21.40 -16.48
N TYR D 364 -35.88 21.25 -15.78
CA TYR D 364 -34.64 20.75 -16.40
C TYR D 364 -34.72 19.26 -16.76
N LEU D 365 -35.76 18.58 -16.29
CA LEU D 365 -36.09 17.21 -16.70
C LEU D 365 -36.85 17.25 -18.03
N THR D 366 -37.84 18.13 -18.10
CA THR D 366 -38.63 18.36 -19.30
C THR D 366 -37.77 18.94 -20.46
N ARG D 367 -36.92 19.92 -20.15
CA ARG D 367 -35.97 20.50 -21.12
C ARG D 367 -34.81 19.57 -21.55
N THR D 368 -34.33 18.73 -20.62
CA THR D 368 -33.40 17.64 -20.93
C THR D 368 -34.02 16.76 -22.02
N ALA D 369 -35.32 16.48 -21.85
CA ALA D 369 -36.14 15.69 -22.77
C ALA D 369 -36.24 16.38 -24.11
N TYR D 370 -36.31 17.72 -24.07
CA TYR D 370 -36.20 18.58 -25.27
C TYR D 370 -34.88 18.34 -26.04
N TRP D 371 -33.76 18.29 -25.32
CA TRP D 371 -32.44 18.12 -25.93
C TRP D 371 -32.13 16.69 -26.39
N VAL D 372 -32.55 15.71 -25.59
CA VAL D 372 -32.43 14.28 -25.92
C VAL D 372 -33.08 13.97 -27.28
N GLY D 373 -34.30 14.48 -27.49
CA GLY D 373 -34.99 14.39 -28.78
C GLY D 373 -34.20 15.03 -29.91
N LYS D 374 -33.72 16.25 -29.67
CA LYS D 374 -32.85 16.98 -30.62
C LYS D 374 -31.61 16.17 -31.01
N PHE D 375 -30.99 15.51 -30.04
CA PHE D 375 -29.85 14.61 -30.27
C PHE D 375 -30.22 13.42 -31.17
N ARG D 376 -31.35 12.77 -30.86
CA ARG D 376 -31.83 11.62 -31.62
C ARG D 376 -32.40 12.01 -33.00
N GLU D 377 -32.85 13.25 -33.12
CA GLU D 377 -33.28 13.82 -34.40
C GLU D 377 -32.05 14.14 -35.26
N SER D 378 -30.95 14.52 -34.61
CA SER D 378 -29.69 14.84 -35.29
C SER D 378 -28.82 13.61 -35.60
N LYS D 379 -29.00 12.53 -34.83
CA LYS D 379 -28.25 11.29 -35.05
C LYS D 379 -29.13 10.23 -35.72
C1 GLC E . -12.27 -41.17 10.86
C2 GLC E . -13.60 -40.70 11.46
C3 GLC E . -14.32 -41.90 12.03
C4 GLC E . -14.53 -42.94 10.92
C5 GLC E . -13.19 -43.37 10.34
C6 GLC E . -13.33 -44.33 9.15
O2 GLC E . -13.37 -39.72 12.44
O3 GLC E . -15.54 -41.46 12.58
O4 GLC E . -15.11 -44.08 11.51
O5 GLC E . -12.48 -42.21 9.91
O6 GLC E . -12.03 -44.75 8.71
O4 IFM F . -9.29 -40.45 13.48
C4 IFM F . -9.09 -41.67 12.71
C3 IFM F . -10.00 -41.62 11.46
O3 IFM F . -11.35 -41.59 11.88
C2 IFM F . -9.81 -42.87 10.57
N IFM F . -8.41 -43.03 10.22
C1 IFM F . -7.48 -43.07 11.33
C5 IFM F . -7.64 -41.86 12.27
C6 IFM F . -6.66 -41.98 13.44
O6 IFM F . -6.90 -43.16 14.23
C1 GLC G . -2.27 4.72 23.31
C2 GLC G . -3.36 3.78 23.83
C3 GLC G . -3.94 3.00 22.66
C4 GLC G . -4.53 3.98 21.65
C5 GLC G . -3.42 4.93 21.21
C6 GLC G . -3.94 5.97 20.20
O2 GLC G . -2.82 2.82 24.70
O3 GLC G . -4.93 2.10 23.11
O4 GLC G . -5.03 3.22 20.57
O5 GLC G . -2.82 5.59 22.34
O6 GLC G . -2.85 6.67 19.64
O4 IFM H . 1.30 3.01 23.80
C4 IFM H . 1.25 3.77 22.59
C3 IFM H . 0.09 4.76 22.66
O3 IFM H . -1.14 4.00 22.79
C2 IFM H . 0.06 5.67 21.41
N IFM H . 1.37 6.29 21.31
C1 IFM H . 2.49 5.36 21.11
C5 IFM H . 2.57 4.52 22.39
C6 IFM H . 3.78 3.57 22.36
O6 IFM H . 3.71 2.78 21.17
C1 GLC I . 25.23 39.30 -19.33
C2 GLC I . 26.42 39.73 -20.18
C3 GLC I . 27.38 38.56 -20.33
C4 GLC I . 27.86 38.09 -18.96
C5 GLC I . 26.61 37.72 -18.15
C6 GLC I . 26.92 37.33 -16.72
O2 GLC I . 25.98 40.12 -21.46
O3 GLC I . 28.48 38.95 -21.12
O4 GLC I . 28.72 36.98 -19.11
O5 GLC I . 25.75 38.84 -18.09
O6 GLC I . 25.76 36.74 -16.12
O4 IFM J . 22.14 38.46 -21.80
C4 IFM J . 22.19 37.60 -20.64
C3 IFM J . 23.09 38.27 -19.59
O3 IFM J . 24.42 38.38 -20.10
C2 IFM J . 23.09 37.50 -18.23
N IFM J . 21.71 37.23 -17.87
C1 IFM J . 20.90 36.50 -18.83
C5 IFM J . 20.79 37.32 -20.11
C6 IFM J . 19.87 36.61 -21.09
O6 IFM J . 20.41 35.32 -21.45
C1 GLC K . -16.35 14.93 -3.79
C2 GLC K . -15.91 14.32 -2.48
C3 GLC K . -17.14 13.86 -1.71
C4 GLC K . -18.06 15.05 -1.50
C5 GLC K . -18.40 15.65 -2.85
C6 GLC K . -19.27 16.88 -2.68
O2 GLC K . -15.02 13.26 -2.73
O3 GLC K . -16.77 13.35 -0.46
O4 GLC K . -19.23 14.61 -0.88
O5 GLC K . -17.22 16.03 -3.53
O6 GLC K . -18.97 17.71 -3.77
O4 IFM L . -15.66 12.37 -6.97
C4 IFM L . -16.75 13.28 -7.14
C3 IFM L . -16.47 14.52 -6.30
O3 IFM L . -16.16 14.12 -4.97
C2 IFM L . -17.67 15.47 -6.35
N IFM L . -18.03 15.78 -7.72
C1 IFM L . -18.15 14.69 -8.69
C5 IFM L . -16.96 13.71 -8.60
C6 IFM L . -17.19 12.54 -9.55
O6 IFM L . -18.56 12.10 -9.40
#